data_2VSL
# 
_entry.id   2VSL 
# 
_audit_conform.dict_name       mmcif_pdbx.dic 
_audit_conform.dict_version    5.398 
_audit_conform.dict_location   http://mmcif.pdb.org/dictionaries/ascii/mmcif_pdbx.dic 
# 
loop_
_database_2.database_id 
_database_2.database_code 
_database_2.pdbx_database_accession 
_database_2.pdbx_DOI 
PDB   2VSL         pdb_00002vsl 10.2210/pdb2vsl/pdb 
PDBE  EBI-35878    ?            ?                   
WWPDB D_1290035878 ?            ?                   
# 
loop_
_pdbx_audit_revision_history.ordinal 
_pdbx_audit_revision_history.data_content_type 
_pdbx_audit_revision_history.major_revision 
_pdbx_audit_revision_history.minor_revision 
_pdbx_audit_revision_history.revision_date 
1 'Structure model' 1 0 2008-09-02 
2 'Structure model' 1 1 2016-12-28 
3 'Structure model' 1 2 2024-05-01 
4 'Structure model' 1 3 2024-11-13 
# 
_pdbx_audit_revision_details.ordinal             1 
_pdbx_audit_revision_details.revision_ordinal    1 
_pdbx_audit_revision_details.data_content_type   'Structure model' 
_pdbx_audit_revision_details.provider            repository 
_pdbx_audit_revision_details.type                'Initial release' 
_pdbx_audit_revision_details.description         ? 
_pdbx_audit_revision_details.details             ? 
# 
loop_
_pdbx_audit_revision_group.ordinal 
_pdbx_audit_revision_group.revision_ordinal 
_pdbx_audit_revision_group.data_content_type 
_pdbx_audit_revision_group.group 
1  2 'Structure model' 'Derived calculations'      
2  2 'Structure model' 'Non-polymer description'   
3  2 'Structure model' Other                       
4  2 'Structure model' 'Source and taxonomy'       
5  2 'Structure model' 'Version format compliance' 
6  3 'Structure model' 'Data collection'           
7  3 'Structure model' 'Database references'       
8  3 'Structure model' 'Derived calculations'      
9  3 'Structure model' Other                       
10 3 'Structure model' 'Refinement description'    
11 4 'Structure model' 'Structure summary'         
# 
loop_
_pdbx_audit_revision_category.ordinal 
_pdbx_audit_revision_category.revision_ordinal 
_pdbx_audit_revision_category.data_content_type 
_pdbx_audit_revision_category.category 
1  3 'Structure model' chem_comp_atom                
2  3 'Structure model' chem_comp_bond                
3  3 'Structure model' database_2                    
4  3 'Structure model' pdbx_database_status          
5  3 'Structure model' pdbx_initial_refinement_model 
6  3 'Structure model' pdbx_struct_conn_angle        
7  3 'Structure model' struct_conn                   
8  3 'Structure model' struct_conn_type              
9  3 'Structure model' struct_site                   
10 4 'Structure model' pdbx_entry_details            
11 4 'Structure model' pdbx_modification_feature     
# 
loop_
_pdbx_audit_revision_item.ordinal 
_pdbx_audit_revision_item.revision_ordinal 
_pdbx_audit_revision_item.data_content_type 
_pdbx_audit_revision_item.item 
1  3 'Structure model' '_database_2.pdbx_DOI'                        
2  3 'Structure model' '_database_2.pdbx_database_accession'         
3  3 'Structure model' '_pdbx_database_status.status_code_sf'        
4  3 'Structure model' '_pdbx_struct_conn_angle.ptnr1_auth_comp_id'  
5  3 'Structure model' '_pdbx_struct_conn_angle.ptnr1_auth_seq_id'   
6  3 'Structure model' '_pdbx_struct_conn_angle.ptnr1_label_atom_id' 
7  3 'Structure model' '_pdbx_struct_conn_angle.ptnr1_label_comp_id' 
8  3 'Structure model' '_pdbx_struct_conn_angle.ptnr1_label_seq_id'  
9  3 'Structure model' '_pdbx_struct_conn_angle.ptnr3_auth_comp_id'  
10 3 'Structure model' '_pdbx_struct_conn_angle.ptnr3_auth_seq_id'   
11 3 'Structure model' '_pdbx_struct_conn_angle.ptnr3_label_atom_id' 
12 3 'Structure model' '_pdbx_struct_conn_angle.ptnr3_label_comp_id' 
13 3 'Structure model' '_pdbx_struct_conn_angle.ptnr3_label_seq_id'  
14 3 'Structure model' '_pdbx_struct_conn_angle.value'               
15 3 'Structure model' '_struct_conn.conn_type_id'                   
16 3 'Structure model' '_struct_conn.id'                             
17 3 'Structure model' '_struct_conn.pdbx_dist_value'                
18 3 'Structure model' '_struct_conn.pdbx_leaving_atom_flag'         
19 3 'Structure model' '_struct_conn.ptnr1_auth_asym_id'             
20 3 'Structure model' '_struct_conn.ptnr1_auth_comp_id'             
21 3 'Structure model' '_struct_conn.ptnr1_auth_seq_id'              
22 3 'Structure model' '_struct_conn.ptnr1_label_asym_id'            
23 3 'Structure model' '_struct_conn.ptnr1_label_atom_id'            
24 3 'Structure model' '_struct_conn.ptnr1_label_comp_id'            
25 3 'Structure model' '_struct_conn.ptnr1_label_seq_id'             
26 3 'Structure model' '_struct_conn.ptnr2_auth_asym_id'             
27 3 'Structure model' '_struct_conn.ptnr2_auth_comp_id'             
28 3 'Structure model' '_struct_conn.ptnr2_auth_seq_id'              
29 3 'Structure model' '_struct_conn.ptnr2_label_asym_id'            
30 3 'Structure model' '_struct_conn.ptnr2_label_atom_id'            
31 3 'Structure model' '_struct_conn.ptnr2_label_comp_id'            
32 3 'Structure model' '_struct_conn.ptnr2_label_seq_id'             
33 3 'Structure model' '_struct_conn_type.id'                        
34 3 'Structure model' '_struct_site.pdbx_auth_asym_id'              
35 3 'Structure model' '_struct_site.pdbx_auth_comp_id'              
36 3 'Structure model' '_struct_site.pdbx_auth_seq_id'               
# 
_pdbx_database_status.status_code                     REL 
_pdbx_database_status.entry_id                        2VSL 
_pdbx_database_status.deposit_site                    PDBE 
_pdbx_database_status.process_site                    PDBE 
_pdbx_database_status.SG_entry                        . 
_pdbx_database_status.recvd_initial_deposition_date   2008-04-24 
_pdbx_database_status.pdb_format_compatible           Y 
_pdbx_database_status.status_code_sf                  REL 
_pdbx_database_status.status_code_mr                  ? 
_pdbx_database_status.status_code_cs                  ? 
_pdbx_database_status.methods_development_category    ? 
_pdbx_database_status.status_code_nmr_data            ? 
# 
loop_
_pdbx_database_related.db_name 
_pdbx_database_related.db_id 
_pdbx_database_related.content_type 
_pdbx_database_related.details 
PDB 1F9X unspecified 'AVERAGE NMR SOLUTION STRUCTURE OF THE BIR- 3 DOMAIN OF XIAP'                                           
PDB 1KMC unspecified 'CRYSTAL STRUCTURE OF THE CASPASE-7 / XIAP- BIR2 COMPLEX'                                               
PDB 1G73 unspecified 'CRYSTAL STRUCTURE OF SMAC BOUND TO XIAP- BIR3 DOMAIN'                                                  
PDB 1I4O unspecified 'CRYSTAL STRUCTURE OF THE XIAP/CASPASE-7 COMPLEX'                                                       
PDB 2JK7 unspecified 'XIAP BIR3 BOUND TO A SMAC MIMETIC'                                                                     
PDB 1TFQ unspecified 'NMR STRUCTURE OF AN ANTAGONISTS OF THE XIAP-CASPASE-9INTERACTION COMPLEXED TO THE BIR3 DOMAIN OF XIAP' 
PDB 1TFT unspecified 'NMR STRUCTURE OF AN ANTAGONISTS OF THE XIAP-CASPASE-9INTERACTION COMPLEXED TO THE BIR3 DOMAIN OF XIAP' 
PDB 1C9Q unspecified 'AVERAGE NMR SOLUTION STRUCTURE OF THE BIR- 2 DOMAIN OF XIAP'                                           
PDB 1NW9 unspecified 'STRUCTURE OF CASPASE-9 IN AN INHIBITORY COMPLEX WITH XIAP-BIR3'                                        
PDB 1I3O unspecified 'CRYSTAL STRUCTURE OF THE COMPLEX OF XIAP- BIR2 AND CASPASE 3'                                          
PDB 1G3F unspecified 'NMR STRUCTURE OF A 9 RESIDUE PEPTIDE FROM SMAC/DIABLOCOMPLEXED TO THE BIR3 DOMAIN OF XIAP'             
PDB 1I51 unspecified 'CRYSTAL STRUCTURE OF CASPASE-7 COMPLEXED WITH XIAP'                                                    
# 
loop_
_audit_author.name 
_audit_author.pdbx_ordinal 
'Meagher, J.L.' 1 
'Stuckey, J.A.' 2 
# 
_citation.id                        primary 
_citation.title                     
'Interaction of a Cyclic, Bivalent Smac Mimetic with the X-Linked Inhibitor of Apoptosis Protein.' 
_citation.journal_abbrev            Biochemistry 
_citation.journal_volume            47 
_citation.page_first                9811 
_citation.page_last                 ? 
_citation.year                      2008 
_citation.journal_id_ASTM           BICHAW 
_citation.country                   US 
_citation.journal_id_ISSN           0006-2960 
_citation.journal_id_CSD            0033 
_citation.book_publisher            ? 
_citation.pdbx_database_id_PubMed   18717598 
_citation.pdbx_database_id_DOI      10.1021/BI800785Y 
# 
loop_
_citation_author.citation_id 
_citation_author.name 
_citation_author.ordinal 
_citation_author.identifier_ORCID 
primary 'Nikolovska-Coleska, Z.' 1 ? 
primary 'Meagher, J.L.'          2 ? 
primary 'Jiang, S.'              3 ? 
primary 'Yang, C.Y.'             4 ? 
primary 'Qiu, S.'                5 ? 
primary 'Roller, P.P.'           6 ? 
primary 'Stuckey, J.A.'          7 ? 
primary 'Wang, S.'               8 ? 
# 
loop_
_entity.id 
_entity.type 
_entity.src_method 
_entity.pdbx_description 
_entity.formula_weight 
_entity.pdbx_number_of_molecules 
_entity.pdbx_ec 
_entity.pdbx_mutation 
_entity.pdbx_fragment 
_entity.details 
1 polymer     man 'BACULOVIRAL IAP REPEAT-CONTAINING PROTEIN 4' 11089.397 1  6.3.2.- ? 'BIR3 DOMAIN, RESIDUES 250-345' ? 
2 polymer     syn 'PEPTIDE (MAA-LYS-PRO-PHE)'                   476.588   1  ?       ? ?                               ? 
3 non-polymer syn 'POLYETHYLENE GLYCOL (N=34)'                  1529.829  1  ?       ? ?                               ? 
4 non-polymer syn 'ZINC ION'                                    65.409    1  ?       ? ?                               ? 
5 water       nat water                                         18.015    60 ?       ? ?                               ? 
# 
_entity_name_com.entity_id   1 
_entity_name_com.name        
;XIAP, E3 UBIQUITIN-PROTEIN LIGASE XIAP, INHIBITOR OF APOPTOSIS PROTEIN 3, X- LINKED INHIBITOR OF APOPTOSIS PROTEIN, X-LINKED IAP, IAP-LIKE PROTEIN, HILP
;
# 
loop_
_entity_poly.entity_id 
_entity_poly.type 
_entity_poly.nstd_linkage 
_entity_poly.nstd_monomer 
_entity_poly.pdbx_seq_one_letter_code 
_entity_poly.pdbx_seq_one_letter_code_can 
_entity_poly.pdbx_strand_id 
_entity_poly.pdbx_target_identifier 
1 'polypeptide(L)' no no  
;FPNSTNLPRNPSMADYEARIFTFGTWIYSVNKEQLARAGFYALGEGDKVKCFHCGGGLTDWKPSEDPWEQHAKWYPGCKY
LLEQKGQEYINNIHLT
;
;FPNSTNLPRNPSMADYEARIFTFGTWIYSVNKEQLARAGFYALGEGDKVKCFHCGGGLTDWKPSEDPWEQHAKWYPGCKY
LLEQKGQEYINNIHLT
;
A ? 
2 'polypeptide(L)' no yes '(MAA)KPF'                                                                                          AKPF 
B ? 
# 
loop_
_pdbx_entity_nonpoly.entity_id 
_pdbx_entity_nonpoly.name 
_pdbx_entity_nonpoly.comp_id 
3 'POLYETHYLENE GLYCOL (N=34)' 15P 
4 'ZINC ION'                   ZN  
5 water                        HOH 
# 
loop_
_entity_poly_seq.entity_id 
_entity_poly_seq.num 
_entity_poly_seq.mon_id 
_entity_poly_seq.hetero 
1 1  PHE n 
1 2  PRO n 
1 3  ASN n 
1 4  SER n 
1 5  THR n 
1 6  ASN n 
1 7  LEU n 
1 8  PRO n 
1 9  ARG n 
1 10 ASN n 
1 11 PRO n 
1 12 SER n 
1 13 MET n 
1 14 ALA n 
1 15 ASP n 
1 16 TYR n 
1 17 GLU n 
1 18 ALA n 
1 19 ARG n 
1 20 ILE n 
1 21 PHE n 
1 22 THR n 
1 23 PHE n 
1 24 GLY n 
1 25 THR n 
1 26 TRP n 
1 27 ILE n 
1 28 TYR n 
1 29 SER n 
1 30 VAL n 
1 31 ASN n 
1 32 LYS n 
1 33 GLU n 
1 34 GLN n 
1 35 LEU n 
1 36 ALA n 
1 37 ARG n 
1 38 ALA n 
1 39 GLY n 
1 40 PHE n 
1 41 TYR n 
1 42 ALA n 
1 43 LEU n 
1 44 GLY n 
1 45 GLU n 
1 46 GLY n 
1 47 ASP n 
1 48 LYS n 
1 49 VAL n 
1 50 LYS n 
1 51 CYS n 
1 52 PHE n 
1 53 HIS n 
1 54 CYS n 
1 55 GLY n 
1 56 GLY n 
1 57 GLY n 
1 58 LEU n 
1 59 THR n 
1 60 ASP n 
1 61 TRP n 
1 62 LYS n 
1 63 PRO n 
1 64 SER n 
1 65 GLU n 
1 66 ASP n 
1 67 PRO n 
1 68 TRP n 
1 69 GLU n 
1 70 GLN n 
1 71 HIS n 
1 72 ALA n 
1 73 LYS n 
1 74 TRP n 
1 75 TYR n 
1 76 PRO n 
1 77 GLY n 
1 78 CYS n 
1 79 LYS n 
1 80 TYR n 
1 81 LEU n 
1 82 LEU n 
1 83 GLU n 
1 84 GLN n 
1 85 LYS n 
1 86 GLY n 
1 87 GLN n 
1 88 GLU n 
1 89 TYR n 
1 90 ILE n 
1 91 ASN n 
1 92 ASN n 
1 93 ILE n 
1 94 HIS n 
1 95 LEU n 
1 96 THR n 
2 1  MAA n 
2 2  LYS n 
2 3  PRO n 
2 4  PHE n 
# 
_entity_src_gen.entity_id                          1 
_entity_src_gen.pdbx_src_id                        1 
_entity_src_gen.pdbx_alt_source_flag               sample 
_entity_src_gen.pdbx_seq_type                      ? 
_entity_src_gen.pdbx_beg_seq_num                   ? 
_entity_src_gen.pdbx_end_seq_num                   ? 
_entity_src_gen.gene_src_common_name               HUMAN 
_entity_src_gen.gene_src_genus                     ? 
_entity_src_gen.pdbx_gene_src_gene                 ? 
_entity_src_gen.gene_src_species                   ? 
_entity_src_gen.gene_src_strain                    ? 
_entity_src_gen.gene_src_tissue                    ? 
_entity_src_gen.gene_src_tissue_fraction           ? 
_entity_src_gen.gene_src_details                   ? 
_entity_src_gen.pdbx_gene_src_fragment             ? 
_entity_src_gen.pdbx_gene_src_scientific_name      'HOMO SAPIENS' 
_entity_src_gen.pdbx_gene_src_ncbi_taxonomy_id     9606 
_entity_src_gen.pdbx_gene_src_variant              ? 
_entity_src_gen.pdbx_gene_src_cell_line            ? 
_entity_src_gen.pdbx_gene_src_atcc                 ? 
_entity_src_gen.pdbx_gene_src_organ                ? 
_entity_src_gen.pdbx_gene_src_organelle            ? 
_entity_src_gen.pdbx_gene_src_cell                 ? 
_entity_src_gen.pdbx_gene_src_cellular_location    ? 
_entity_src_gen.host_org_common_name               ? 
_entity_src_gen.pdbx_host_org_scientific_name      'ESCHERICHIA COLI' 
_entity_src_gen.pdbx_host_org_ncbi_taxonomy_id     469008 
_entity_src_gen.host_org_genus                     ? 
_entity_src_gen.pdbx_host_org_gene                 ? 
_entity_src_gen.pdbx_host_org_organ                ? 
_entity_src_gen.host_org_species                   ? 
_entity_src_gen.pdbx_host_org_tissue               ? 
_entity_src_gen.pdbx_host_org_tissue_fraction      ? 
_entity_src_gen.pdbx_host_org_strain               'BL21(DE3)' 
_entity_src_gen.pdbx_host_org_variant              ? 
_entity_src_gen.pdbx_host_org_cell_line            ? 
_entity_src_gen.pdbx_host_org_atcc                 ? 
_entity_src_gen.pdbx_host_org_culture_collection   ? 
_entity_src_gen.pdbx_host_org_cell                 ? 
_entity_src_gen.pdbx_host_org_organelle            ? 
_entity_src_gen.pdbx_host_org_cellular_location    ? 
_entity_src_gen.pdbx_host_org_vector_type          ? 
_entity_src_gen.pdbx_host_org_vector               PET28 
_entity_src_gen.host_org_details                   ? 
_entity_src_gen.expression_system_id               ? 
_entity_src_gen.plasmid_name                       ? 
_entity_src_gen.plasmid_details                    ? 
_entity_src_gen.pdbx_description                   ? 
# 
_pdbx_entity_src_syn.entity_id              2 
_pdbx_entity_src_syn.pdbx_src_id            1 
_pdbx_entity_src_syn.pdbx_alt_source_flag   sample 
_pdbx_entity_src_syn.pdbx_beg_seq_num       ? 
_pdbx_entity_src_syn.pdbx_end_seq_num       ? 
_pdbx_entity_src_syn.organism_scientific    'SYNTHETIC CONSTRUCT' 
_pdbx_entity_src_syn.organism_common_name   ? 
_pdbx_entity_src_syn.ncbi_taxonomy_id       32630 
_pdbx_entity_src_syn.details                ? 
# 
loop_
_chem_comp.id 
_chem_comp.type 
_chem_comp.mon_nstd_flag 
_chem_comp.name 
_chem_comp.pdbx_synonyms 
_chem_comp.formula 
_chem_comp.formula_weight 
15P non-polymer         . 'POLYETHYLENE GLYCOL (N=34)' 'PEG 1500' 'C69 H140 O35'   1529.829 
ALA 'L-peptide linking' y ALANINE                      ?          'C3 H7 N O2'     89.093   
ARG 'L-peptide linking' y ARGININE                     ?          'C6 H15 N4 O2 1' 175.209  
ASN 'L-peptide linking' y ASPARAGINE                   ?          'C4 H8 N2 O3'    132.118  
ASP 'L-peptide linking' y 'ASPARTIC ACID'              ?          'C4 H7 N O4'     133.103  
CYS 'L-peptide linking' y CYSTEINE                     ?          'C3 H7 N O2 S'   121.158  
GLN 'L-peptide linking' y GLUTAMINE                    ?          'C5 H10 N2 O3'   146.144  
GLU 'L-peptide linking' y 'GLUTAMIC ACID'              ?          'C5 H9 N O4'     147.129  
GLY 'peptide linking'   y GLYCINE                      ?          'C2 H5 N O2'     75.067   
HIS 'L-peptide linking' y HISTIDINE                    ?          'C6 H10 N3 O2 1' 156.162  
HOH non-polymer         . WATER                        ?          'H2 O'           18.015   
ILE 'L-peptide linking' y ISOLEUCINE                   ?          'C6 H13 N O2'    131.173  
LEU 'L-peptide linking' y LEUCINE                      ?          'C6 H13 N O2'    131.173  
LYS 'L-peptide linking' y LYSINE                       ?          'C6 H15 N2 O2 1' 147.195  
MAA 'L-peptide linking' n N-methyl-L-alanine           ?          'C4 H9 N O2'     103.120  
MET 'L-peptide linking' y METHIONINE                   ?          'C5 H11 N O2 S'  149.211  
PHE 'L-peptide linking' y PHENYLALANINE                ?          'C9 H11 N O2'    165.189  
PRO 'L-peptide linking' y PROLINE                      ?          'C5 H9 N O2'     115.130  
SER 'L-peptide linking' y SERINE                       ?          'C3 H7 N O3'     105.093  
THR 'L-peptide linking' y THREONINE                    ?          'C4 H9 N O3'     119.119  
TRP 'L-peptide linking' y TRYPTOPHAN                   ?          'C11 H12 N2 O2'  204.225  
TYR 'L-peptide linking' y TYROSINE                     ?          'C9 H11 N O3'    181.189  
VAL 'L-peptide linking' y VALINE                       ?          'C5 H11 N O2'    117.146  
ZN  non-polymer         . 'ZINC ION'                   ?          'Zn 2'           65.409   
# 
loop_
_pdbx_poly_seq_scheme.asym_id 
_pdbx_poly_seq_scheme.entity_id 
_pdbx_poly_seq_scheme.seq_id 
_pdbx_poly_seq_scheme.mon_id 
_pdbx_poly_seq_scheme.ndb_seq_num 
_pdbx_poly_seq_scheme.pdb_seq_num 
_pdbx_poly_seq_scheme.auth_seq_num 
_pdbx_poly_seq_scheme.pdb_mon_id 
_pdbx_poly_seq_scheme.auth_mon_id 
_pdbx_poly_seq_scheme.pdb_strand_id 
_pdbx_poly_seq_scheme.pdb_ins_code 
_pdbx_poly_seq_scheme.hetero 
A 1 1  PHE 1  250 250 PHE PHE A . n 
A 1 2  PRO 2  251 251 PRO PRO A . n 
A 1 3  ASN 3  252 252 ASN ASN A . n 
A 1 4  SER 4  253 253 SER SER A . n 
A 1 5  THR 5  254 254 THR THR A . n 
A 1 6  ASN 6  255 255 ASN ASN A . n 
A 1 7  LEU 7  256 256 LEU LEU A . n 
A 1 8  PRO 8  257 257 PRO PRO A . n 
A 1 9  ARG 9  258 258 ARG ARG A . n 
A 1 10 ASN 10 259 259 ASN ASN A . n 
A 1 11 PRO 11 260 260 PRO PRO A . n 
A 1 12 SER 12 261 261 SER SER A . n 
A 1 13 MET 13 262 262 MET MET A . n 
A 1 14 ALA 14 263 263 ALA ALA A . n 
A 1 15 ASP 15 264 264 ASP ASP A . n 
A 1 16 TYR 16 265 265 TYR TYR A . n 
A 1 17 GLU 17 266 266 GLU GLU A . n 
A 1 18 ALA 18 267 267 ALA ALA A . n 
A 1 19 ARG 19 268 268 ARG ARG A . n 
A 1 20 ILE 20 269 269 ILE ILE A . n 
A 1 21 PHE 21 270 270 PHE PHE A . n 
A 1 22 THR 22 271 271 THR THR A . n 
A 1 23 PHE 23 272 272 PHE PHE A . n 
A 1 24 GLY 24 273 273 GLY GLY A . n 
A 1 25 THR 25 274 274 THR THR A . n 
A 1 26 TRP 26 275 275 TRP TRP A . n 
A 1 27 ILE 27 276 276 ILE ILE A . n 
A 1 28 TYR 28 277 277 TYR TYR A . n 
A 1 29 SER 29 278 278 SER SER A . n 
A 1 30 VAL 30 279 279 VAL VAL A . n 
A 1 31 ASN 31 280 280 ASN ASN A . n 
A 1 32 LYS 32 281 281 LYS LYS A . n 
A 1 33 GLU 33 282 282 GLU GLU A . n 
A 1 34 GLN 34 283 283 GLN GLN A . n 
A 1 35 LEU 35 284 284 LEU LEU A . n 
A 1 36 ALA 36 285 285 ALA ALA A . n 
A 1 37 ARG 37 286 286 ARG ARG A . n 
A 1 38 ALA 38 287 287 ALA ALA A . n 
A 1 39 GLY 39 288 288 GLY GLY A . n 
A 1 40 PHE 40 289 289 PHE PHE A . n 
A 1 41 TYR 41 290 290 TYR TYR A . n 
A 1 42 ALA 42 291 291 ALA ALA A . n 
A 1 43 LEU 43 292 292 LEU LEU A . n 
A 1 44 GLY 44 293 293 GLY GLY A . n 
A 1 45 GLU 45 294 294 GLU GLU A . n 
A 1 46 GLY 46 295 295 GLY GLY A . n 
A 1 47 ASP 47 296 296 ASP ASP A . n 
A 1 48 LYS 48 297 297 LYS LYS A . n 
A 1 49 VAL 49 298 298 VAL VAL A . n 
A 1 50 LYS 50 299 299 LYS LYS A . n 
A 1 51 CYS 51 300 300 CYS CYS A . n 
A 1 52 PHE 52 301 301 PHE PHE A . n 
A 1 53 HIS 53 302 302 HIS HIS A . n 
A 1 54 CYS 54 303 303 CYS CYS A . n 
A 1 55 GLY 55 304 304 GLY GLY A . n 
A 1 56 GLY 56 305 305 GLY GLY A . n 
A 1 57 GLY 57 306 306 GLY GLY A . n 
A 1 58 LEU 58 307 307 LEU LEU A . n 
A 1 59 THR 59 308 308 THR THR A . n 
A 1 60 ASP 60 309 309 ASP ASP A . n 
A 1 61 TRP 61 310 310 TRP TRP A . n 
A 1 62 LYS 62 311 311 LYS LYS A . n 
A 1 63 PRO 63 312 312 PRO PRO A . n 
A 1 64 SER 64 313 313 SER SER A . n 
A 1 65 GLU 65 314 314 GLU GLU A . n 
A 1 66 ASP 66 315 315 ASP ASP A . n 
A 1 67 PRO 67 316 316 PRO PRO A . n 
A 1 68 TRP 68 317 317 TRP TRP A . n 
A 1 69 GLU 69 318 318 GLU GLU A . n 
A 1 70 GLN 70 319 319 GLN GLN A . n 
A 1 71 HIS 71 320 320 HIS HIS A . n 
A 1 72 ALA 72 321 321 ALA ALA A . n 
A 1 73 LYS 73 322 322 LYS LYS A . n 
A 1 74 TRP 74 323 323 TRP TRP A . n 
A 1 75 TYR 75 324 324 TYR TYR A . n 
A 1 76 PRO 76 325 325 PRO PRO A . n 
A 1 77 GLY 77 326 326 GLY GLY A . n 
A 1 78 CYS 78 327 327 CYS CYS A . n 
A 1 79 LYS 79 328 328 LYS LYS A . n 
A 1 80 TYR 80 329 329 TYR TYR A . n 
A 1 81 LEU 81 330 330 LEU LEU A . n 
A 1 82 LEU 82 331 331 LEU LEU A . n 
A 1 83 GLU 83 332 332 GLU GLU A . n 
A 1 84 GLN 84 333 333 GLN GLN A . n 
A 1 85 LYS 85 334 334 LYS LYS A . n 
A 1 86 GLY 86 335 335 GLY GLY A . n 
A 1 87 GLN 87 336 336 GLN GLN A . n 
A 1 88 GLU 88 337 337 GLU GLU A . n 
A 1 89 TYR 89 338 338 TYR TYR A . n 
A 1 90 ILE 90 339 339 ILE ILE A . n 
A 1 91 ASN 91 340 340 ASN ASN A . n 
A 1 92 ASN 92 341 341 ASN ASN A . n 
A 1 93 ILE 93 342 342 ILE ILE A . n 
A 1 94 HIS 94 343 343 HIS HIS A . n 
A 1 95 LEU 95 344 344 LEU LEU A . n 
A 1 96 THR 96 345 345 THR THR A . n 
B 2 1  MAA 1  1   1   MAA MAA B . n 
B 2 2  LYS 2  2   2   LYS LYS B . n 
B 2 3  PRO 3  3   3   PRO PRO B . n 
B 2 4  PHE 4  4   4   PHE PHE B . n 
# 
loop_
_pdbx_nonpoly_scheme.asym_id 
_pdbx_nonpoly_scheme.entity_id 
_pdbx_nonpoly_scheme.mon_id 
_pdbx_nonpoly_scheme.ndb_seq_num 
_pdbx_nonpoly_scheme.pdb_seq_num 
_pdbx_nonpoly_scheme.auth_seq_num 
_pdbx_nonpoly_scheme.pdb_mon_id 
_pdbx_nonpoly_scheme.auth_mon_id 
_pdbx_nonpoly_scheme.pdb_strand_id 
_pdbx_nonpoly_scheme.pdb_ins_code 
C 3 15P 1  1346 1346 15P 15P A . 
D 4 ZN  1  1347 1347 ZN  ZN  A . 
E 5 HOH 1  2001 2001 HOH HOH A . 
E 5 HOH 2  2002 2002 HOH HOH A . 
E 5 HOH 3  2003 2003 HOH HOH A . 
E 5 HOH 4  2004 2004 HOH HOH A . 
E 5 HOH 5  2005 2005 HOH HOH A . 
E 5 HOH 6  2006 2006 HOH HOH A . 
E 5 HOH 7  2007 2007 HOH HOH A . 
E 5 HOH 8  2008 2008 HOH HOH A . 
E 5 HOH 9  2009 2009 HOH HOH A . 
E 5 HOH 10 2010 2010 HOH HOH A . 
E 5 HOH 11 2011 2011 HOH HOH A . 
E 5 HOH 12 2012 2012 HOH HOH A . 
E 5 HOH 13 2013 2013 HOH HOH A . 
E 5 HOH 14 2014 2014 HOH HOH A . 
E 5 HOH 15 2015 2015 HOH HOH A . 
E 5 HOH 16 2016 2016 HOH HOH A . 
E 5 HOH 17 2017 2017 HOH HOH A . 
E 5 HOH 18 2018 2018 HOH HOH A . 
E 5 HOH 19 2019 2019 HOH HOH A . 
E 5 HOH 20 2020 2020 HOH HOH A . 
E 5 HOH 21 2021 2021 HOH HOH A . 
E 5 HOH 22 2022 2022 HOH HOH A . 
E 5 HOH 23 2023 2023 HOH HOH A . 
E 5 HOH 24 2024 2024 HOH HOH A . 
E 5 HOH 25 2025 2025 HOH HOH A . 
E 5 HOH 26 2026 2026 HOH HOH A . 
E 5 HOH 27 2027 2027 HOH HOH A . 
E 5 HOH 28 2028 2028 HOH HOH A . 
E 5 HOH 29 2029 2029 HOH HOH A . 
E 5 HOH 30 2030 2030 HOH HOH A . 
E 5 HOH 31 2031 2031 HOH HOH A . 
E 5 HOH 32 2032 2032 HOH HOH A . 
E 5 HOH 33 2033 2033 HOH HOH A . 
E 5 HOH 34 2034 2034 HOH HOH A . 
E 5 HOH 35 2035 2035 HOH HOH A . 
E 5 HOH 36 2036 2036 HOH HOH A . 
E 5 HOH 37 2037 2037 HOH HOH A . 
E 5 HOH 38 2038 2038 HOH HOH A . 
E 5 HOH 39 2039 2039 HOH HOH A . 
E 5 HOH 40 2040 2040 HOH HOH A . 
E 5 HOH 41 2041 2041 HOH HOH A . 
E 5 HOH 42 2042 2042 HOH HOH A . 
E 5 HOH 43 2043 2043 HOH HOH A . 
E 5 HOH 44 2044 2044 HOH HOH A . 
E 5 HOH 45 2045 2045 HOH HOH A . 
E 5 HOH 46 2046 2046 HOH HOH A . 
E 5 HOH 47 2047 2047 HOH HOH A . 
E 5 HOH 48 2048 2048 HOH HOH A . 
E 5 HOH 49 2049 2049 HOH HOH A . 
E 5 HOH 50 2050 2050 HOH HOH A . 
E 5 HOH 51 2051 2051 HOH HOH A . 
E 5 HOH 52 2052 2052 HOH HOH A . 
E 5 HOH 53 2053 2053 HOH HOH A . 
E 5 HOH 54 2054 2054 HOH HOH A . 
E 5 HOH 55 2055 2055 HOH HOH A . 
E 5 HOH 56 2056 2056 HOH HOH A . 
E 5 HOH 57 2057 2057 HOH HOH A . 
E 5 HOH 58 2058 2058 HOH HOH A . 
F 5 HOH 1  2001 2001 HOH HOH B . 
F 5 HOH 2  2002 2002 HOH HOH B . 
# 
loop_
_pdbx_unobs_or_zero_occ_atoms.id 
_pdbx_unobs_or_zero_occ_atoms.PDB_model_num 
_pdbx_unobs_or_zero_occ_atoms.polymer_flag 
_pdbx_unobs_or_zero_occ_atoms.occupancy_flag 
_pdbx_unobs_or_zero_occ_atoms.auth_asym_id 
_pdbx_unobs_or_zero_occ_atoms.auth_comp_id 
_pdbx_unobs_or_zero_occ_atoms.auth_seq_id 
_pdbx_unobs_or_zero_occ_atoms.PDB_ins_code 
_pdbx_unobs_or_zero_occ_atoms.auth_atom_id 
_pdbx_unobs_or_zero_occ_atoms.label_alt_id 
_pdbx_unobs_or_zero_occ_atoms.label_asym_id 
_pdbx_unobs_or_zero_occ_atoms.label_comp_id 
_pdbx_unobs_or_zero_occ_atoms.label_seq_id 
_pdbx_unobs_or_zero_occ_atoms.label_atom_id 
1  1 N 1 A 15P 1346 ? C4  ? C 15P 1 C4  
2  1 N 1 A 15P 1346 ? O2  ? C 15P 1 O2  
3  1 N 1 A 15P 1346 ? C5  ? C 15P 1 C5  
4  1 N 1 A 15P 1346 ? C6  ? C 15P 1 C6  
5  1 N 1 A 15P 1346 ? O3  ? C 15P 1 O3  
6  1 N 1 A 15P 1346 ? C7  ? C 15P 1 C7  
7  1 N 1 A 15P 1346 ? C8  ? C 15P 1 C8  
8  1 N 1 A 15P 1346 ? O4  ? C 15P 1 O4  
9  1 N 1 A 15P 1346 ? C9  ? C 15P 1 C9  
10 1 N 1 A 15P 1346 ? C10 ? C 15P 1 C10 
11 1 N 1 A 15P 1346 ? O5  ? C 15P 1 O5  
12 1 N 1 A 15P 1346 ? C11 ? C 15P 1 C11 
13 1 N 1 A 15P 1346 ? C12 ? C 15P 1 C12 
14 1 N 1 A 15P 1346 ? O6  ? C 15P 1 O6  
15 1 N 1 A 15P 1346 ? C13 ? C 15P 1 C13 
16 1 N 1 A 15P 1346 ? C14 ? C 15P 1 C14 
17 1 N 1 A 15P 1346 ? O7  ? C 15P 1 O7  
18 1 N 1 A 15P 1346 ? C15 ? C 15P 1 C15 
19 1 N 1 A 15P 1346 ? C16 ? C 15P 1 C16 
20 1 N 1 A 15P 1346 ? O8  ? C 15P 1 O8  
21 1 N 1 A 15P 1346 ? C17 ? C 15P 1 C17 
22 1 N 1 A 15P 1346 ? C18 ? C 15P 1 C18 
23 1 N 1 A 15P 1346 ? O9  ? C 15P 1 O9  
24 1 N 1 A 15P 1346 ? C19 ? C 15P 1 C19 
25 1 N 1 A 15P 1346 ? C20 ? C 15P 1 C20 
26 1 N 1 A 15P 1346 ? O10 ? C 15P 1 O10 
27 1 N 1 A 15P 1346 ? C21 ? C 15P 1 C21 
28 1 N 1 A 15P 1346 ? C22 ? C 15P 1 C22 
29 1 N 1 A 15P 1346 ? O11 ? C 15P 1 O11 
30 1 N 1 A 15P 1346 ? C23 ? C 15P 1 C23 
31 1 N 1 A 15P 1346 ? C24 ? C 15P 1 C24 
32 1 N 1 A 15P 1346 ? O12 ? C 15P 1 O12 
33 1 N 1 A 15P 1346 ? C25 ? C 15P 1 C25 
34 1 N 1 A 15P 1346 ? C26 ? C 15P 1 C26 
35 1 N 1 A 15P 1346 ? O13 ? C 15P 1 O13 
36 1 N 1 A 15P 1346 ? C27 ? C 15P 1 C27 
37 1 N 1 A 15P 1346 ? C28 ? C 15P 1 C28 
38 1 N 1 A 15P 1346 ? O14 ? C 15P 1 O14 
39 1 N 1 A 15P 1346 ? C29 ? C 15P 1 C29 
40 1 N 1 A 15P 1346 ? C30 ? C 15P 1 C30 
41 1 N 1 A 15P 1346 ? O15 ? C 15P 1 O15 
42 1 N 1 A 15P 1346 ? C31 ? C 15P 1 C31 
43 1 N 1 A 15P 1346 ? C32 ? C 15P 1 C32 
44 1 N 1 A 15P 1346 ? O16 ? C 15P 1 O16 
45 1 N 1 A 15P 1346 ? C33 ? C 15P 1 C33 
46 1 N 1 A 15P 1346 ? C34 ? C 15P 1 C34 
47 1 N 1 A 15P 1346 ? O17 ? C 15P 1 O17 
48 1 N 1 A 15P 1346 ? C35 ? C 15P 1 C35 
49 1 N 1 A 15P 1346 ? C36 ? C 15P 1 C36 
50 1 N 1 A 15P 1346 ? O18 ? C 15P 1 O18 
51 1 N 1 A 15P 1346 ? C37 ? C 15P 1 C37 
52 1 N 1 A 15P 1346 ? C38 ? C 15P 1 C38 
53 1 N 1 A 15P 1346 ? O19 ? C 15P 1 O19 
54 1 N 1 A 15P 1346 ? C39 ? C 15P 1 C39 
55 1 N 1 A 15P 1346 ? C40 ? C 15P 1 C40 
56 1 N 1 A 15P 1346 ? O20 ? C 15P 1 O20 
57 1 N 1 A 15P 1346 ? C41 ? C 15P 1 C41 
58 1 N 1 A 15P 1346 ? C42 ? C 15P 1 C42 
59 1 N 1 A 15P 1346 ? O21 ? C 15P 1 O21 
60 1 N 1 A 15P 1346 ? C43 ? C 15P 1 C43 
61 1 N 1 A 15P 1346 ? C44 ? C 15P 1 C44 
62 1 N 1 A 15P 1346 ? O22 ? C 15P 1 O22 
63 1 N 1 A 15P 1346 ? C45 ? C 15P 1 C45 
64 1 N 1 A 15P 1346 ? C46 ? C 15P 1 C46 
65 1 N 1 A 15P 1346 ? O23 ? C 15P 1 O23 
66 1 N 1 A 15P 1346 ? C47 ? C 15P 1 C47 
67 1 N 1 A 15P 1346 ? C48 ? C 15P 1 C48 
68 1 N 1 A 15P 1346 ? O24 ? C 15P 1 O24 
69 1 N 1 A 15P 1346 ? C49 ? C 15P 1 C49 
70 1 N 1 A 15P 1346 ? C50 ? C 15P 1 C50 
71 1 N 1 A 15P 1346 ? O25 ? C 15P 1 O25 
72 1 N 1 A 15P 1346 ? C51 ? C 15P 1 C51 
73 1 N 1 A 15P 1346 ? C52 ? C 15P 1 C52 
74 1 N 1 A 15P 1346 ? O26 ? C 15P 1 O26 
75 1 N 1 A 15P 1346 ? C53 ? C 15P 1 C53 
76 1 N 1 A 15P 1346 ? C54 ? C 15P 1 C54 
77 1 N 1 A 15P 1346 ? O27 ? C 15P 1 O27 
78 1 N 1 A 15P 1346 ? C55 ? C 15P 1 C55 
79 1 N 1 A 15P 1346 ? C56 ? C 15P 1 C56 
80 1 N 1 A 15P 1346 ? O28 ? C 15P 1 O28 
81 1 N 1 A 15P 1346 ? C57 ? C 15P 1 C57 
82 1 N 1 A 15P 1346 ? C58 ? C 15P 1 C58 
83 1 N 1 A 15P 1346 ? O29 ? C 15P 1 O29 
84 1 N 1 A 15P 1346 ? C59 ? C 15P 1 C59 
85 1 N 1 A 15P 1346 ? C60 ? C 15P 1 C60 
86 1 N 1 A 15P 1346 ? O30 ? C 15P 1 O30 
87 1 N 1 A 15P 1346 ? C61 ? C 15P 1 C61 
88 1 N 1 A 15P 1346 ? C62 ? C 15P 1 C62 
89 1 N 1 A 15P 1346 ? O31 ? C 15P 1 O31 
90 1 N 1 A 15P 1346 ? C63 ? C 15P 1 C63 
91 1 N 1 A 15P 1346 ? C64 ? C 15P 1 C64 
92 1 N 1 A 15P 1346 ? O32 ? C 15P 1 O32 
93 1 N 1 A 15P 1346 ? C65 ? C 15P 1 C65 
94 1 N 1 A 15P 1346 ? C66 ? C 15P 1 C66 
95 1 N 1 A 15P 1346 ? O33 ? C 15P 1 O33 
96 1 N 1 A 15P 1346 ? C67 ? C 15P 1 C67 
97 1 N 1 A 15P 1346 ? C68 ? C 15P 1 C68 
98 1 N 1 A 15P 1346 ? O34 ? C 15P 1 O34 
99 1 N 1 A 15P 1346 ? CM  ? C 15P 1 CM  
# 
loop_
_software.name 
_software.classification 
_software.version 
_software.citation_id 
_software.pdbx_ordinal 
CNS       refinement       1.1 ? 1 
DENZO     'data reduction' .   ? 2 
SCALEPACK 'data scaling'   .   ? 3 
MOLREP    phasing          .   ? 4 
# 
_cell.entry_id           2VSL 
_cell.length_a           102.478 
_cell.length_b           102.478 
_cell.length_c           65.218 
_cell.angle_alpha        90.00 
_cell.angle_beta         90.00 
_cell.angle_gamma        90.00 
_cell.Z_PDB              16 
_cell.pdbx_unique_axis   ? 
# 
_symmetry.entry_id                         2VSL 
_symmetry.space_group_name_H-M             'I 4 2 2' 
_symmetry.pdbx_full_space_group_name_H-M   ? 
_symmetry.cell_setting                     ? 
_symmetry.Int_Tables_number                97 
# 
_exptl.entry_id          2VSL 
_exptl.method            'X-RAY DIFFRACTION' 
_exptl.crystals_number   1 
# 
_exptl_crystal.id                    1 
_exptl_crystal.density_meas          ? 
_exptl_crystal.density_Matthews      3.46 
_exptl_crystal.density_percent_sol   64.20 
_exptl_crystal.description           NONE 
# 
_exptl_crystal_grow.crystal_id      1 
_exptl_crystal_grow.method          ? 
_exptl_crystal_grow.temp            ? 
_exptl_crystal_grow.temp_details    ? 
_exptl_crystal_grow.pH              7.5 
_exptl_crystal_grow.pdbx_pH_range   ? 
_exptl_crystal_grow.pdbx_details    '1.4 M NACL, 5% PEG 6000, pH 7.5' 
# 
_diffrn.id                     1 
_diffrn.ambient_temp           100 
_diffrn.ambient_temp_details   ? 
_diffrn.crystal_id             1 
# 
_diffrn_detector.diffrn_id              1 
_diffrn_detector.detector               CCD 
_diffrn_detector.type                   MARRESEARCH 
_diffrn_detector.pdbx_collection_date   2005-11-04 
_diffrn_detector.details                ? 
# 
_diffrn_radiation.diffrn_id                        1 
_diffrn_radiation.wavelength_id                    1 
_diffrn_radiation.pdbx_monochromatic_or_laue_m_l   M 
_diffrn_radiation.monochromator                    'SI (111)' 
_diffrn_radiation.pdbx_diffrn_protocol             'SINGLE WAVELENGTH' 
_diffrn_radiation.pdbx_scattering_type             x-ray 
# 
_diffrn_radiation_wavelength.id           1 
_diffrn_radiation_wavelength.wavelength   0.96859 
_diffrn_radiation_wavelength.wt           1.0 
# 
_diffrn_source.diffrn_id                   1 
_diffrn_source.source                      SYNCHROTRON 
_diffrn_source.type                        'APS BEAMLINE 32-ID' 
_diffrn_source.pdbx_synchrotron_site       APS 
_diffrn_source.pdbx_synchrotron_beamline   32-ID 
_diffrn_source.pdbx_wavelength             0.96859 
_diffrn_source.pdbx_wavelength_list        ? 
# 
_reflns.pdbx_diffrn_id               1 
_reflns.pdbx_ordinal                 1 
_reflns.entry_id                     2VSL 
_reflns.observed_criterion_sigma_I   0.0 
_reflns.observed_criterion_sigma_F   ? 
_reflns.d_resolution_low             29.74 
_reflns.d_resolution_high            2.10 
_reflns.number_obs                   10431 
_reflns.number_all                   ? 
_reflns.percent_possible_obs         99.0 
_reflns.pdbx_Rmerge_I_obs            0.06 
_reflns.pdbx_Rsym_value              ? 
_reflns.pdbx_netI_over_sigmaI        20.00 
_reflns.B_iso_Wilson_estimate        20.6 
_reflns.pdbx_redundancy              14.3 
# 
_reflns_shell.pdbx_diffrn_id         1 
_reflns_shell.pdbx_ordinal           1 
_reflns_shell.d_res_high             2.10 
_reflns_shell.d_res_low              2.18 
_reflns_shell.percent_possible_all   100.0 
_reflns_shell.Rmerge_I_obs           0.19 
_reflns_shell.pdbx_Rsym_value        ? 
_reflns_shell.meanI_over_sigI_obs    20.00 
_reflns_shell.pdbx_redundancy        14.7 
# 
_refine.pdbx_refine_id                           'X-RAY DIFFRACTION' 
_refine.entry_id                                 2VSL 
_refine.pdbx_diffrn_id                           1 
_refine.pdbx_TLS_residual_ADP_flag               ? 
_refine.ls_number_reflns_obs                     10423 
_refine.ls_number_reflns_all                     ? 
_refine.pdbx_ls_sigma_I                          ? 
_refine.pdbx_ls_sigma_F                          0.0 
_refine.pdbx_data_cutoff_high_absF               1764553.24 
_refine.pdbx_data_cutoff_low_absF                ? 
_refine.pdbx_data_cutoff_high_rms_absF           ? 
_refine.ls_d_res_low                             29.74 
_refine.ls_d_res_high                            2.10 
_refine.ls_percent_reflns_obs                    99.9 
_refine.ls_R_factor_obs                          0.218 
_refine.ls_R_factor_all                          ? 
_refine.ls_R_factor_R_work                       0.218 
_refine.ls_R_factor_R_free                       0.226 
_refine.ls_R_factor_R_free_error                 0.007 
_refine.ls_R_factor_R_free_error_details         ? 
_refine.ls_percent_reflns_R_free                 10.3 
_refine.ls_number_reflns_R_free                  1077 
_refine.ls_number_parameters                     ? 
_refine.ls_number_restraints                     ? 
_refine.occupancy_min                            ? 
_refine.occupancy_max                            ? 
_refine.correlation_coeff_Fo_to_Fc               ? 
_refine.correlation_coeff_Fo_to_Fc_free          ? 
_refine.B_iso_mean                               35.1 
_refine.aniso_B[1][1]                            0.00 
_refine.aniso_B[2][2]                            0.00 
_refine.aniso_B[3][3]                            0.00 
_refine.aniso_B[1][2]                            0.00 
_refine.aniso_B[1][3]                            0.00 
_refine.aniso_B[2][3]                            0.00 
_refine.solvent_model_details                    'FLAT MODEL' 
_refine.solvent_model_param_ksol                 0.394327 
_refine.solvent_model_param_bsol                 47.4453 
_refine.pdbx_solvent_vdw_probe_radii             ? 
_refine.pdbx_solvent_ion_probe_radii             ? 
_refine.pdbx_solvent_shrinkage_radii             ? 
_refine.pdbx_ls_cross_valid_method               THROUGHOUT 
_refine.details                                  
;THE B CHAIN IS A CYCLIC DIMERIC PEPTIDE WITH HALF OF IT IN THE ASYMMETRIC UNIT. THE FULL STRUCTURE IS GENERATED VIA CRYSTALLOGRAPHIC TWO-FOLD AXIS.
;
_refine.pdbx_starting_model                      'PREVIOUSLY SOLVED, UNPUBLISHED STRUCTURE' 
_refine.pdbx_method_to_determine_struct          'MOLECULAR REPLACEMENT' 
_refine.pdbx_isotropic_thermal_model             RESTRAINED 
_refine.pdbx_stereochemistry_target_values       ? 
_refine.pdbx_stereochem_target_val_spec_case     ? 
_refine.pdbx_R_Free_selection_details            RANDOM 
_refine.pdbx_overall_ESU_R                       ? 
_refine.pdbx_overall_ESU_R_Free                  ? 
_refine.overall_SU_ML                            ? 
_refine.pdbx_overall_phase_error                 ? 
_refine.overall_SU_B                             ? 
_refine.overall_SU_R_Cruickshank_DPI             ? 
_refine.pdbx_overall_SU_R_free_Cruickshank_DPI   ? 
_refine.pdbx_overall_SU_R_Blow_DPI               ? 
_refine.pdbx_overall_SU_R_free_Blow_DPI          ? 
# 
_refine_analyze.pdbx_refine_id                  'X-RAY DIFFRACTION' 
_refine_analyze.entry_id                        2VSL 
_refine_analyze.Luzzati_coordinate_error_obs    0.26 
_refine_analyze.Luzzati_sigma_a_obs             0.17 
_refine_analyze.Luzzati_d_res_low_obs           5.00 
_refine_analyze.Luzzati_coordinate_error_free   0.28 
_refine_analyze.Luzzati_sigma_a_free            0.22 
_refine_analyze.Luzzati_d_res_low_free          ? 
_refine_analyze.number_disordered_residues      ? 
_refine_analyze.occupancy_sum_hydrogen          ? 
_refine_analyze.occupancy_sum_non_hydrogen      ? 
# 
_refine_hist.pdbx_refine_id                   'X-RAY DIFFRACTION' 
_refine_hist.cycle_id                         LAST 
_refine_hist.pdbx_number_atoms_protein        817 
_refine_hist.pdbx_number_atoms_nucleic_acid   0 
_refine_hist.pdbx_number_atoms_ligand         6 
_refine_hist.number_atoms_solvent             60 
_refine_hist.number_atoms_total               883 
_refine_hist.d_res_high                       2.10 
_refine_hist.d_res_low                        29.74 
# 
loop_
_refine_ls_restr.type 
_refine_ls_restr.dev_ideal 
_refine_ls_restr.dev_ideal_target 
_refine_ls_restr.weight 
_refine_ls_restr.number 
_refine_ls_restr.pdbx_refine_id 
_refine_ls_restr.pdbx_restraint_function 
c_bond_d                0.006 ?    ? ? 'X-RAY DIFFRACTION' ? 
c_bond_d_na             ?     ?    ? ? 'X-RAY DIFFRACTION' ? 
c_bond_d_prot           ?     ?    ? ? 'X-RAY DIFFRACTION' ? 
c_angle_d               ?     ?    ? ? 'X-RAY DIFFRACTION' ? 
c_angle_d_na            ?     ?    ? ? 'X-RAY DIFFRACTION' ? 
c_angle_d_prot          ?     ?    ? ? 'X-RAY DIFFRACTION' ? 
c_angle_deg             1.1   ?    ? ? 'X-RAY DIFFRACTION' ? 
c_angle_deg_na          ?     ?    ? ? 'X-RAY DIFFRACTION' ? 
c_angle_deg_prot        ?     ?    ? ? 'X-RAY DIFFRACTION' ? 
c_dihedral_angle_d      22.2  ?    ? ? 'X-RAY DIFFRACTION' ? 
c_dihedral_angle_d_na   ?     ?    ? ? 'X-RAY DIFFRACTION' ? 
c_dihedral_angle_d_prot ?     ?    ? ? 'X-RAY DIFFRACTION' ? 
c_improper_angle_d      0.74  ?    ? ? 'X-RAY DIFFRACTION' ? 
c_improper_angle_d_na   ?     ?    ? ? 'X-RAY DIFFRACTION' ? 
c_improper_angle_d_prot ?     ?    ? ? 'X-RAY DIFFRACTION' ? 
c_mcbond_it             1.51  1.50 ? ? 'X-RAY DIFFRACTION' ? 
c_mcangle_it            2.55  2.00 ? ? 'X-RAY DIFFRACTION' ? 
c_scbond_it             2.27  2.00 ? ? 'X-RAY DIFFRACTION' ? 
c_scangle_it            3.55  2.50 ? ? 'X-RAY DIFFRACTION' ? 
# 
_refine_ls_shell.pdbx_refine_id                   'X-RAY DIFFRACTION' 
_refine_ls_shell.pdbx_total_number_of_bins_used   6 
_refine_ls_shell.d_res_high                       2.10 
_refine_ls_shell.d_res_low                        2.23 
_refine_ls_shell.number_reflns_R_work             1514 
_refine_ls_shell.R_factor_R_work                  0.244 
_refine_ls_shell.percent_reflns_obs               100.0 
_refine_ls_shell.R_factor_R_free                  0.279 
_refine_ls_shell.R_factor_R_free_error            0.021 
_refine_ls_shell.percent_reflns_R_free            10.4 
_refine_ls_shell.number_reflns_R_free             176 
_refine_ls_shell.number_reflns_all                ? 
_refine_ls_shell.R_factor_all                     ? 
# 
loop_
_pdbx_xplor_file.pdbx_refine_id 
_pdbx_xplor_file.serial_no 
_pdbx_xplor_file.param_file 
_pdbx_xplor_file.topol_file 
'X-RAY DIFFRACTION' 1 ION.PARAM         ION.TOP          
'X-RAY DIFFRACTION' 2 WATER.PARAM       WATER.TOP        
'X-RAY DIFFRACTION' 3 PEG.PARAM         PEG.TOP          
'X-RAY DIFFRACTION' 4 PROTEIN_REP.PARAM PROTEIN_REP.TOP. 
# 
_struct.entry_id                  2VSL 
_struct.title                     'Crystal Structure of XIAP BIR3 with a Bivalent Smac Mimetic' 
_struct.pdbx_model_details        ? 
_struct.pdbx_CASP_flag            ? 
_struct.pdbx_model_type_details   ? 
# 
_struct_keywords.entry_id        2VSL 
_struct_keywords.pdbx_keywords   LIGASE 
_struct_keywords.text            
;ZINC-FINGER, POLYMORPHISM, SMAC MIMETIC, METAL-BINDING, UBL CONJUGATION PATHWAY, THIOL PROTEASE INHIBITOR, PHOSPHOPROTEIN, UBL CONJUGATION, PROTEASE INHIBITOR, BIR3, ZINC, XIAP, LIGASE, APOPTOSIS, CYTOPLASM, HYDROLASE INHIBITOR
;
# 
loop_
_struct_asym.id 
_struct_asym.pdbx_blank_PDB_chainid_flag 
_struct_asym.pdbx_modified 
_struct_asym.entity_id 
_struct_asym.details 
A N N 1 ? 
B N N 2 ? 
C N N 3 ? 
D N N 4 ? 
E N N 5 ? 
F N N 5 ? 
# 
loop_
_struct_ref.id 
_struct_ref.db_name 
_struct_ref.db_code 
_struct_ref.entity_id 
_struct_ref.pdbx_seq_one_letter_code 
_struct_ref.pdbx_align_begin 
_struct_ref.pdbx_db_accession 
_struct_ref.pdbx_db_isoform 
1 UNP BIRC4_HUMAN 1 ? ? P98170 ? 
2 PDB 2VSL        2 ? ? 2VSL   ? 
# 
loop_
_struct_ref_seq.align_id 
_struct_ref_seq.ref_id 
_struct_ref_seq.pdbx_PDB_id_code 
_struct_ref_seq.pdbx_strand_id 
_struct_ref_seq.seq_align_beg 
_struct_ref_seq.pdbx_seq_align_beg_ins_code 
_struct_ref_seq.seq_align_end 
_struct_ref_seq.pdbx_seq_align_end_ins_code 
_struct_ref_seq.pdbx_db_accession 
_struct_ref_seq.db_align_beg 
_struct_ref_seq.pdbx_db_align_beg_ins_code 
_struct_ref_seq.db_align_end 
_struct_ref_seq.pdbx_db_align_end_ins_code 
_struct_ref_seq.pdbx_auth_seq_align_beg 
_struct_ref_seq.pdbx_auth_seq_align_end 
1 1 2VSL A 1 ? 96 ? P98170 250 ? 345 ? 250 345 
2 2 2VSL B 1 ? 4  ? 2VSL   1   ? 4   ? 1   4   
# 
_pdbx_struct_assembly.id                   1 
_pdbx_struct_assembly.details              author_and_software_defined_assembly 
_pdbx_struct_assembly.method_details       PISA 
_pdbx_struct_assembly.oligomeric_details   dimeric 
_pdbx_struct_assembly.oligomeric_count     2 
# 
loop_
_pdbx_struct_assembly_prop.biol_id 
_pdbx_struct_assembly_prop.type 
_pdbx_struct_assembly_prop.value 
_pdbx_struct_assembly_prop.details 
1 'ABSA (A^2)' 690  ? 
1 MORE         -6   ? 
1 'SSA (A^2)'  5800 ? 
# 
_pdbx_struct_assembly_gen.assembly_id       1 
_pdbx_struct_assembly_gen.oper_expression   1 
_pdbx_struct_assembly_gen.asym_id_list      A,B,C,D,E,F 
# 
_pdbx_struct_oper_list.id                   1 
_pdbx_struct_oper_list.type                 'identity operation' 
_pdbx_struct_oper_list.name                 1_555 
_pdbx_struct_oper_list.symmetry_operation   x,y,z 
_pdbx_struct_oper_list.matrix[1][1]         1.0000000000 
_pdbx_struct_oper_list.matrix[1][2]         0.0000000000 
_pdbx_struct_oper_list.matrix[1][3]         0.0000000000 
_pdbx_struct_oper_list.vector[1]            0.0000000000 
_pdbx_struct_oper_list.matrix[2][1]         0.0000000000 
_pdbx_struct_oper_list.matrix[2][2]         1.0000000000 
_pdbx_struct_oper_list.matrix[2][3]         0.0000000000 
_pdbx_struct_oper_list.vector[2]            0.0000000000 
_pdbx_struct_oper_list.matrix[3][1]         0.0000000000 
_pdbx_struct_oper_list.matrix[3][2]         0.0000000000 
_pdbx_struct_oper_list.matrix[3][3]         1.0000000000 
_pdbx_struct_oper_list.vector[3]            0.0000000000 
# 
_struct_biol.id   1 
# 
loop_
_struct_conf.conf_type_id 
_struct_conf.id 
_struct_conf.pdbx_PDB_helix_id 
_struct_conf.beg_label_comp_id 
_struct_conf.beg_label_asym_id 
_struct_conf.beg_label_seq_id 
_struct_conf.pdbx_beg_PDB_ins_code 
_struct_conf.end_label_comp_id 
_struct_conf.end_label_asym_id 
_struct_conf.end_label_seq_id 
_struct_conf.pdbx_end_PDB_ins_code 
_struct_conf.beg_auth_comp_id 
_struct_conf.beg_auth_asym_id 
_struct_conf.beg_auth_seq_id 
_struct_conf.end_auth_comp_id 
_struct_conf.end_auth_asym_id 
_struct_conf.end_auth_seq_id 
_struct_conf.pdbx_PDB_helix_class 
_struct_conf.details 
_struct_conf.pdbx_PDB_helix_length 
HELX_P HELX_P1 1 ASN A 10 ? ALA A 14 ? ASN A 259 ALA A 263 5 ? 5  
HELX_P HELX_P2 2 ASP A 15 ? THR A 22 ? ASP A 264 THR A 271 1 ? 8  
HELX_P HELX_P3 3 ASN A 31 ? ALA A 38 ? ASN A 280 ALA A 287 1 ? 8  
HELX_P HELX_P4 4 ASP A 66 ? TYR A 75 ? ASP A 315 TYR A 324 1 ? 10 
HELX_P HELX_P5 5 CYS A 78 ? HIS A 94 ? CYS A 327 HIS A 343 1 ? 17 
# 
_struct_conf_type.id          HELX_P 
_struct_conf_type.criteria    ? 
_struct_conf_type.reference   ? 
# 
loop_
_struct_conn.id 
_struct_conn.conn_type_id 
_struct_conn.pdbx_leaving_atom_flag 
_struct_conn.pdbx_PDB_id 
_struct_conn.ptnr1_label_asym_id 
_struct_conn.ptnr1_label_comp_id 
_struct_conn.ptnr1_label_seq_id 
_struct_conn.ptnr1_label_atom_id 
_struct_conn.pdbx_ptnr1_label_alt_id 
_struct_conn.pdbx_ptnr1_PDB_ins_code 
_struct_conn.pdbx_ptnr1_standard_comp_id 
_struct_conn.ptnr1_symmetry 
_struct_conn.ptnr2_label_asym_id 
_struct_conn.ptnr2_label_comp_id 
_struct_conn.ptnr2_label_seq_id 
_struct_conn.ptnr2_label_atom_id 
_struct_conn.pdbx_ptnr2_label_alt_id 
_struct_conn.pdbx_ptnr2_PDB_ins_code 
_struct_conn.ptnr1_auth_asym_id 
_struct_conn.ptnr1_auth_comp_id 
_struct_conn.ptnr1_auth_seq_id 
_struct_conn.ptnr2_auth_asym_id 
_struct_conn.ptnr2_auth_comp_id 
_struct_conn.ptnr2_auth_seq_id 
_struct_conn.ptnr2_symmetry 
_struct_conn.pdbx_ptnr3_label_atom_id 
_struct_conn.pdbx_ptnr3_label_seq_id 
_struct_conn.pdbx_ptnr3_label_comp_id 
_struct_conn.pdbx_ptnr3_label_asym_id 
_struct_conn.pdbx_ptnr3_label_alt_id 
_struct_conn.pdbx_ptnr3_PDB_ins_code 
_struct_conn.details 
_struct_conn.pdbx_dist_value 
_struct_conn.pdbx_value_order 
_struct_conn.pdbx_role 
covale1 covale both ? B MAA 1  C   ? ? ? 1_555 B LYS 2 N  ? ? B MAA 1   B LYS 2    1_555 ? ? ? ? ? ? ? 1.324 ? ? 
metalc1 metalc ?    ? A CYS 51 SG  ? ? ? 1_555 D ZN  . ZN ? ? A CYS 300 A ZN  1347 1_555 ? ? ? ? ? ? ? 2.326 ? ? 
metalc2 metalc ?    ? A CYS 54 SG  ? ? ? 1_555 D ZN  . ZN ? ? A CYS 303 A ZN  1347 1_555 ? ? ? ? ? ? ? 2.192 ? ? 
metalc3 metalc ?    ? A HIS 71 NE2 ? ? ? 1_555 D ZN  . ZN ? ? A HIS 320 A ZN  1347 1_555 ? ? ? ? ? ? ? 2.117 ? ? 
metalc4 metalc ?    ? A CYS 78 SG  ? ? ? 1_555 D ZN  . ZN ? ? A CYS 327 A ZN  1347 1_555 ? ? ? ? ? ? ? 2.417 ? ? 
# 
loop_
_struct_conn_type.id 
_struct_conn_type.criteria 
_struct_conn_type.reference 
covale ? ? 
metalc ? ? 
# 
loop_
_pdbx_struct_conn_angle.id 
_pdbx_struct_conn_angle.ptnr1_label_atom_id 
_pdbx_struct_conn_angle.ptnr1_label_alt_id 
_pdbx_struct_conn_angle.ptnr1_label_asym_id 
_pdbx_struct_conn_angle.ptnr1_label_comp_id 
_pdbx_struct_conn_angle.ptnr1_label_seq_id 
_pdbx_struct_conn_angle.ptnr1_auth_atom_id 
_pdbx_struct_conn_angle.ptnr1_auth_asym_id 
_pdbx_struct_conn_angle.ptnr1_auth_comp_id 
_pdbx_struct_conn_angle.ptnr1_auth_seq_id 
_pdbx_struct_conn_angle.ptnr1_PDB_ins_code 
_pdbx_struct_conn_angle.ptnr1_symmetry 
_pdbx_struct_conn_angle.ptnr2_label_atom_id 
_pdbx_struct_conn_angle.ptnr2_label_alt_id 
_pdbx_struct_conn_angle.ptnr2_label_asym_id 
_pdbx_struct_conn_angle.ptnr2_label_comp_id 
_pdbx_struct_conn_angle.ptnr2_label_seq_id 
_pdbx_struct_conn_angle.ptnr2_auth_atom_id 
_pdbx_struct_conn_angle.ptnr2_auth_asym_id 
_pdbx_struct_conn_angle.ptnr2_auth_comp_id 
_pdbx_struct_conn_angle.ptnr2_auth_seq_id 
_pdbx_struct_conn_angle.ptnr2_PDB_ins_code 
_pdbx_struct_conn_angle.ptnr2_symmetry 
_pdbx_struct_conn_angle.ptnr3_label_atom_id 
_pdbx_struct_conn_angle.ptnr3_label_alt_id 
_pdbx_struct_conn_angle.ptnr3_label_asym_id 
_pdbx_struct_conn_angle.ptnr3_label_comp_id 
_pdbx_struct_conn_angle.ptnr3_label_seq_id 
_pdbx_struct_conn_angle.ptnr3_auth_atom_id 
_pdbx_struct_conn_angle.ptnr3_auth_asym_id 
_pdbx_struct_conn_angle.ptnr3_auth_comp_id 
_pdbx_struct_conn_angle.ptnr3_auth_seq_id 
_pdbx_struct_conn_angle.ptnr3_PDB_ins_code 
_pdbx_struct_conn_angle.ptnr3_symmetry 
_pdbx_struct_conn_angle.value 
_pdbx_struct_conn_angle.value_esd 
1 SG  ? A CYS 51 ? A CYS 300 ? 1_555 ZN ? D ZN . ? A ZN 1347 ? 1_555 SG  ? A CYS 54 ? A CYS 303 ? 1_555 110.9 ? 
2 SG  ? A CYS 51 ? A CYS 300 ? 1_555 ZN ? D ZN . ? A ZN 1347 ? 1_555 NE2 ? A HIS 71 ? A HIS 320 ? 1_555 104.5 ? 
3 SG  ? A CYS 54 ? A CYS 303 ? 1_555 ZN ? D ZN . ? A ZN 1347 ? 1_555 NE2 ? A HIS 71 ? A HIS 320 ? 1_555 113.0 ? 
4 SG  ? A CYS 51 ? A CYS 300 ? 1_555 ZN ? D ZN . ? A ZN 1347 ? 1_555 SG  ? A CYS 78 ? A CYS 327 ? 1_555 113.1 ? 
5 SG  ? A CYS 54 ? A CYS 303 ? 1_555 ZN ? D ZN . ? A ZN 1347 ? 1_555 SG  ? A CYS 78 ? A CYS 327 ? 1_555 108.1 ? 
6 NE2 ? A HIS 71 ? A HIS 320 ? 1_555 ZN ? D ZN . ? A ZN 1347 ? 1_555 SG  ? A CYS 78 ? A CYS 327 ? 1_555 107.2 ? 
# 
_pdbx_modification_feature.ordinal                            1 
_pdbx_modification_feature.label_comp_id                      MAA 
_pdbx_modification_feature.label_asym_id                      B 
_pdbx_modification_feature.label_seq_id                       1 
_pdbx_modification_feature.label_alt_id                       ? 
_pdbx_modification_feature.modified_residue_label_comp_id     . 
_pdbx_modification_feature.modified_residue_label_asym_id     . 
_pdbx_modification_feature.modified_residue_label_seq_id      . 
_pdbx_modification_feature.modified_residue_label_alt_id      . 
_pdbx_modification_feature.auth_comp_id                       MAA 
_pdbx_modification_feature.auth_asym_id                       B 
_pdbx_modification_feature.auth_seq_id                        1 
_pdbx_modification_feature.PDB_ins_code                       ? 
_pdbx_modification_feature.symmetry                           1_555 
_pdbx_modification_feature.modified_residue_auth_comp_id      . 
_pdbx_modification_feature.modified_residue_auth_asym_id      . 
_pdbx_modification_feature.modified_residue_auth_seq_id       . 
_pdbx_modification_feature.modified_residue_PDB_ins_code      . 
_pdbx_modification_feature.modified_residue_symmetry          . 
_pdbx_modification_feature.comp_id_linking_atom               . 
_pdbx_modification_feature.modified_residue_id_linking_atom   . 
_pdbx_modification_feature.modified_residue_id                ALA 
_pdbx_modification_feature.ref_pcm_id                         1 
_pdbx_modification_feature.ref_comp_id                        MAA 
_pdbx_modification_feature.type                               Methylation 
_pdbx_modification_feature.category                           'Named protein modification' 
# 
_struct_mon_prot_cis.pdbx_id                1 
_struct_mon_prot_cis.label_comp_id          PHE 
_struct_mon_prot_cis.label_seq_id           1 
_struct_mon_prot_cis.label_asym_id          A 
_struct_mon_prot_cis.label_alt_id           . 
_struct_mon_prot_cis.pdbx_PDB_ins_code      ? 
_struct_mon_prot_cis.auth_comp_id           PHE 
_struct_mon_prot_cis.auth_seq_id            250 
_struct_mon_prot_cis.auth_asym_id           A 
_struct_mon_prot_cis.pdbx_label_comp_id_2   PRO 
_struct_mon_prot_cis.pdbx_label_seq_id_2    2 
_struct_mon_prot_cis.pdbx_label_asym_id_2   A 
_struct_mon_prot_cis.pdbx_PDB_ins_code_2    ? 
_struct_mon_prot_cis.pdbx_auth_comp_id_2    PRO 
_struct_mon_prot_cis.pdbx_auth_seq_id_2     251 
_struct_mon_prot_cis.pdbx_auth_asym_id_2    A 
_struct_mon_prot_cis.pdbx_PDB_model_num     1 
_struct_mon_prot_cis.pdbx_omega_angle       -0.07 
# 
_struct_sheet.id               AA 
_struct_sheet.type             ? 
_struct_sheet.number_strands   4 
_struct_sheet.details          ? 
# 
loop_
_struct_sheet_order.sheet_id 
_struct_sheet_order.range_id_1 
_struct_sheet_order.range_id_2 
_struct_sheet_order.offset 
_struct_sheet_order.sense 
AA 1 2 ? anti-parallel 
AA 2 3 ? anti-parallel 
AA 3 4 ? anti-parallel 
# 
loop_
_struct_sheet_range.sheet_id 
_struct_sheet_range.id 
_struct_sheet_range.beg_label_comp_id 
_struct_sheet_range.beg_label_asym_id 
_struct_sheet_range.beg_label_seq_id 
_struct_sheet_range.pdbx_beg_PDB_ins_code 
_struct_sheet_range.end_label_comp_id 
_struct_sheet_range.end_label_asym_id 
_struct_sheet_range.end_label_seq_id 
_struct_sheet_range.pdbx_end_PDB_ins_code 
_struct_sheet_range.beg_auth_comp_id 
_struct_sheet_range.beg_auth_asym_id 
_struct_sheet_range.beg_auth_seq_id 
_struct_sheet_range.end_auth_comp_id 
_struct_sheet_range.end_auth_asym_id 
_struct_sheet_range.end_auth_seq_id 
AA 1 PHE A 40 ? ALA A 42 ? PHE A 289 ALA A 291 
AA 2 VAL A 49 ? CYS A 51 ? VAL A 298 CYS A 300 
AA 3 GLY A 57 ? LEU A 58 ? GLY A 306 LEU A 307 
AA 4 PRO B 3  ? PHE B 4  ? PRO B 3   PHE B 4   
# 
loop_
_pdbx_struct_sheet_hbond.sheet_id 
_pdbx_struct_sheet_hbond.range_id_1 
_pdbx_struct_sheet_hbond.range_id_2 
_pdbx_struct_sheet_hbond.range_1_label_atom_id 
_pdbx_struct_sheet_hbond.range_1_label_comp_id 
_pdbx_struct_sheet_hbond.range_1_label_asym_id 
_pdbx_struct_sheet_hbond.range_1_label_seq_id 
_pdbx_struct_sheet_hbond.range_1_PDB_ins_code 
_pdbx_struct_sheet_hbond.range_1_auth_atom_id 
_pdbx_struct_sheet_hbond.range_1_auth_comp_id 
_pdbx_struct_sheet_hbond.range_1_auth_asym_id 
_pdbx_struct_sheet_hbond.range_1_auth_seq_id 
_pdbx_struct_sheet_hbond.range_2_label_atom_id 
_pdbx_struct_sheet_hbond.range_2_label_comp_id 
_pdbx_struct_sheet_hbond.range_2_label_asym_id 
_pdbx_struct_sheet_hbond.range_2_label_seq_id 
_pdbx_struct_sheet_hbond.range_2_PDB_ins_code 
_pdbx_struct_sheet_hbond.range_2_auth_atom_id 
_pdbx_struct_sheet_hbond.range_2_auth_comp_id 
_pdbx_struct_sheet_hbond.range_2_auth_asym_id 
_pdbx_struct_sheet_hbond.range_2_auth_seq_id 
AA 1 2 N TYR A 41 ? N TYR A 290 O LYS A 50 ? O LYS A 299 
AA 2 3 N VAL A 49 ? N VAL A 298 O LEU A 58 ? O LEU A 307 
AA 3 4 N GLY A 57 ? N GLY A 306 O PHE B 4  ? O PHE B 4   
# 
loop_
_struct_site.id 
_struct_site.pdbx_evidence_code 
_struct_site.pdbx_auth_asym_id 
_struct_site.pdbx_auth_comp_id 
_struct_site.pdbx_auth_seq_id 
_struct_site.pdbx_auth_ins_code 
_struct_site.pdbx_num_residues 
_struct_site.details 
AC1 Software A 15P 1346 ? 6  'BINDING SITE FOR RESIDUE 15P A 1346'                   
AC2 Software A ZN  1347 ? 4  'BINDING SITE FOR RESIDUE ZN A 1347'                    
AC3 Software ? ?   ?    ? 15 'BINDING SITE FOR CHAIN B OF PEPTIDE (MAA-LYS-PRO-PHE)' 
# 
loop_
_struct_site_gen.id 
_struct_site_gen.site_id 
_struct_site_gen.pdbx_num_res 
_struct_site_gen.label_comp_id 
_struct_site_gen.label_asym_id 
_struct_site_gen.label_seq_id 
_struct_site_gen.pdbx_auth_ins_code 
_struct_site_gen.auth_comp_id 
_struct_site_gen.auth_asym_id 
_struct_site_gen.auth_seq_id 
_struct_site_gen.label_atom_id 
_struct_site_gen.label_alt_id 
_struct_site_gen.symmetry 
_struct_site_gen.details 
1  AC1 6  PRO A 2  ? PRO A 251  . ? 7_556 ? 
2  AC1 6  LYS A 73 ? LYS A 322  . ? 1_555 ? 
3  AC1 6  TRP A 74 ? TRP A 323  . ? 7_556 ? 
4  AC1 6  TRP A 74 ? TRP A 323  . ? 1_555 ? 
5  AC1 6  PRO A 76 ? PRO A 325  . ? 7_556 ? 
6  AC1 6  HOH E .  ? HOH A 2047 . ? 7_556 ? 
7  AC2 4  CYS A 51 ? CYS A 300  . ? 1_555 ? 
8  AC2 4  CYS A 54 ? CYS A 303  . ? 1_555 ? 
9  AC2 4  HIS A 71 ? HIS A 320  . ? 1_555 ? 
10 AC2 4  CYS A 78 ? CYS A 327  . ? 1_555 ? 
11 AC3 15 LYS A 48 ? LYS A 297  . ? 1_555 ? 
12 AC3 15 VAL A 49 ? VAL A 298  . ? 1_555 ? 
13 AC3 15 LYS A 50 ? LYS A 299  . ? 1_555 ? 
14 AC3 15 GLY A 57 ? GLY A 306  . ? 1_555 ? 
15 AC3 15 LEU A 58 ? LEU A 307  . ? 1_555 ? 
16 AC3 15 THR A 59 ? THR A 308  . ? 1_555 ? 
17 AC3 15 ASP A 60 ? ASP A 309  . ? 1_555 ? 
18 AC3 15 LYS A 62 ? LYS A 311  . ? 1_555 ? 
19 AC3 15 GLU A 65 ? GLU A 314  . ? 1_555 ? 
20 AC3 15 GLN A 70 ? GLN A 319  . ? 1_555 ? 
21 AC3 15 TRP A 74 ? TRP A 323  . ? 1_555 ? 
22 AC3 15 TYR A 75 ? TYR A 324  . ? 1_555 ? 
23 AC3 15 HOH E .  ? HOH A 2044 . ? 1_555 ? 
24 AC3 15 HOH F .  ? HOH B 2001 . ? 1_555 ? 
25 AC3 15 HOH F .  ? HOH B 2002 . ? 1_555 ? 
# 
_pdbx_entry_details.entry_id                   2VSL 
_pdbx_entry_details.compound_details           ? 
_pdbx_entry_details.source_details             ? 
_pdbx_entry_details.nonpolymer_details         ? 
_pdbx_entry_details.sequence_details           ? 
_pdbx_entry_details.has_ligand_of_interest     ? 
_pdbx_entry_details.has_protein_modification   Y 
# 
_pdbx_validate_close_contact.id               1 
_pdbx_validate_close_contact.PDB_model_num    1 
_pdbx_validate_close_contact.auth_atom_id_1   OE1 
_pdbx_validate_close_contact.auth_asym_id_1   A 
_pdbx_validate_close_contact.auth_comp_id_1   GLU 
_pdbx_validate_close_contact.auth_seq_id_1    337 
_pdbx_validate_close_contact.PDB_ins_code_1   ? 
_pdbx_validate_close_contact.label_alt_id_1   ? 
_pdbx_validate_close_contact.auth_atom_id_2   O 
_pdbx_validate_close_contact.auth_asym_id_2   A 
_pdbx_validate_close_contact.auth_comp_id_2   HOH 
_pdbx_validate_close_contact.auth_seq_id_2    2053 
_pdbx_validate_close_contact.PDB_ins_code_2   ? 
_pdbx_validate_close_contact.label_alt_id_2   ? 
_pdbx_validate_close_contact.dist             2.17 
# 
loop_
_pdbx_validate_symm_contact.id 
_pdbx_validate_symm_contact.PDB_model_num 
_pdbx_validate_symm_contact.auth_atom_id_1 
_pdbx_validate_symm_contact.auth_asym_id_1 
_pdbx_validate_symm_contact.auth_comp_id_1 
_pdbx_validate_symm_contact.auth_seq_id_1 
_pdbx_validate_symm_contact.PDB_ins_code_1 
_pdbx_validate_symm_contact.label_alt_id_1 
_pdbx_validate_symm_contact.site_symmetry_1 
_pdbx_validate_symm_contact.auth_atom_id_2 
_pdbx_validate_symm_contact.auth_asym_id_2 
_pdbx_validate_symm_contact.auth_comp_id_2 
_pdbx_validate_symm_contact.auth_seq_id_2 
_pdbx_validate_symm_contact.PDB_ins_code_2 
_pdbx_validate_symm_contact.label_alt_id_2 
_pdbx_validate_symm_contact.site_symmetry_2 
_pdbx_validate_symm_contact.dist 
1 1 C3 A 15P 1346 ? ? 1_555 C3 A 15P 1346 ? ? 7_556 1.09 
2 1 NZ B LYS 2    ? ? 1_555 C  B PHE 4    ? ? 7_556 1.18 
3 1 O  A HOH 2021 ? ? 1_555 O  A HOH 2032 ? ? 3_555 2.10 
4 1 NZ B LYS 2    ? ? 1_555 O  B PHE 4    ? ? 7_556 2.17 
# 
_pdbx_validate_torsion.id              1 
_pdbx_validate_torsion.PDB_model_num   1 
_pdbx_validate_torsion.auth_comp_id    HIS 
_pdbx_validate_torsion.auth_asym_id    A 
_pdbx_validate_torsion.auth_seq_id     302 
_pdbx_validate_torsion.PDB_ins_code    ? 
_pdbx_validate_torsion.label_alt_id    ? 
_pdbx_validate_torsion.phi             -94.00 
_pdbx_validate_torsion.psi             -61.30 
# 
_pdbx_struct_mod_residue.id               1 
_pdbx_struct_mod_residue.label_asym_id    B 
_pdbx_struct_mod_residue.label_comp_id    MAA 
_pdbx_struct_mod_residue.label_seq_id     1 
_pdbx_struct_mod_residue.auth_asym_id     B 
_pdbx_struct_mod_residue.auth_comp_id     MAA 
_pdbx_struct_mod_residue.auth_seq_id      1 
_pdbx_struct_mod_residue.PDB_ins_code     ? 
_pdbx_struct_mod_residue.parent_comp_id   ALA 
_pdbx_struct_mod_residue.details          N-METHYL-L-ALANINE 
# 
_pdbx_distant_solvent_atoms.id                                1 
_pdbx_distant_solvent_atoms.PDB_model_num                     1 
_pdbx_distant_solvent_atoms.auth_atom_id                      O 
_pdbx_distant_solvent_atoms.label_alt_id                      ? 
_pdbx_distant_solvent_atoms.auth_asym_id                      A 
_pdbx_distant_solvent_atoms.auth_comp_id                      HOH 
_pdbx_distant_solvent_atoms.auth_seq_id                       2056 
_pdbx_distant_solvent_atoms.PDB_ins_code                      ? 
_pdbx_distant_solvent_atoms.neighbor_macromolecule_distance   6.02 
_pdbx_distant_solvent_atoms.neighbor_ligand_distance          . 
# 
loop_
_chem_comp_atom.comp_id 
_chem_comp_atom.atom_id 
_chem_comp_atom.type_symbol 
_chem_comp_atom.pdbx_aromatic_flag 
_chem_comp_atom.pdbx_stereo_config 
_chem_comp_atom.pdbx_ordinal 
15P OXT  O  N N 1   
15P C1   C  N N 2   
15P C2   C  N N 3   
15P O1   O  N N 4   
15P C3   C  N N 5   
15P C4   C  N N 6   
15P O2   O  N N 7   
15P C5   C  N N 8   
15P C6   C  N N 9   
15P O3   O  N N 10  
15P C7   C  N N 11  
15P C8   C  N N 12  
15P O4   O  N N 13  
15P C9   C  N N 14  
15P C10  C  N N 15  
15P O5   O  N N 16  
15P C11  C  N N 17  
15P C12  C  N N 18  
15P O6   O  N N 19  
15P C13  C  N N 20  
15P C14  C  N N 21  
15P O7   O  N N 22  
15P C15  C  N N 23  
15P C16  C  N N 24  
15P O8   O  N N 25  
15P C17  C  N N 26  
15P C18  C  N N 27  
15P O9   O  N N 28  
15P C19  C  N N 29  
15P C20  C  N N 30  
15P O10  O  N N 31  
15P C21  C  N N 32  
15P C22  C  N N 33  
15P O11  O  N N 34  
15P C23  C  N N 35  
15P C24  C  N N 36  
15P O12  O  N N 37  
15P C25  C  N N 38  
15P C26  C  N N 39  
15P O13  O  N N 40  
15P C27  C  N N 41  
15P C28  C  N N 42  
15P O14  O  N N 43  
15P C29  C  N N 44  
15P C30  C  N N 45  
15P O15  O  N N 46  
15P C31  C  N N 47  
15P C32  C  N N 48  
15P O16  O  N N 49  
15P C33  C  N N 50  
15P C34  C  N N 51  
15P O17  O  N N 52  
15P C35  C  N N 53  
15P C36  C  N N 54  
15P O18  O  N N 55  
15P C37  C  N N 56  
15P C38  C  N N 57  
15P O19  O  N N 58  
15P C39  C  N N 59  
15P C40  C  N N 60  
15P O20  O  N N 61  
15P C41  C  N N 62  
15P C42  C  N N 63  
15P O21  O  N N 64  
15P C43  C  N N 65  
15P C44  C  N N 66  
15P O22  O  N N 67  
15P C45  C  N N 68  
15P C46  C  N N 69  
15P O23  O  N N 70  
15P C47  C  N N 71  
15P C48  C  N N 72  
15P O24  O  N N 73  
15P C49  C  N N 74  
15P C50  C  N N 75  
15P O25  O  N N 76  
15P C51  C  N N 77  
15P C52  C  N N 78  
15P O26  O  N N 79  
15P C53  C  N N 80  
15P C54  C  N N 81  
15P O27  O  N N 82  
15P C55  C  N N 83  
15P C56  C  N N 84  
15P O28  O  N N 85  
15P C57  C  N N 86  
15P C58  C  N N 87  
15P O29  O  N N 88  
15P C59  C  N N 89  
15P C60  C  N N 90  
15P O30  O  N N 91  
15P C61  C  N N 92  
15P C62  C  N N 93  
15P O31  O  N N 94  
15P C63  C  N N 95  
15P C64  C  N N 96  
15P O32  O  N N 97  
15P C65  C  N N 98  
15P C66  C  N N 99  
15P O33  O  N N 100 
15P C67  C  N N 101 
15P C68  C  N N 102 
15P O34  O  N N 103 
15P CM   C  N N 104 
15P HXT  H  N N 105 
15P H11  H  N N 106 
15P H21  H  N N 107 
15P H12  H  N N 108 
15P H22  H  N N 109 
15P H13  H  N N 110 
15P H23  H  N N 111 
15P H14  H  N N 112 
15P H24  H  N N 113 
15P H15  H  N N 114 
15P H25  H  N N 115 
15P H16  H  N N 116 
15P H26  H  N N 117 
15P H17  H  N N 118 
15P H27  H  N N 119 
15P H18  H  N N 120 
15P H28  H  N N 121 
15P H19  H  N N 122 
15P H29  H  N N 123 
15P H101 H  N N 124 
15P H102 H  N N 125 
15P H111 H  N N 126 
15P H112 H  N N 127 
15P H121 H  N N 128 
15P H122 H  N N 129 
15P H131 H  N N 130 
15P H132 H  N N 131 
15P H141 H  N N 132 
15P H142 H  N N 133 
15P H151 H  N N 134 
15P H152 H  N N 135 
15P H161 H  N N 136 
15P H162 H  N N 137 
15P H171 H  N N 138 
15P H172 H  N N 139 
15P H181 H  N N 140 
15P H182 H  N N 141 
15P H191 H  N N 142 
15P H192 H  N N 143 
15P H201 H  N N 144 
15P H202 H  N N 145 
15P H211 H  N N 146 
15P H212 H  N N 147 
15P H221 H  N N 148 
15P H222 H  N N 149 
15P H231 H  N N 150 
15P H232 H  N N 151 
15P H241 H  N N 152 
15P H242 H  N N 153 
15P H251 H  N N 154 
15P H252 H  N N 155 
15P H261 H  N N 156 
15P H262 H  N N 157 
15P H271 H  N N 158 
15P H272 H  N N 159 
15P H281 H  N N 160 
15P H282 H  N N 161 
15P H291 H  N N 162 
15P H292 H  N N 163 
15P H301 H  N N 164 
15P H302 H  N N 165 
15P H311 H  N N 166 
15P H312 H  N N 167 
15P H321 H  N N 168 
15P H322 H  N N 169 
15P H331 H  N N 170 
15P H332 H  N N 171 
15P H341 H  N N 172 
15P H342 H  N N 173 
15P H351 H  N N 174 
15P H352 H  N N 175 
15P H361 H  N N 176 
15P H362 H  N N 177 
15P H371 H  N N 178 
15P H372 H  N N 179 
15P H381 H  N N 180 
15P H382 H  N N 181 
15P H391 H  N N 182 
15P H392 H  N N 183 
15P H401 H  N N 184 
15P H402 H  N N 185 
15P H411 H  N N 186 
15P H412 H  N N 187 
15P H421 H  N N 188 
15P H422 H  N N 189 
15P H431 H  N N 190 
15P H432 H  N N 191 
15P H441 H  N N 192 
15P H442 H  N N 193 
15P H451 H  N N 194 
15P H452 H  N N 195 
15P H461 H  N N 196 
15P H462 H  N N 197 
15P H471 H  N N 198 
15P H472 H  N N 199 
15P H481 H  N N 200 
15P H482 H  N N 201 
15P H491 H  N N 202 
15P H492 H  N N 203 
15P H501 H  N N 204 
15P H502 H  N N 205 
15P H511 H  N N 206 
15P H512 H  N N 207 
15P H521 H  N N 208 
15P H522 H  N N 209 
15P H531 H  N N 210 
15P H532 H  N N 211 
15P H541 H  N N 212 
15P H542 H  N N 213 
15P H551 H  N N 214 
15P H552 H  N N 215 
15P H561 H  N N 216 
15P H562 H  N N 217 
15P H571 H  N N 218 
15P H572 H  N N 219 
15P H581 H  N N 220 
15P H582 H  N N 221 
15P H591 H  N N 222 
15P H592 H  N N 223 
15P H601 H  N N 224 
15P H602 H  N N 225 
15P H611 H  N N 226 
15P H612 H  N N 227 
15P H621 H  N N 228 
15P H622 H  N N 229 
15P H631 H  N N 230 
15P H632 H  N N 231 
15P H641 H  N N 232 
15P H642 H  N N 233 
15P H651 H  N N 234 
15P H652 H  N N 235 
15P H661 H  N N 236 
15P H662 H  N N 237 
15P H671 H  N N 238 
15P H672 H  N N 239 
15P H681 H  N N 240 
15P H682 H  N N 241 
15P HCM1 H  N N 242 
15P HCM2 H  N N 243 
15P HCM3 H  N N 244 
ALA N    N  N N 245 
ALA CA   C  N S 246 
ALA C    C  N N 247 
ALA O    O  N N 248 
ALA CB   C  N N 249 
ALA OXT  O  N N 250 
ALA H    H  N N 251 
ALA H2   H  N N 252 
ALA HA   H  N N 253 
ALA HB1  H  N N 254 
ALA HB2  H  N N 255 
ALA HB3  H  N N 256 
ALA HXT  H  N N 257 
ARG N    N  N N 258 
ARG CA   C  N S 259 
ARG C    C  N N 260 
ARG O    O  N N 261 
ARG CB   C  N N 262 
ARG CG   C  N N 263 
ARG CD   C  N N 264 
ARG NE   N  N N 265 
ARG CZ   C  N N 266 
ARG NH1  N  N N 267 
ARG NH2  N  N N 268 
ARG OXT  O  N N 269 
ARG H    H  N N 270 
ARG H2   H  N N 271 
ARG HA   H  N N 272 
ARG HB2  H  N N 273 
ARG HB3  H  N N 274 
ARG HG2  H  N N 275 
ARG HG3  H  N N 276 
ARG HD2  H  N N 277 
ARG HD3  H  N N 278 
ARG HE   H  N N 279 
ARG HH11 H  N N 280 
ARG HH12 H  N N 281 
ARG HH21 H  N N 282 
ARG HH22 H  N N 283 
ARG HXT  H  N N 284 
ASN N    N  N N 285 
ASN CA   C  N S 286 
ASN C    C  N N 287 
ASN O    O  N N 288 
ASN CB   C  N N 289 
ASN CG   C  N N 290 
ASN OD1  O  N N 291 
ASN ND2  N  N N 292 
ASN OXT  O  N N 293 
ASN H    H  N N 294 
ASN H2   H  N N 295 
ASN HA   H  N N 296 
ASN HB2  H  N N 297 
ASN HB3  H  N N 298 
ASN HD21 H  N N 299 
ASN HD22 H  N N 300 
ASN HXT  H  N N 301 
ASP N    N  N N 302 
ASP CA   C  N S 303 
ASP C    C  N N 304 
ASP O    O  N N 305 
ASP CB   C  N N 306 
ASP CG   C  N N 307 
ASP OD1  O  N N 308 
ASP OD2  O  N N 309 
ASP OXT  O  N N 310 
ASP H    H  N N 311 
ASP H2   H  N N 312 
ASP HA   H  N N 313 
ASP HB2  H  N N 314 
ASP HB3  H  N N 315 
ASP HD2  H  N N 316 
ASP HXT  H  N N 317 
CYS N    N  N N 318 
CYS CA   C  N R 319 
CYS C    C  N N 320 
CYS O    O  N N 321 
CYS CB   C  N N 322 
CYS SG   S  N N 323 
CYS OXT  O  N N 324 
CYS H    H  N N 325 
CYS H2   H  N N 326 
CYS HA   H  N N 327 
CYS HB2  H  N N 328 
CYS HB3  H  N N 329 
CYS HG   H  N N 330 
CYS HXT  H  N N 331 
GLN N    N  N N 332 
GLN CA   C  N S 333 
GLN C    C  N N 334 
GLN O    O  N N 335 
GLN CB   C  N N 336 
GLN CG   C  N N 337 
GLN CD   C  N N 338 
GLN OE1  O  N N 339 
GLN NE2  N  N N 340 
GLN OXT  O  N N 341 
GLN H    H  N N 342 
GLN H2   H  N N 343 
GLN HA   H  N N 344 
GLN HB2  H  N N 345 
GLN HB3  H  N N 346 
GLN HG2  H  N N 347 
GLN HG3  H  N N 348 
GLN HE21 H  N N 349 
GLN HE22 H  N N 350 
GLN HXT  H  N N 351 
GLU N    N  N N 352 
GLU CA   C  N S 353 
GLU C    C  N N 354 
GLU O    O  N N 355 
GLU CB   C  N N 356 
GLU CG   C  N N 357 
GLU CD   C  N N 358 
GLU OE1  O  N N 359 
GLU OE2  O  N N 360 
GLU OXT  O  N N 361 
GLU H    H  N N 362 
GLU H2   H  N N 363 
GLU HA   H  N N 364 
GLU HB2  H  N N 365 
GLU HB3  H  N N 366 
GLU HG2  H  N N 367 
GLU HG3  H  N N 368 
GLU HE2  H  N N 369 
GLU HXT  H  N N 370 
GLY N    N  N N 371 
GLY CA   C  N N 372 
GLY C    C  N N 373 
GLY O    O  N N 374 
GLY OXT  O  N N 375 
GLY H    H  N N 376 
GLY H2   H  N N 377 
GLY HA2  H  N N 378 
GLY HA3  H  N N 379 
GLY HXT  H  N N 380 
HIS N    N  N N 381 
HIS CA   C  N S 382 
HIS C    C  N N 383 
HIS O    O  N N 384 
HIS CB   C  N N 385 
HIS CG   C  Y N 386 
HIS ND1  N  Y N 387 
HIS CD2  C  Y N 388 
HIS CE1  C  Y N 389 
HIS NE2  N  Y N 390 
HIS OXT  O  N N 391 
HIS H    H  N N 392 
HIS H2   H  N N 393 
HIS HA   H  N N 394 
HIS HB2  H  N N 395 
HIS HB3  H  N N 396 
HIS HD1  H  N N 397 
HIS HD2  H  N N 398 
HIS HE1  H  N N 399 
HIS HE2  H  N N 400 
HIS HXT  H  N N 401 
HOH O    O  N N 402 
HOH H1   H  N N 403 
HOH H2   H  N N 404 
ILE N    N  N N 405 
ILE CA   C  N S 406 
ILE C    C  N N 407 
ILE O    O  N N 408 
ILE CB   C  N S 409 
ILE CG1  C  N N 410 
ILE CG2  C  N N 411 
ILE CD1  C  N N 412 
ILE OXT  O  N N 413 
ILE H    H  N N 414 
ILE H2   H  N N 415 
ILE HA   H  N N 416 
ILE HB   H  N N 417 
ILE HG12 H  N N 418 
ILE HG13 H  N N 419 
ILE HG21 H  N N 420 
ILE HG22 H  N N 421 
ILE HG23 H  N N 422 
ILE HD11 H  N N 423 
ILE HD12 H  N N 424 
ILE HD13 H  N N 425 
ILE HXT  H  N N 426 
LEU N    N  N N 427 
LEU CA   C  N S 428 
LEU C    C  N N 429 
LEU O    O  N N 430 
LEU CB   C  N N 431 
LEU CG   C  N N 432 
LEU CD1  C  N N 433 
LEU CD2  C  N N 434 
LEU OXT  O  N N 435 
LEU H    H  N N 436 
LEU H2   H  N N 437 
LEU HA   H  N N 438 
LEU HB2  H  N N 439 
LEU HB3  H  N N 440 
LEU HG   H  N N 441 
LEU HD11 H  N N 442 
LEU HD12 H  N N 443 
LEU HD13 H  N N 444 
LEU HD21 H  N N 445 
LEU HD22 H  N N 446 
LEU HD23 H  N N 447 
LEU HXT  H  N N 448 
LYS N    N  N N 449 
LYS CA   C  N S 450 
LYS C    C  N N 451 
LYS O    O  N N 452 
LYS CB   C  N N 453 
LYS CG   C  N N 454 
LYS CD   C  N N 455 
LYS CE   C  N N 456 
LYS NZ   N  N N 457 
LYS OXT  O  N N 458 
LYS H    H  N N 459 
LYS H2   H  N N 460 
LYS HA   H  N N 461 
LYS HB2  H  N N 462 
LYS HB3  H  N N 463 
LYS HG2  H  N N 464 
LYS HG3  H  N N 465 
LYS HD2  H  N N 466 
LYS HD3  H  N N 467 
LYS HE2  H  N N 468 
LYS HE3  H  N N 469 
LYS HZ1  H  N N 470 
LYS HZ2  H  N N 471 
LYS HZ3  H  N N 472 
LYS HXT  H  N N 473 
MAA N    N  N N 474 
MAA CM   C  N N 475 
MAA CA   C  N S 476 
MAA CB   C  N N 477 
MAA C    C  N N 478 
MAA O    O  N N 479 
MAA OXT  O  N N 480 
MAA H    H  N N 481 
MAA HM1  H  N N 482 
MAA HM2  H  N N 483 
MAA HM3  H  N N 484 
MAA HA   H  N N 485 
MAA HB1  H  N N 486 
MAA HB2  H  N N 487 
MAA HB3  H  N N 488 
MAA HXT  H  N N 489 
MET N    N  N N 490 
MET CA   C  N S 491 
MET C    C  N N 492 
MET O    O  N N 493 
MET CB   C  N N 494 
MET CG   C  N N 495 
MET SD   S  N N 496 
MET CE   C  N N 497 
MET OXT  O  N N 498 
MET H    H  N N 499 
MET H2   H  N N 500 
MET HA   H  N N 501 
MET HB2  H  N N 502 
MET HB3  H  N N 503 
MET HG2  H  N N 504 
MET HG3  H  N N 505 
MET HE1  H  N N 506 
MET HE2  H  N N 507 
MET HE3  H  N N 508 
MET HXT  H  N N 509 
PHE N    N  N N 510 
PHE CA   C  N S 511 
PHE C    C  N N 512 
PHE O    O  N N 513 
PHE CB   C  N N 514 
PHE CG   C  Y N 515 
PHE CD1  C  Y N 516 
PHE CD2  C  Y N 517 
PHE CE1  C  Y N 518 
PHE CE2  C  Y N 519 
PHE CZ   C  Y N 520 
PHE OXT  O  N N 521 
PHE H    H  N N 522 
PHE H2   H  N N 523 
PHE HA   H  N N 524 
PHE HB2  H  N N 525 
PHE HB3  H  N N 526 
PHE HD1  H  N N 527 
PHE HD2  H  N N 528 
PHE HE1  H  N N 529 
PHE HE2  H  N N 530 
PHE HZ   H  N N 531 
PHE HXT  H  N N 532 
PRO N    N  N N 533 
PRO CA   C  N S 534 
PRO C    C  N N 535 
PRO O    O  N N 536 
PRO CB   C  N N 537 
PRO CG   C  N N 538 
PRO CD   C  N N 539 
PRO OXT  O  N N 540 
PRO H    H  N N 541 
PRO HA   H  N N 542 
PRO HB2  H  N N 543 
PRO HB3  H  N N 544 
PRO HG2  H  N N 545 
PRO HG3  H  N N 546 
PRO HD2  H  N N 547 
PRO HD3  H  N N 548 
PRO HXT  H  N N 549 
SER N    N  N N 550 
SER CA   C  N S 551 
SER C    C  N N 552 
SER O    O  N N 553 
SER CB   C  N N 554 
SER OG   O  N N 555 
SER OXT  O  N N 556 
SER H    H  N N 557 
SER H2   H  N N 558 
SER HA   H  N N 559 
SER HB2  H  N N 560 
SER HB3  H  N N 561 
SER HG   H  N N 562 
SER HXT  H  N N 563 
THR N    N  N N 564 
THR CA   C  N S 565 
THR C    C  N N 566 
THR O    O  N N 567 
THR CB   C  N R 568 
THR OG1  O  N N 569 
THR CG2  C  N N 570 
THR OXT  O  N N 571 
THR H    H  N N 572 
THR H2   H  N N 573 
THR HA   H  N N 574 
THR HB   H  N N 575 
THR HG1  H  N N 576 
THR HG21 H  N N 577 
THR HG22 H  N N 578 
THR HG23 H  N N 579 
THR HXT  H  N N 580 
TRP N    N  N N 581 
TRP CA   C  N S 582 
TRP C    C  N N 583 
TRP O    O  N N 584 
TRP CB   C  N N 585 
TRP CG   C  Y N 586 
TRP CD1  C  Y N 587 
TRP CD2  C  Y N 588 
TRP NE1  N  Y N 589 
TRP CE2  C  Y N 590 
TRP CE3  C  Y N 591 
TRP CZ2  C  Y N 592 
TRP CZ3  C  Y N 593 
TRP CH2  C  Y N 594 
TRP OXT  O  N N 595 
TRP H    H  N N 596 
TRP H2   H  N N 597 
TRP HA   H  N N 598 
TRP HB2  H  N N 599 
TRP HB3  H  N N 600 
TRP HD1  H  N N 601 
TRP HE1  H  N N 602 
TRP HE3  H  N N 603 
TRP HZ2  H  N N 604 
TRP HZ3  H  N N 605 
TRP HH2  H  N N 606 
TRP HXT  H  N N 607 
TYR N    N  N N 608 
TYR CA   C  N S 609 
TYR C    C  N N 610 
TYR O    O  N N 611 
TYR CB   C  N N 612 
TYR CG   C  Y N 613 
TYR CD1  C  Y N 614 
TYR CD2  C  Y N 615 
TYR CE1  C  Y N 616 
TYR CE2  C  Y N 617 
TYR CZ   C  Y N 618 
TYR OH   O  N N 619 
TYR OXT  O  N N 620 
TYR H    H  N N 621 
TYR H2   H  N N 622 
TYR HA   H  N N 623 
TYR HB2  H  N N 624 
TYR HB3  H  N N 625 
TYR HD1  H  N N 626 
TYR HD2  H  N N 627 
TYR HE1  H  N N 628 
TYR HE2  H  N N 629 
TYR HH   H  N N 630 
TYR HXT  H  N N 631 
VAL N    N  N N 632 
VAL CA   C  N S 633 
VAL C    C  N N 634 
VAL O    O  N N 635 
VAL CB   C  N N 636 
VAL CG1  C  N N 637 
VAL CG2  C  N N 638 
VAL OXT  O  N N 639 
VAL H    H  N N 640 
VAL H2   H  N N 641 
VAL HA   H  N N 642 
VAL HB   H  N N 643 
VAL HG11 H  N N 644 
VAL HG12 H  N N 645 
VAL HG13 H  N N 646 
VAL HG21 H  N N 647 
VAL HG22 H  N N 648 
VAL HG23 H  N N 649 
VAL HXT  H  N N 650 
ZN  ZN   ZN N N 651 
# 
loop_
_chem_comp_bond.comp_id 
_chem_comp_bond.atom_id_1 
_chem_comp_bond.atom_id_2 
_chem_comp_bond.value_order 
_chem_comp_bond.pdbx_aromatic_flag 
_chem_comp_bond.pdbx_stereo_config 
_chem_comp_bond.pdbx_ordinal 
15P OXT C1   sing N N 1   
15P OXT HXT  sing N N 2   
15P C1  C2   sing N N 3   
15P C1  H11  sing N N 4   
15P C1  H21  sing N N 5   
15P C2  O1   sing N N 6   
15P C2  H12  sing N N 7   
15P C2  H22  sing N N 8   
15P O1  C3   sing N N 9   
15P C3  C4   sing N N 10  
15P C3  H13  sing N N 11  
15P C3  H23  sing N N 12  
15P C4  O2   sing N N 13  
15P C4  H14  sing N N 14  
15P C4  H24  sing N N 15  
15P O2  C5   sing N N 16  
15P C5  C6   sing N N 17  
15P C5  H15  sing N N 18  
15P C5  H25  sing N N 19  
15P C6  O3   sing N N 20  
15P C6  H16  sing N N 21  
15P C6  H26  sing N N 22  
15P O3  C7   sing N N 23  
15P C7  C8   sing N N 24  
15P C7  H17  sing N N 25  
15P C7  H27  sing N N 26  
15P C8  O4   sing N N 27  
15P C8  H18  sing N N 28  
15P C8  H28  sing N N 29  
15P O4  C9   sing N N 30  
15P C9  C10  sing N N 31  
15P C9  H19  sing N N 32  
15P C9  H29  sing N N 33  
15P C10 O5   sing N N 34  
15P C10 H101 sing N N 35  
15P C10 H102 sing N N 36  
15P O5  C11  sing N N 37  
15P C11 C12  sing N N 38  
15P C11 H111 sing N N 39  
15P C11 H112 sing N N 40  
15P C12 O6   sing N N 41  
15P C12 H121 sing N N 42  
15P C12 H122 sing N N 43  
15P O6  C13  sing N N 44  
15P C13 C14  sing N N 45  
15P C13 H131 sing N N 46  
15P C13 H132 sing N N 47  
15P C14 O7   sing N N 48  
15P C14 H141 sing N N 49  
15P C14 H142 sing N N 50  
15P O7  C15  sing N N 51  
15P C15 C16  sing N N 52  
15P C15 H151 sing N N 53  
15P C15 H152 sing N N 54  
15P C16 O8   sing N N 55  
15P C16 H161 sing N N 56  
15P C16 H162 sing N N 57  
15P O8  C17  sing N N 58  
15P C17 C18  sing N N 59  
15P C17 H171 sing N N 60  
15P C17 H172 sing N N 61  
15P C18 O9   sing N N 62  
15P C18 H181 sing N N 63  
15P C18 H182 sing N N 64  
15P O9  C19  sing N N 65  
15P C19 C20  sing N N 66  
15P C19 H191 sing N N 67  
15P C19 H192 sing N N 68  
15P C20 O10  sing N N 69  
15P C20 H201 sing N N 70  
15P C20 H202 sing N N 71  
15P O10 C21  sing N N 72  
15P C21 C22  sing N N 73  
15P C21 H211 sing N N 74  
15P C21 H212 sing N N 75  
15P C22 O11  sing N N 76  
15P C22 H221 sing N N 77  
15P C22 H222 sing N N 78  
15P O11 C23  sing N N 79  
15P C23 C24  sing N N 80  
15P C23 H231 sing N N 81  
15P C23 H232 sing N N 82  
15P C24 O12  sing N N 83  
15P C24 H241 sing N N 84  
15P C24 H242 sing N N 85  
15P O12 C25  sing N N 86  
15P C25 C26  sing N N 87  
15P C25 H251 sing N N 88  
15P C25 H252 sing N N 89  
15P C26 O13  sing N N 90  
15P C26 H261 sing N N 91  
15P C26 H262 sing N N 92  
15P O13 C27  sing N N 93  
15P C27 C28  sing N N 94  
15P C27 H271 sing N N 95  
15P C27 H272 sing N N 96  
15P C28 O14  sing N N 97  
15P C28 H281 sing N N 98  
15P C28 H282 sing N N 99  
15P O14 C29  sing N N 100 
15P C29 C30  sing N N 101 
15P C29 H291 sing N N 102 
15P C29 H292 sing N N 103 
15P C30 O15  sing N N 104 
15P C30 H301 sing N N 105 
15P C30 H302 sing N N 106 
15P O15 C31  sing N N 107 
15P C31 C32  sing N N 108 
15P C31 H311 sing N N 109 
15P C31 H312 sing N N 110 
15P C32 O16  sing N N 111 
15P C32 H321 sing N N 112 
15P C32 H322 sing N N 113 
15P O16 C33  sing N N 114 
15P C33 C34  sing N N 115 
15P C33 H331 sing N N 116 
15P C33 H332 sing N N 117 
15P C34 O17  sing N N 118 
15P C34 H341 sing N N 119 
15P C34 H342 sing N N 120 
15P O17 C35  sing N N 121 
15P C35 C36  sing N N 122 
15P C35 H351 sing N N 123 
15P C35 H352 sing N N 124 
15P C36 O18  sing N N 125 
15P C36 H361 sing N N 126 
15P C36 H362 sing N N 127 
15P O18 C37  sing N N 128 
15P C37 C38  sing N N 129 
15P C37 H371 sing N N 130 
15P C37 H372 sing N N 131 
15P C38 O19  sing N N 132 
15P C38 H381 sing N N 133 
15P C38 H382 sing N N 134 
15P O19 C39  sing N N 135 
15P C39 C40  sing N N 136 
15P C39 H391 sing N N 137 
15P C39 H392 sing N N 138 
15P C40 O20  sing N N 139 
15P C40 H401 sing N N 140 
15P C40 H402 sing N N 141 
15P O20 C41  sing N N 142 
15P C41 C42  sing N N 143 
15P C41 H411 sing N N 144 
15P C41 H412 sing N N 145 
15P C42 O21  sing N N 146 
15P C42 H421 sing N N 147 
15P C42 H422 sing N N 148 
15P O21 C43  sing N N 149 
15P C43 C44  sing N N 150 
15P C43 H431 sing N N 151 
15P C43 H432 sing N N 152 
15P C44 O22  sing N N 153 
15P C44 H441 sing N N 154 
15P C44 H442 sing N N 155 
15P O22 C45  sing N N 156 
15P C45 C46  sing N N 157 
15P C45 H451 sing N N 158 
15P C45 H452 sing N N 159 
15P C46 O23  sing N N 160 
15P C46 H461 sing N N 161 
15P C46 H462 sing N N 162 
15P O23 C47  sing N N 163 
15P C47 C48  sing N N 164 
15P C47 H471 sing N N 165 
15P C47 H472 sing N N 166 
15P C48 O24  sing N N 167 
15P C48 H481 sing N N 168 
15P C48 H482 sing N N 169 
15P O24 C49  sing N N 170 
15P C49 C50  sing N N 171 
15P C49 H491 sing N N 172 
15P C49 H492 sing N N 173 
15P C50 O25  sing N N 174 
15P C50 H501 sing N N 175 
15P C50 H502 sing N N 176 
15P O25 C51  sing N N 177 
15P C51 C52  sing N N 178 
15P C51 H511 sing N N 179 
15P C51 H512 sing N N 180 
15P C52 O26  sing N N 181 
15P C52 H521 sing N N 182 
15P C52 H522 sing N N 183 
15P O26 C53  sing N N 184 
15P C53 C54  sing N N 185 
15P C53 H531 sing N N 186 
15P C53 H532 sing N N 187 
15P C54 O27  sing N N 188 
15P C54 H541 sing N N 189 
15P C54 H542 sing N N 190 
15P O27 C55  sing N N 191 
15P C55 C56  sing N N 192 
15P C55 H551 sing N N 193 
15P C55 H552 sing N N 194 
15P C56 O28  sing N N 195 
15P C56 H561 sing N N 196 
15P C56 H562 sing N N 197 
15P O28 C57  sing N N 198 
15P C57 C58  sing N N 199 
15P C57 H571 sing N N 200 
15P C57 H572 sing N N 201 
15P C58 O29  sing N N 202 
15P C58 H581 sing N N 203 
15P C58 H582 sing N N 204 
15P O29 C59  sing N N 205 
15P C59 C60  sing N N 206 
15P C59 H591 sing N N 207 
15P C59 H592 sing N N 208 
15P C60 O30  sing N N 209 
15P C60 H601 sing N N 210 
15P C60 H602 sing N N 211 
15P O30 C61  sing N N 212 
15P C61 C62  sing N N 213 
15P C61 H611 sing N N 214 
15P C61 H612 sing N N 215 
15P C62 O31  sing N N 216 
15P C62 H621 sing N N 217 
15P C62 H622 sing N N 218 
15P O31 C63  sing N N 219 
15P C63 C64  sing N N 220 
15P C63 H631 sing N N 221 
15P C63 H632 sing N N 222 
15P C64 O32  sing N N 223 
15P C64 H641 sing N N 224 
15P C64 H642 sing N N 225 
15P O32 C65  sing N N 226 
15P C65 C66  sing N N 227 
15P C65 H651 sing N N 228 
15P C65 H652 sing N N 229 
15P C66 O33  sing N N 230 
15P C66 H661 sing N N 231 
15P C66 H662 sing N N 232 
15P O33 C67  sing N N 233 
15P C67 C68  sing N N 234 
15P C67 H671 sing N N 235 
15P C67 H672 sing N N 236 
15P C68 O34  sing N N 237 
15P C68 H681 sing N N 238 
15P C68 H682 sing N N 239 
15P O34 CM   sing N N 240 
15P CM  HCM1 sing N N 241 
15P CM  HCM2 sing N N 242 
15P CM  HCM3 sing N N 243 
ALA N   CA   sing N N 244 
ALA N   H    sing N N 245 
ALA N   H2   sing N N 246 
ALA CA  C    sing N N 247 
ALA CA  CB   sing N N 248 
ALA CA  HA   sing N N 249 
ALA C   O    doub N N 250 
ALA C   OXT  sing N N 251 
ALA CB  HB1  sing N N 252 
ALA CB  HB2  sing N N 253 
ALA CB  HB3  sing N N 254 
ALA OXT HXT  sing N N 255 
ARG N   CA   sing N N 256 
ARG N   H    sing N N 257 
ARG N   H2   sing N N 258 
ARG CA  C    sing N N 259 
ARG CA  CB   sing N N 260 
ARG CA  HA   sing N N 261 
ARG C   O    doub N N 262 
ARG C   OXT  sing N N 263 
ARG CB  CG   sing N N 264 
ARG CB  HB2  sing N N 265 
ARG CB  HB3  sing N N 266 
ARG CG  CD   sing N N 267 
ARG CG  HG2  sing N N 268 
ARG CG  HG3  sing N N 269 
ARG CD  NE   sing N N 270 
ARG CD  HD2  sing N N 271 
ARG CD  HD3  sing N N 272 
ARG NE  CZ   sing N N 273 
ARG NE  HE   sing N N 274 
ARG CZ  NH1  sing N N 275 
ARG CZ  NH2  doub N N 276 
ARG NH1 HH11 sing N N 277 
ARG NH1 HH12 sing N N 278 
ARG NH2 HH21 sing N N 279 
ARG NH2 HH22 sing N N 280 
ARG OXT HXT  sing N N 281 
ASN N   CA   sing N N 282 
ASN N   H    sing N N 283 
ASN N   H2   sing N N 284 
ASN CA  C    sing N N 285 
ASN CA  CB   sing N N 286 
ASN CA  HA   sing N N 287 
ASN C   O    doub N N 288 
ASN C   OXT  sing N N 289 
ASN CB  CG   sing N N 290 
ASN CB  HB2  sing N N 291 
ASN CB  HB3  sing N N 292 
ASN CG  OD1  doub N N 293 
ASN CG  ND2  sing N N 294 
ASN ND2 HD21 sing N N 295 
ASN ND2 HD22 sing N N 296 
ASN OXT HXT  sing N N 297 
ASP N   CA   sing N N 298 
ASP N   H    sing N N 299 
ASP N   H2   sing N N 300 
ASP CA  C    sing N N 301 
ASP CA  CB   sing N N 302 
ASP CA  HA   sing N N 303 
ASP C   O    doub N N 304 
ASP C   OXT  sing N N 305 
ASP CB  CG   sing N N 306 
ASP CB  HB2  sing N N 307 
ASP CB  HB3  sing N N 308 
ASP CG  OD1  doub N N 309 
ASP CG  OD2  sing N N 310 
ASP OD2 HD2  sing N N 311 
ASP OXT HXT  sing N N 312 
CYS N   CA   sing N N 313 
CYS N   H    sing N N 314 
CYS N   H2   sing N N 315 
CYS CA  C    sing N N 316 
CYS CA  CB   sing N N 317 
CYS CA  HA   sing N N 318 
CYS C   O    doub N N 319 
CYS C   OXT  sing N N 320 
CYS CB  SG   sing N N 321 
CYS CB  HB2  sing N N 322 
CYS CB  HB3  sing N N 323 
CYS SG  HG   sing N N 324 
CYS OXT HXT  sing N N 325 
GLN N   CA   sing N N 326 
GLN N   H    sing N N 327 
GLN N   H2   sing N N 328 
GLN CA  C    sing N N 329 
GLN CA  CB   sing N N 330 
GLN CA  HA   sing N N 331 
GLN C   O    doub N N 332 
GLN C   OXT  sing N N 333 
GLN CB  CG   sing N N 334 
GLN CB  HB2  sing N N 335 
GLN CB  HB3  sing N N 336 
GLN CG  CD   sing N N 337 
GLN CG  HG2  sing N N 338 
GLN CG  HG3  sing N N 339 
GLN CD  OE1  doub N N 340 
GLN CD  NE2  sing N N 341 
GLN NE2 HE21 sing N N 342 
GLN NE2 HE22 sing N N 343 
GLN OXT HXT  sing N N 344 
GLU N   CA   sing N N 345 
GLU N   H    sing N N 346 
GLU N   H2   sing N N 347 
GLU CA  C    sing N N 348 
GLU CA  CB   sing N N 349 
GLU CA  HA   sing N N 350 
GLU C   O    doub N N 351 
GLU C   OXT  sing N N 352 
GLU CB  CG   sing N N 353 
GLU CB  HB2  sing N N 354 
GLU CB  HB3  sing N N 355 
GLU CG  CD   sing N N 356 
GLU CG  HG2  sing N N 357 
GLU CG  HG3  sing N N 358 
GLU CD  OE1  doub N N 359 
GLU CD  OE2  sing N N 360 
GLU OE2 HE2  sing N N 361 
GLU OXT HXT  sing N N 362 
GLY N   CA   sing N N 363 
GLY N   H    sing N N 364 
GLY N   H2   sing N N 365 
GLY CA  C    sing N N 366 
GLY CA  HA2  sing N N 367 
GLY CA  HA3  sing N N 368 
GLY C   O    doub N N 369 
GLY C   OXT  sing N N 370 
GLY OXT HXT  sing N N 371 
HIS N   CA   sing N N 372 
HIS N   H    sing N N 373 
HIS N   H2   sing N N 374 
HIS CA  C    sing N N 375 
HIS CA  CB   sing N N 376 
HIS CA  HA   sing N N 377 
HIS C   O    doub N N 378 
HIS C   OXT  sing N N 379 
HIS CB  CG   sing N N 380 
HIS CB  HB2  sing N N 381 
HIS CB  HB3  sing N N 382 
HIS CG  ND1  sing Y N 383 
HIS CG  CD2  doub Y N 384 
HIS ND1 CE1  doub Y N 385 
HIS ND1 HD1  sing N N 386 
HIS CD2 NE2  sing Y N 387 
HIS CD2 HD2  sing N N 388 
HIS CE1 NE2  sing Y N 389 
HIS CE1 HE1  sing N N 390 
HIS NE2 HE2  sing N N 391 
HIS OXT HXT  sing N N 392 
HOH O   H1   sing N N 393 
HOH O   H2   sing N N 394 
ILE N   CA   sing N N 395 
ILE N   H    sing N N 396 
ILE N   H2   sing N N 397 
ILE CA  C    sing N N 398 
ILE CA  CB   sing N N 399 
ILE CA  HA   sing N N 400 
ILE C   O    doub N N 401 
ILE C   OXT  sing N N 402 
ILE CB  CG1  sing N N 403 
ILE CB  CG2  sing N N 404 
ILE CB  HB   sing N N 405 
ILE CG1 CD1  sing N N 406 
ILE CG1 HG12 sing N N 407 
ILE CG1 HG13 sing N N 408 
ILE CG2 HG21 sing N N 409 
ILE CG2 HG22 sing N N 410 
ILE CG2 HG23 sing N N 411 
ILE CD1 HD11 sing N N 412 
ILE CD1 HD12 sing N N 413 
ILE CD1 HD13 sing N N 414 
ILE OXT HXT  sing N N 415 
LEU N   CA   sing N N 416 
LEU N   H    sing N N 417 
LEU N   H2   sing N N 418 
LEU CA  C    sing N N 419 
LEU CA  CB   sing N N 420 
LEU CA  HA   sing N N 421 
LEU C   O    doub N N 422 
LEU C   OXT  sing N N 423 
LEU CB  CG   sing N N 424 
LEU CB  HB2  sing N N 425 
LEU CB  HB3  sing N N 426 
LEU CG  CD1  sing N N 427 
LEU CG  CD2  sing N N 428 
LEU CG  HG   sing N N 429 
LEU CD1 HD11 sing N N 430 
LEU CD1 HD12 sing N N 431 
LEU CD1 HD13 sing N N 432 
LEU CD2 HD21 sing N N 433 
LEU CD2 HD22 sing N N 434 
LEU CD2 HD23 sing N N 435 
LEU OXT HXT  sing N N 436 
LYS N   CA   sing N N 437 
LYS N   H    sing N N 438 
LYS N   H2   sing N N 439 
LYS CA  C    sing N N 440 
LYS CA  CB   sing N N 441 
LYS CA  HA   sing N N 442 
LYS C   O    doub N N 443 
LYS C   OXT  sing N N 444 
LYS CB  CG   sing N N 445 
LYS CB  HB2  sing N N 446 
LYS CB  HB3  sing N N 447 
LYS CG  CD   sing N N 448 
LYS CG  HG2  sing N N 449 
LYS CG  HG3  sing N N 450 
LYS CD  CE   sing N N 451 
LYS CD  HD2  sing N N 452 
LYS CD  HD3  sing N N 453 
LYS CE  NZ   sing N N 454 
LYS CE  HE2  sing N N 455 
LYS CE  HE3  sing N N 456 
LYS NZ  HZ1  sing N N 457 
LYS NZ  HZ2  sing N N 458 
LYS NZ  HZ3  sing N N 459 
LYS OXT HXT  sing N N 460 
MAA N   CM   sing N N 461 
MAA N   CA   sing N N 462 
MAA N   H    sing N N 463 
MAA CM  HM1  sing N N 464 
MAA CM  HM2  sing N N 465 
MAA CM  HM3  sing N N 466 
MAA CA  CB   sing N N 467 
MAA CA  C    sing N N 468 
MAA CA  HA   sing N N 469 
MAA CB  HB1  sing N N 470 
MAA CB  HB2  sing N N 471 
MAA CB  HB3  sing N N 472 
MAA C   O    doub N N 473 
MAA C   OXT  sing N N 474 
MAA OXT HXT  sing N N 475 
MET N   CA   sing N N 476 
MET N   H    sing N N 477 
MET N   H2   sing N N 478 
MET CA  C    sing N N 479 
MET CA  CB   sing N N 480 
MET CA  HA   sing N N 481 
MET C   O    doub N N 482 
MET C   OXT  sing N N 483 
MET CB  CG   sing N N 484 
MET CB  HB2  sing N N 485 
MET CB  HB3  sing N N 486 
MET CG  SD   sing N N 487 
MET CG  HG2  sing N N 488 
MET CG  HG3  sing N N 489 
MET SD  CE   sing N N 490 
MET CE  HE1  sing N N 491 
MET CE  HE2  sing N N 492 
MET CE  HE3  sing N N 493 
MET OXT HXT  sing N N 494 
PHE N   CA   sing N N 495 
PHE N   H    sing N N 496 
PHE N   H2   sing N N 497 
PHE CA  C    sing N N 498 
PHE CA  CB   sing N N 499 
PHE CA  HA   sing N N 500 
PHE C   O    doub N N 501 
PHE C   OXT  sing N N 502 
PHE CB  CG   sing N N 503 
PHE CB  HB2  sing N N 504 
PHE CB  HB3  sing N N 505 
PHE CG  CD1  doub Y N 506 
PHE CG  CD2  sing Y N 507 
PHE CD1 CE1  sing Y N 508 
PHE CD1 HD1  sing N N 509 
PHE CD2 CE2  doub Y N 510 
PHE CD2 HD2  sing N N 511 
PHE CE1 CZ   doub Y N 512 
PHE CE1 HE1  sing N N 513 
PHE CE2 CZ   sing Y N 514 
PHE CE2 HE2  sing N N 515 
PHE CZ  HZ   sing N N 516 
PHE OXT HXT  sing N N 517 
PRO N   CA   sing N N 518 
PRO N   CD   sing N N 519 
PRO N   H    sing N N 520 
PRO CA  C    sing N N 521 
PRO CA  CB   sing N N 522 
PRO CA  HA   sing N N 523 
PRO C   O    doub N N 524 
PRO C   OXT  sing N N 525 
PRO CB  CG   sing N N 526 
PRO CB  HB2  sing N N 527 
PRO CB  HB3  sing N N 528 
PRO CG  CD   sing N N 529 
PRO CG  HG2  sing N N 530 
PRO CG  HG3  sing N N 531 
PRO CD  HD2  sing N N 532 
PRO CD  HD3  sing N N 533 
PRO OXT HXT  sing N N 534 
SER N   CA   sing N N 535 
SER N   H    sing N N 536 
SER N   H2   sing N N 537 
SER CA  C    sing N N 538 
SER CA  CB   sing N N 539 
SER CA  HA   sing N N 540 
SER C   O    doub N N 541 
SER C   OXT  sing N N 542 
SER CB  OG   sing N N 543 
SER CB  HB2  sing N N 544 
SER CB  HB3  sing N N 545 
SER OG  HG   sing N N 546 
SER OXT HXT  sing N N 547 
THR N   CA   sing N N 548 
THR N   H    sing N N 549 
THR N   H2   sing N N 550 
THR CA  C    sing N N 551 
THR CA  CB   sing N N 552 
THR CA  HA   sing N N 553 
THR C   O    doub N N 554 
THR C   OXT  sing N N 555 
THR CB  OG1  sing N N 556 
THR CB  CG2  sing N N 557 
THR CB  HB   sing N N 558 
THR OG1 HG1  sing N N 559 
THR CG2 HG21 sing N N 560 
THR CG2 HG22 sing N N 561 
THR CG2 HG23 sing N N 562 
THR OXT HXT  sing N N 563 
TRP N   CA   sing N N 564 
TRP N   H    sing N N 565 
TRP N   H2   sing N N 566 
TRP CA  C    sing N N 567 
TRP CA  CB   sing N N 568 
TRP CA  HA   sing N N 569 
TRP C   O    doub N N 570 
TRP C   OXT  sing N N 571 
TRP CB  CG   sing N N 572 
TRP CB  HB2  sing N N 573 
TRP CB  HB3  sing N N 574 
TRP CG  CD1  doub Y N 575 
TRP CG  CD2  sing Y N 576 
TRP CD1 NE1  sing Y N 577 
TRP CD1 HD1  sing N N 578 
TRP CD2 CE2  doub Y N 579 
TRP CD2 CE3  sing Y N 580 
TRP NE1 CE2  sing Y N 581 
TRP NE1 HE1  sing N N 582 
TRP CE2 CZ2  sing Y N 583 
TRP CE3 CZ3  doub Y N 584 
TRP CE3 HE3  sing N N 585 
TRP CZ2 CH2  doub Y N 586 
TRP CZ2 HZ2  sing N N 587 
TRP CZ3 CH2  sing Y N 588 
TRP CZ3 HZ3  sing N N 589 
TRP CH2 HH2  sing N N 590 
TRP OXT HXT  sing N N 591 
TYR N   CA   sing N N 592 
TYR N   H    sing N N 593 
TYR N   H2   sing N N 594 
TYR CA  C    sing N N 595 
TYR CA  CB   sing N N 596 
TYR CA  HA   sing N N 597 
TYR C   O    doub N N 598 
TYR C   OXT  sing N N 599 
TYR CB  CG   sing N N 600 
TYR CB  HB2  sing N N 601 
TYR CB  HB3  sing N N 602 
TYR CG  CD1  doub Y N 603 
TYR CG  CD2  sing Y N 604 
TYR CD1 CE1  sing Y N 605 
TYR CD1 HD1  sing N N 606 
TYR CD2 CE2  doub Y N 607 
TYR CD2 HD2  sing N N 608 
TYR CE1 CZ   doub Y N 609 
TYR CE1 HE1  sing N N 610 
TYR CE2 CZ   sing Y N 611 
TYR CE2 HE2  sing N N 612 
TYR CZ  OH   sing N N 613 
TYR OH  HH   sing N N 614 
TYR OXT HXT  sing N N 615 
VAL N   CA   sing N N 616 
VAL N   H    sing N N 617 
VAL N   H2   sing N N 618 
VAL CA  C    sing N N 619 
VAL CA  CB   sing N N 620 
VAL CA  HA   sing N N 621 
VAL C   O    doub N N 622 
VAL C   OXT  sing N N 623 
VAL CB  CG1  sing N N 624 
VAL CB  CG2  sing N N 625 
VAL CB  HB   sing N N 626 
VAL CG1 HG11 sing N N 627 
VAL CG1 HG12 sing N N 628 
VAL CG1 HG13 sing N N 629 
VAL CG2 HG21 sing N N 630 
VAL CG2 HG22 sing N N 631 
VAL CG2 HG23 sing N N 632 
VAL OXT HXT  sing N N 633 
# 
_pdbx_initial_refinement_model.accession_code   ? 
_pdbx_initial_refinement_model.id               1 
_pdbx_initial_refinement_model.entity_id_list   ? 
_pdbx_initial_refinement_model.type             'experimental model' 
_pdbx_initial_refinement_model.source_name      Other 
_pdbx_initial_refinement_model.details          'PREVIOUSLY SOLVED, UNPUBLISHED STRUCTURE' 
# 
_atom_sites.entry_id                    2VSL 
_atom_sites.fract_transf_matrix[1][1]   0.00332892 
_atom_sites.fract_transf_matrix[1][2]   -0.00025356 
_atom_sites.fract_transf_matrix[1][3]   0.00916911 
_atom_sites.fract_transf_matrix[2][1]   0.00817118 
_atom_sites.fract_transf_matrix[2][2]   0.00451383 
_atom_sites.fract_transf_matrix[2][3]   -0.00284179 
_atom_sites.fract_transf_matrix[3][1]   -0.00654862 
_atom_sites.fract_transf_matrix[3][2]   0.01358808 
_atom_sites.fract_transf_matrix[3][3]   0.00275330 
_atom_sites.fract_transf_vector[1]      0.148705 
_atom_sites.fract_transf_vector[2]      0.149636 
_atom_sites.fract_transf_vector[3]      0.308116 
# 
loop_
_atom_type.symbol 
C  
N  
O  
S  
ZN 
# 
loop_
_atom_site.group_PDB 
_atom_site.id 
_atom_site.type_symbol 
_atom_site.label_atom_id 
_atom_site.label_alt_id 
_atom_site.label_comp_id 
_atom_site.label_asym_id 
_atom_site.label_entity_id 
_atom_site.label_seq_id 
_atom_site.pdbx_PDB_ins_code 
_atom_site.Cartn_x 
_atom_site.Cartn_y 
_atom_site.Cartn_z 
_atom_site.occupancy 
_atom_site.B_iso_or_equiv 
_atom_site.pdbx_formal_charge 
_atom_site.auth_seq_id 
_atom_site.auth_comp_id 
_atom_site.auth_asym_id 
_atom_site.auth_atom_id 
_atom_site.pdbx_PDB_model_num 
ATOM   1   N  N   . PHE A 1 1  ? -8.134  6.381   11.907  1.00 50.94 ? 250  PHE A N   1 
ATOM   2   C  CA  . PHE A 1 1  ? -7.649  6.167   10.512  1.00 51.09 ? 250  PHE A CA  1 
ATOM   3   C  C   . PHE A 1 1  ? -6.564  7.168   10.122  1.00 50.94 ? 250  PHE A C   1 
ATOM   4   O  O   . PHE A 1 1  ? -6.743  8.379   10.256  1.00 50.86 ? 250  PHE A O   1 
ATOM   5   C  CB  . PHE A 1 1  ? -8.808  6.288   9.517   1.00 50.36 ? 250  PHE A CB  1 
ATOM   6   C  CG  . PHE A 1 1  ? -8.397  6.104   8.077   1.00 49.21 ? 250  PHE A CG  1 
ATOM   7   C  CD1 . PHE A 1 1  ? -8.010  4.852   7.601   1.00 48.52 ? 250  PHE A CD1 1 
ATOM   8   C  CD2 . PHE A 1 1  ? -8.397  7.184   7.197   1.00 47.70 ? 250  PHE A CD2 1 
ATOM   9   C  CE1 . PHE A 1 1  ? -7.633  4.678   6.269   1.00 47.15 ? 250  PHE A CE1 1 
ATOM   10  C  CE2 . PHE A 1 1  ? -8.022  7.019   5.865   1.00 46.78 ? 250  PHE A CE2 1 
ATOM   11  C  CZ  . PHE A 1 1  ? -7.640  5.763   5.400   1.00 46.40 ? 250  PHE A CZ  1 
ATOM   12  N  N   . PRO A 1 2  ? -5.425  6.668   9.619   1.00 50.15 ? 251  PRO A N   1 
ATOM   13  C  CA  . PRO A 1 2  ? -5.175  5.235   9.430   1.00 49.88 ? 251  PRO A CA  1 
ATOM   14  C  C   . PRO A 1 2  ? -4.640  4.580   10.702  1.00 49.40 ? 251  PRO A C   1 
ATOM   15  O  O   . PRO A 1 2  ? -4.477  5.240   11.729  1.00 49.70 ? 251  PRO A O   1 
ATOM   16  C  CB  . PRO A 1 2  ? -4.155  5.219   8.302   1.00 50.03 ? 251  PRO A CB  1 
ATOM   17  C  CG  . PRO A 1 2  ? -3.335  6.435   8.611   1.00 50.35 ? 251  PRO A CG  1 
ATOM   18  C  CD  . PRO A 1 2  ? -4.384  7.475   8.958   1.00 49.57 ? 251  PRO A CD  1 
ATOM   19  N  N   . ASN A 1 3  ? -4.369  3.281   10.627  1.00 48.57 ? 252  ASN A N   1 
ATOM   20  C  CA  . ASN A 1 3  ? -3.843  2.538   11.769  1.00 48.41 ? 252  ASN A CA  1 
ATOM   21  C  C   . ASN A 1 3  ? -2.324  2.651   11.835  1.00 48.43 ? 252  ASN A C   1 
ATOM   22  O  O   . ASN A 1 3  ? -1.624  2.232   10.914  1.00 46.36 ? 252  ASN A O   1 
ATOM   23  C  CB  . ASN A 1 3  ? -4.240  1.062   11.672  1.00 47.14 ? 252  ASN A CB  1 
ATOM   24  C  CG  . ASN A 1 3  ? -3.513  0.195   12.687  1.00 46.96 ? 252  ASN A CG  1 
ATOM   25  O  OD1 . ASN A 1 3  ? -3.520  0.482   13.885  1.00 46.88 ? 252  ASN A OD1 1 
ATOM   26  N  ND2 . ASN A 1 3  ? -2.887  -0.876  12.211  1.00 44.81 ? 252  ASN A ND2 1 
ATOM   27  N  N   . SER A 1 4  ? -1.813  3.209   12.928  1.00 49.72 ? 253  SER A N   1 
ATOM   28  C  CA  . SER A 1 4  ? -0.372  3.361   13.079  1.00 50.88 ? 253  SER A CA  1 
ATOM   29  C  C   . SER A 1 4  ? 0.204   2.498   14.201  1.00 51.25 ? 253  SER A C   1 
ATOM   30  O  O   . SER A 1 4  ? 1.272   2.800   14.731  1.00 50.84 ? 253  SER A O   1 
ATOM   31  C  CB  . SER A 1 4  ? -0.019  4.833   13.321  1.00 51.67 ? 253  SER A CB  1 
ATOM   32  O  OG  . SER A 1 4  ? -0.645  5.324   14.493  1.00 52.56 ? 253  SER A OG  1 
ATOM   33  N  N   . THR A 1 5  ? -0.503  1.428   14.561  1.00 51.14 ? 254  THR A N   1 
ATOM   34  C  CA  . THR A 1 5  ? -0.035  0.526   15.611  1.00 50.78 ? 254  THR A CA  1 
ATOM   35  C  C   . THR A 1 5  ? 0.706   -0.641  14.968  1.00 50.77 ? 254  THR A C   1 
ATOM   36  O  O   . THR A 1 5  ? 0.825   -0.705  13.743  1.00 50.05 ? 254  THR A O   1 
ATOM   37  C  CB  . THR A 1 5  ? -1.203  -0.032  16.460  1.00 51.52 ? 254  THR A CB  1 
ATOM   38  O  OG1 . THR A 1 5  ? -1.939  -0.997  15.699  1.00 51.98 ? 254  THR A OG1 1 
ATOM   39  C  CG2 . THR A 1 5  ? -2.141  1.090   16.870  1.00 52.08 ? 254  THR A CG2 1 
ATOM   40  N  N   . ASN A 1 6  ? 1.189   -1.568  15.790  1.00 50.61 ? 255  ASN A N   1 
ATOM   41  C  CA  . ASN A 1 6  ? 1.931   -2.720  15.290  1.00 50.96 ? 255  ASN A CA  1 
ATOM   42  C  C   . ASN A 1 6  ? 1.060   -3.919  14.930  1.00 49.61 ? 255  ASN A C   1 
ATOM   43  O  O   . ASN A 1 6  ? 1.568   -4.963  14.519  1.00 49.73 ? 255  ASN A O   1 
ATOM   44  C  CB  . ASN A 1 6  ? 2.993   -3.142  16.310  1.00 53.57 ? 255  ASN A CB  1 
ATOM   45  C  CG  . ASN A 1 6  ? 4.123   -2.138  16.419  1.00 55.98 ? 255  ASN A CG  1 
ATOM   46  O  OD1 . ASN A 1 6  ? 4.863   -1.913  15.460  1.00 56.54 ? 255  ASN A OD1 1 
ATOM   47  N  ND2 . ASN A 1 6  ? 4.258   -1.522  17.590  1.00 56.55 ? 255  ASN A ND2 1 
ATOM   48  N  N   . LEU A 1 7  ? -0.250  -3.776  15.086  1.00 48.22 ? 256  LEU A N   1 
ATOM   49  C  CA  . LEU A 1 7  ? -1.162  -4.863  14.756  1.00 46.86 ? 256  LEU A CA  1 
ATOM   50  C  C   . LEU A 1 7  ? -1.878  -4.566  13.441  1.00 44.17 ? 256  LEU A C   1 
ATOM   51  O  O   . LEU A 1 7  ? -2.497  -3.516  13.285  1.00 43.01 ? 256  LEU A O   1 
ATOM   52  C  CB  . LEU A 1 7  ? -2.173  -5.068  15.885  1.00 48.58 ? 256  LEU A CB  1 
ATOM   53  C  CG  . LEU A 1 7  ? -1.534  -5.430  17.232  1.00 51.34 ? 256  LEU A CG  1 
ATOM   54  C  CD1 . LEU A 1 7  ? -2.624  -5.759  18.239  1.00 51.56 ? 256  LEU A CD1 1 
ATOM   55  C  CD2 . LEU A 1 7  ? -0.590  -6.618  17.061  1.00 50.95 ? 256  LEU A CD2 1 
ATOM   56  N  N   . PRO A 1 8  ? -1.795  -5.495  12.476  1.00 42.72 ? 257  PRO A N   1 
ATOM   57  C  CA  . PRO A 1 8  ? -2.425  -5.346  11.160  1.00 42.31 ? 257  PRO A CA  1 
ATOM   58  C  C   . PRO A 1 8  ? -3.944  -5.227  11.194  1.00 42.45 ? 257  PRO A C   1 
ATOM   59  O  O   . PRO A 1 8  ? -4.619  -5.952  11.921  1.00 42.10 ? 257  PRO A O   1 
ATOM   60  C  CB  . PRO A 1 8  ? -1.953  -6.590  10.411  1.00 41.68 ? 257  PRO A CB  1 
ATOM   61  C  CG  . PRO A 1 8  ? -1.844  -7.605  11.502  1.00 43.51 ? 257  PRO A CG  1 
ATOM   62  C  CD  . PRO A 1 8  ? -1.163  -6.821  12.602  1.00 41.43 ? 257  PRO A CD  1 
ATOM   63  N  N   . ARG A 1 9  ? -4.472  -4.305  10.398  1.00 42.37 ? 258  ARG A N   1 
ATOM   64  C  CA  . ARG A 1 9  ? -5.910  -4.085  10.323  1.00 42.54 ? 258  ARG A CA  1 
ATOM   65  C  C   . ARG A 1 9  ? -6.602  -5.283  9.672   1.00 39.64 ? 258  ARG A C   1 
ATOM   66  O  O   . ARG A 1 9  ? -7.751  -5.593  9.985   1.00 41.36 ? 258  ARG A O   1 
ATOM   67  C  CB  . ARG A 1 9  ? -6.202  -2.821  9.511   1.00 45.69 ? 258  ARG A CB  1 
ATOM   68  C  CG  . ARG A 1 9  ? -7.275  -1.929  10.104  1.00 51.76 ? 258  ARG A CG  1 
ATOM   69  C  CD  . ARG A 1 9  ? -6.843  -1.409  11.463  1.00 56.33 ? 258  ARG A CD  1 
ATOM   70  N  NE  . ARG A 1 9  ? -7.818  -0.491  12.045  1.00 62.44 ? 258  ARG A NE  1 
ATOM   71  C  CZ  . ARG A 1 9  ? -7.693  0.072   13.245  1.00 64.79 ? 258  ARG A CZ  1 
ATOM   72  N  NH1 . ARG A 1 9  ? -6.630  -0.189  13.995  1.00 66.15 ? 258  ARG A NH1 1 
ATOM   73  N  NH2 . ARG A 1 9  ? -8.630  0.898   13.699  1.00 65.96 ? 258  ARG A NH2 1 
ATOM   74  N  N   . ASN A 1 10 ? -5.894  -5.959  8.774   1.00 35.61 ? 259  ASN A N   1 
ATOM   75  C  CA  . ASN A 1 10 ? -6.447  -7.118  8.076   1.00 32.57 ? 259  ASN A CA  1 
ATOM   76  C  C   . ASN A 1 10 ? -5.444  -8.266  8.043   1.00 31.69 ? 259  ASN A C   1 
ATOM   77  O  O   . ASN A 1 10 ? -4.711  -8.444  7.069   1.00 30.12 ? 259  ASN A O   1 
ATOM   78  C  CB  . ASN A 1 10 ? -6.836  -6.724  6.647   1.00 31.94 ? 259  ASN A CB  1 
ATOM   79  C  CG  . ASN A 1 10 ? -7.554  -7.841  5.902   1.00 30.74 ? 259  ASN A CG  1 
ATOM   80  O  OD1 . ASN A 1 10 ? -7.690  -8.954  6.407   1.00 29.19 ? 259  ASN A OD1 1 
ATOM   81  N  ND2 . ASN A 1 10 ? -8.015  -7.542  4.689   1.00 28.49 ? 259  ASN A ND2 1 
ATOM   82  N  N   . PRO A 1 11 ? -5.401  -9.070  9.118   1.00 32.32 ? 260  PRO A N   1 
ATOM   83  C  CA  . PRO A 1 11 ? -4.485  -10.210 9.218   1.00 30.79 ? 260  PRO A CA  1 
ATOM   84  C  C   . PRO A 1 11 ? -4.559  -11.202 8.064   1.00 30.87 ? 260  PRO A C   1 
ATOM   85  O  O   . PRO A 1 11 ? -3.546  -11.795 7.690   1.00 31.35 ? 260  PRO A O   1 
ATOM   86  C  CB  . PRO A 1 11 ? -4.879  -10.844 10.549  1.00 32.92 ? 260  PRO A CB  1 
ATOM   87  C  CG  . PRO A 1 11 ? -5.260  -9.650  11.370  1.00 33.51 ? 260  PRO A CG  1 
ATOM   88  C  CD  . PRO A 1 11 ? -6.106  -8.854  10.396  1.00 32.64 ? 260  PRO A CD  1 
ATOM   89  N  N   . SER A 1 12 ? -5.750  -11.384 7.496   1.00 29.57 ? 261  SER A N   1 
ATOM   90  C  CA  . SER A 1 12 ? -5.919  -12.336 6.404   1.00 29.91 ? 261  SER A CA  1 
ATOM   91  C  C   . SER A 1 12 ? -5.122  -11.945 5.163   1.00 28.44 ? 261  SER A C   1 
ATOM   92  O  O   . SER A 1 12 ? -4.863  -12.778 4.302   1.00 28.32 ? 261  SER A O   1 
ATOM   93  C  CB  . SER A 1 12 ? -7.403  -12.477 6.039   1.00 32.18 ? 261  SER A CB  1 
ATOM   94  O  OG  . SER A 1 12 ? -7.894  -11.308 5.405   1.00 32.96 ? 261  SER A OG  1 
ATOM   95  N  N   . MET A 1 13 ? -4.725  -10.682 5.078   1.00 28.51 ? 262  MET A N   1 
ATOM   96  C  CA  . MET A 1 13 ? -3.952  -10.210 3.932   1.00 28.18 ? 262  MET A CA  1 
ATOM   97  C  C   . MET A 1 13 ? -2.474  -9.940  4.273   1.00 29.89 ? 262  MET A C   1 
ATOM   98  O  O   . MET A 1 13 ? -1.752  -9.307  3.502   1.00 27.54 ? 262  MET A O   1 
ATOM   99  C  CB  . MET A 1 13 ? -4.601  -8.945  3.354   1.00 26.63 ? 262  MET A CB  1 
ATOM   100 C  CG  . MET A 1 13 ? -5.819  -9.213  2.469   1.00 26.54 ? 262  MET A CG  1 
ATOM   101 S  SD  . MET A 1 13 ? -5.408  -10.156 0.969   1.00 28.20 ? 262  MET A SD  1 
ATOM   102 C  CE  . MET A 1 13 ? -6.630  -11.487 1.066   1.00 33.94 ? 262  MET A CE  1 
ATOM   103 N  N   . ALA A 1 14 ? -2.024  -10.439 5.421   1.00 30.37 ? 263  ALA A N   1 
ATOM   104 C  CA  . ALA A 1 14 ? -0.639  -10.238 5.843   1.00 32.47 ? 263  ALA A CA  1 
ATOM   105 C  C   . ALA A 1 14 ? 0.364   -10.973 4.955   1.00 33.22 ? 263  ALA A C   1 
ATOM   106 O  O   . ALA A 1 14 ? 1.517   -10.567 4.857   1.00 34.22 ? 263  ALA A O   1 
ATOM   107 C  CB  . ALA A 1 14 ? -0.468  -10.673 7.297   1.00 33.04 ? 263  ALA A CB  1 
ATOM   108 N  N   . ASP A 1 15 ? -0.073  -12.049 4.307   1.00 35.48 ? 264  ASP A N   1 
ATOM   109 C  CA  . ASP A 1 15 ? 0.803   -12.831 3.429   1.00 37.64 ? 264  ASP A CA  1 
ATOM   110 C  C   . ASP A 1 15 ? 0.871   -12.281 2.013   1.00 37.69 ? 264  ASP A C   1 
ATOM   111 O  O   . ASP A 1 15 ? -0.152  -11.948 1.422   1.00 37.40 ? 264  ASP A O   1 
ATOM   112 C  CB  . ASP A 1 15 ? 0.331   -14.285 3.367   1.00 43.08 ? 264  ASP A CB  1 
ATOM   113 C  CG  . ASP A 1 15 ? 0.846   -15.115 4.523   1.00 49.37 ? 264  ASP A CG  1 
ATOM   114 O  OD1 . ASP A 1 15 ? 0.781   -14.639 5.680   1.00 50.74 ? 264  ASP A OD1 1 
ATOM   115 O  OD2 . ASP A 1 15 ? 1.314   -16.247 4.274   1.00 53.95 ? 264  ASP A OD2 1 
ATOM   116 N  N   . TYR A 1 16 ? 2.080   -12.207 1.466   1.00 36.86 ? 265  TYR A N   1 
ATOM   117 C  CA  . TYR A 1 16 ? 2.275   -11.700 0.116   1.00 37.19 ? 265  TYR A CA  1 
ATOM   118 C  C   . TYR A 1 16 ? 1.437   -12.477 -0.894  1.00 37.50 ? 265  TYR A C   1 
ATOM   119 O  O   . TYR A 1 16 ? 0.760   -11.890 -1.730  1.00 36.51 ? 265  TYR A O   1 
ATOM   120 C  CB  . TYR A 1 16 ? 3.747   -11.791 -0.280  1.00 36.82 ? 265  TYR A CB  1 
ATOM   121 C  CG  . TYR A 1 16 ? 4.008   -11.411 -1.719  1.00 36.63 ? 265  TYR A CG  1 
ATOM   122 C  CD1 . TYR A 1 16 ? 4.101   -10.075 -2.103  1.00 35.21 ? 265  TYR A CD1 1 
ATOM   123 C  CD2 . TYR A 1 16 ? 4.125   -12.390 -2.705  1.00 37.39 ? 265  TYR A CD2 1 
ATOM   124 C  CE1 . TYR A 1 16 ? 4.304   -9.722  -3.438  1.00 36.07 ? 265  TYR A CE1 1 
ATOM   125 C  CE2 . TYR A 1 16 ? 4.325   -12.049 -4.040  1.00 37.45 ? 265  TYR A CE2 1 
ATOM   126 C  CZ  . TYR A 1 16 ? 4.412   -10.715 -4.398  1.00 36.38 ? 265  TYR A CZ  1 
ATOM   127 O  OH  . TYR A 1 16 ? 4.597   -10.382 -5.719  1.00 38.45 ? 265  TYR A OH  1 
ATOM   128 N  N   . GLU A 1 17 ? 1.496   -13.803 -0.817  1.00 39.37 ? 266  GLU A N   1 
ATOM   129 C  CA  . GLU A 1 17 ? 0.745   -14.653 -1.734  1.00 40.05 ? 266  GLU A CA  1 
ATOM   130 C  C   . GLU A 1 17 ? -0.756  -14.373 -1.700  1.00 37.96 ? 266  GLU A C   1 
ATOM   131 O  O   . GLU A 1 17 ? -1.428  -14.444 -2.729  1.00 36.55 ? 266  GLU A O   1 
ATOM   132 C  CB  . GLU A 1 17 ? 1.006   -16.128 -1.420  1.00 44.47 ? 266  GLU A CB  1 
ATOM   133 C  CG  . GLU A 1 17 ? 2.425   -16.573 -1.734  1.00 51.98 ? 266  GLU A CG  1 
ATOM   134 C  CD  . GLU A 1 17 ? 2.622   -18.073 -1.572  1.00 57.83 ? 266  GLU A CD  1 
ATOM   135 O  OE1 . GLU A 1 17 ? 1.879   -18.845 -2.223  1.00 60.55 ? 266  GLU A OE1 1 
ATOM   136 O  OE2 . GLU A 1 17 ? 3.520   -18.479 -0.800  1.00 61.00 ? 266  GLU A OE2 1 
ATOM   137 N  N   . ALA A 1 18 ? -1.278  -14.054 -0.521  1.00 34.78 ? 267  ALA A N   1 
ATOM   138 C  CA  . ALA A 1 18 ? -2.702  -13.757 -0.390  1.00 32.99 ? 267  ALA A CA  1 
ATOM   139 C  C   . ALA A 1 18 ? -3.021  -12.443 -1.099  1.00 31.42 ? 267  ALA A C   1 
ATOM   140 O  O   . ALA A 1 18 ? -4.041  -12.326 -1.781  1.00 32.22 ? 267  ALA A O   1 
ATOM   141 C  CB  . ALA A 1 18 ? -3.093  -13.664 1.082   1.00 32.05 ? 267  ALA A CB  1 
ATOM   142 N  N   . ARG A 1 19 ? -2.142  -11.456 -0.943  1.00 28.38 ? 268  ARG A N   1 
ATOM   143 C  CA  . ARG A 1 19 ? -2.353  -10.157 -1.573  1.00 28.33 ? 268  ARG A CA  1 
ATOM   144 C  C   . ARG A 1 19 ? -2.207  -10.223 -3.098  1.00 27.72 ? 268  ARG A C   1 
ATOM   145 O  O   . ARG A 1 19 ? -3.014  -9.641  -3.829  1.00 25.82 ? 268  ARG A O   1 
ATOM   146 C  CB  . ARG A 1 19 ? -1.374  -9.114  -1.007  1.00 25.91 ? 268  ARG A CB  1 
ATOM   147 C  CG  . ARG A 1 19 ? -1.515  -8.865  0.495   1.00 24.56 ? 268  ARG A CG  1 
ATOM   148 C  CD  . ARG A 1 19 ? -0.831  -7.561  0.936   1.00 24.11 ? 268  ARG A CD  1 
ATOM   149 N  NE  . ARG A 1 19 ? 0.621   -7.556  0.738   1.00 25.40 ? 268  ARG A NE  1 
ATOM   150 C  CZ  . ARG A 1 19 ? 1.506   -8.153  1.539   1.00 25.92 ? 268  ARG A CZ  1 
ATOM   151 N  NH1 . ARG A 1 19 ? 1.101   -8.820  2.615   1.00 24.11 ? 268  ARG A NH1 1 
ATOM   152 N  NH2 . ARG A 1 19 ? 2.806   -8.077  1.270   1.00 22.94 ? 268  ARG A NH2 1 
ATOM   153 N  N   . ILE A 1 20 ? -1.191  -10.939 -3.574  1.00 27.27 ? 269  ILE A N   1 
ATOM   154 C  CA  . ILE A 1 20 ? -0.944  -11.041 -5.010  1.00 31.01 ? 269  ILE A CA  1 
ATOM   155 C  C   . ILE A 1 20 ? -2.114  -11.718 -5.735  1.00 31.89 ? 269  ILE A C   1 
ATOM   156 O  O   . ILE A 1 20 ? -2.438  -11.382 -6.876  1.00 31.19 ? 269  ILE A O   1 
ATOM   157 C  CB  . ILE A 1 20 ? 0.379   -11.809 -5.290  1.00 32.52 ? 269  ILE A CB  1 
ATOM   158 C  CG1 . ILE A 1 20 ? 0.873   -11.511 -6.707  1.00 36.74 ? 269  ILE A CG1 1 
ATOM   159 C  CG2 . ILE A 1 20 ? 0.170   -13.306 -5.121  1.00 36.54 ? 269  ILE A CG2 1 
ATOM   160 C  CD1 . ILE A 1 20 ? 1.246   -10.049 -6.940  1.00 36.78 ? 269  ILE A CD1 1 
ATOM   161 N  N   . PHE A 1 21 ? -2.756  -12.660 -5.052  1.00 32.38 ? 270  PHE A N   1 
ATOM   162 C  CA  . PHE A 1 21 ? -3.894  -13.380 -5.612  1.00 32.87 ? 270  PHE A CA  1 
ATOM   163 C  C   . PHE A 1 21 ? -5.026  -12.411 -5.957  1.00 31.43 ? 270  PHE A C   1 
ATOM   164 O  O   . PHE A 1 21 ? -5.744  -12.604 -6.939  1.00 30.65 ? 270  PHE A O   1 
ATOM   165 C  CB  . PHE A 1 21 ? -4.399  -14.418 -4.606  1.00 37.18 ? 270  PHE A CB  1 
ATOM   166 C  CG  . PHE A 1 21 ? -5.645  -15.127 -5.046  1.00 42.04 ? 270  PHE A CG  1 
ATOM   167 C  CD1 . PHE A 1 21 ? -5.597  -16.085 -6.052  1.00 44.07 ? 270  PHE A CD1 1 
ATOM   168 C  CD2 . PHE A 1 21 ? -6.875  -14.810 -4.478  1.00 44.21 ? 270  PHE A CD2 1 
ATOM   169 C  CE1 . PHE A 1 21 ? -6.761  -16.719 -6.490  1.00 46.17 ? 270  PHE A CE1 1 
ATOM   170 C  CE2 . PHE A 1 21 ? -8.044  -15.434 -4.906  1.00 45.92 ? 270  PHE A CE2 1 
ATOM   171 C  CZ  . PHE A 1 21 ? -7.986  -16.392 -5.916  1.00 46.82 ? 270  PHE A CZ  1 
ATOM   172 N  N   . THR A 1 22 ? -5.183  -11.368 -5.150  1.00 28.45 ? 271  THR A N   1 
ATOM   173 C  CA  . THR A 1 22 ? -6.239  -10.396 -5.389  1.00 27.48 ? 271  THR A CA  1 
ATOM   174 C  C   . THR A 1 22 ? -6.014  -9.634  -6.698  1.00 26.68 ? 271  THR A C   1 
ATOM   175 O  O   . THR A 1 22 ? -6.909  -8.940  -7.168  1.00 24.77 ? 271  THR A O   1 
ATOM   176 C  CB  . THR A 1 22 ? -6.354  -9.372  -4.230  1.00 27.40 ? 271  THR A CB  1 
ATOM   177 O  OG1 . THR A 1 22 ? -5.217  -8.501  -4.237  1.00 25.42 ? 271  THR A OG1 1 
ATOM   178 C  CG2 . THR A 1 22 ? -6.427  -10.090 -2.884  1.00 28.22 ? 271  THR A CG2 1 
ATOM   179 N  N   . PHE A 1 23 ? -4.827  -9.764  -7.284  1.00 27.15 ? 272  PHE A N   1 
ATOM   180 C  CA  . PHE A 1 23 ? -4.525  -9.062  -8.533  1.00 29.84 ? 272  PHE A CA  1 
ATOM   181 C  C   . PHE A 1 23 ? -4.609  -9.954  -9.770  1.00 32.60 ? 272  PHE A C   1 
ATOM   182 O  O   . PHE A 1 23 ? -4.088  -9.606  -10.832 1.00 32.71 ? 272  PHE A O   1 
ATOM   183 C  CB  . PHE A 1 23 ? -3.129  -8.418  -8.471  1.00 26.26 ? 272  PHE A CB  1 
ATOM   184 C  CG  . PHE A 1 23 ? -3.018  -7.296  -7.469  1.00 26.81 ? 272  PHE A CG  1 
ATOM   185 C  CD1 . PHE A 1 23 ? -2.513  -7.528  -6.192  1.00 24.04 ? 272  PHE A CD1 1 
ATOM   186 C  CD2 . PHE A 1 23 ? -3.434  -6.010  -7.802  1.00 23.85 ? 272  PHE A CD2 1 
ATOM   187 C  CE1 . PHE A 1 23 ? -2.424  -6.492  -5.255  1.00 22.92 ? 272  PHE A CE1 1 
ATOM   188 C  CE2 . PHE A 1 23 ? -3.353  -4.966  -6.879  1.00 23.74 ? 272  PHE A CE2 1 
ATOM   189 C  CZ  . PHE A 1 23 ? -2.845  -5.210  -5.598  1.00 22.76 ? 272  PHE A CZ  1 
ATOM   190 N  N   . GLY A 1 24 ? -5.276  -11.097 -9.631  1.00 35.16 ? 273  GLY A N   1 
ATOM   191 C  CA  . GLY A 1 24 ? -5.415  -12.024 -10.742 1.00 36.91 ? 273  GLY A CA  1 
ATOM   192 C  C   . GLY A 1 24 ? -6.032  -11.431 -11.995 1.00 37.46 ? 273  GLY A C   1 
ATOM   193 O  O   . GLY A 1 24 ? -5.663  -11.809 -13.105 1.00 40.72 ? 273  GLY A O   1 
ATOM   194 N  N   . THR A 1 25 ? -6.970  -10.504 -11.828 1.00 37.54 ? 274  THR A N   1 
ATOM   195 C  CA  . THR A 1 25 ? -7.626  -9.872  -12.968 1.00 37.09 ? 274  THR A CA  1 
ATOM   196 C  C   . THR A 1 25 ? -7.317  -8.376  -13.016 1.00 35.15 ? 274  THR A C   1 
ATOM   197 O  O   . THR A 1 25 ? -8.140  -7.566  -13.451 1.00 35.89 ? 274  THR A O   1 
ATOM   198 C  CB  . THR A 1 25 ? -9.156  -10.064 -12.902 1.00 37.77 ? 274  THR A CB  1 
ATOM   199 O  OG1 . THR A 1 25 ? -9.675  -9.411  -11.736 1.00 38.14 ? 274  THR A OG1 1 
ATOM   200 C  CG2 . THR A 1 25 ? -9.502  -11.546 -12.839 1.00 38.30 ? 274  THR A CG2 1 
ATOM   201 N  N   . TRP A 1 26 ? -6.119  -8.018  -12.568 1.00 32.10 ? 275  TRP A N   1 
ATOM   202 C  CA  . TRP A 1 26 ? -5.683  -6.626  -12.542 1.00 29.78 ? 275  TRP A CA  1 
ATOM   203 C  C   . TRP A 1 26 ? -5.400  -6.157  -13.966 1.00 28.64 ? 275  TRP A C   1 
ATOM   204 O  O   . TRP A 1 26 ? -4.594  -6.750  -14.674 1.00 28.31 ? 275  TRP A O   1 
ATOM   205 C  CB  . TRP A 1 26 ? -4.423  -6.514  -11.682 1.00 27.73 ? 275  TRP A CB  1 
ATOM   206 C  CG  . TRP A 1 26 ? -3.988  -5.116  -11.376 1.00 25.64 ? 275  TRP A CG  1 
ATOM   207 C  CD1 . TRP A 1 26 ? -2.855  -4.497  -11.826 1.00 26.11 ? 275  TRP A CD1 1 
ATOM   208 C  CD2 . TRP A 1 26 ? -4.630  -4.186  -10.491 1.00 24.19 ? 275  TRP A CD2 1 
ATOM   209 N  NE1 . TRP A 1 26 ? -2.748  -3.243  -11.270 1.00 25.26 ? 275  TRP A NE1 1 
ATOM   210 C  CE2 . TRP A 1 26 ? -3.821  -3.025  -10.447 1.00 24.46 ? 275  TRP A CE2 1 
ATOM   211 C  CE3 . TRP A 1 26 ? -5.806  -4.221  -9.728  1.00 25.02 ? 275  TRP A CE3 1 
ATOM   212 C  CZ2 . TRP A 1 26 ? -4.149  -1.909  -9.669  1.00 22.25 ? 275  TRP A CZ2 1 
ATOM   213 C  CZ3 . TRP A 1 26 ? -6.136  -3.106  -8.952  1.00 22.21 ? 275  TRP A CZ3 1 
ATOM   214 C  CH2 . TRP A 1 26 ? -5.307  -1.968  -8.930  1.00 25.97 ? 275  TRP A CH2 1 
ATOM   215 N  N   . ILE A 1 27 ? -6.056  -5.079  -14.374 1.00 28.84 ? 276  ILE A N   1 
ATOM   216 C  CA  . ILE A 1 27 ? -5.889  -4.554  -15.724 1.00 31.11 ? 276  ILE A CA  1 
ATOM   217 C  C   . ILE A 1 27 ? -5.133  -3.229  -15.796 1.00 33.13 ? 276  ILE A C   1 
ATOM   218 O  O   . ILE A 1 27 ? -4.883  -2.714  -16.888 1.00 33.72 ? 276  ILE A O   1 
ATOM   219 C  CB  . ILE A 1 27 ? -7.259  -4.320  -16.385 1.00 28.69 ? 276  ILE A CB  1 
ATOM   220 C  CG1 . ILE A 1 27 ? -7.992  -3.203  -15.638 1.00 28.44 ? 276  ILE A CG1 1 
ATOM   221 C  CG2 . ILE A 1 27 ? -8.066  -5.607  -16.377 1.00 28.99 ? 276  ILE A CG2 1 
ATOM   222 C  CD1 . ILE A 1 27 ? -9.340  -2.826  -16.222 1.00 29.91 ? 276  ILE A CD1 1 
ATOM   223 N  N   . TYR A 1 28 ? -4.772  -2.674  -14.646 1.00 33.72 ? 277  TYR A N   1 
ATOM   224 C  CA  . TYR A 1 28 ? -4.089  -1.389  -14.634 1.00 33.68 ? 277  TYR A CA  1 
ATOM   225 C  C   . TYR A 1 28 ? -2.578  -1.459  -14.809 1.00 33.83 ? 277  TYR A C   1 
ATOM   226 O  O   . TYR A 1 28 ? -1.950  -2.473  -14.508 1.00 32.38 ? 277  TYR A O   1 
ATOM   227 C  CB  . TYR A 1 28 ? -4.458  -0.638  -13.358 1.00 33.12 ? 277  TYR A CB  1 
ATOM   228 C  CG  . TYR A 1 28 ? -5.954  -0.587  -13.149 1.00 34.62 ? 277  TYR A CG  1 
ATOM   229 C  CD1 . TYR A 1 28 ? -6.628  -1.648  -12.544 1.00 35.33 ? 277  TYR A CD1 1 
ATOM   230 C  CD2 . TYR A 1 28 ? -6.705  0.490   -13.617 1.00 34.29 ? 277  TYR A CD2 1 
ATOM   231 C  CE1 . TYR A 1 28 ? -8.017  -1.640  -12.414 1.00 35.55 ? 277  TYR A CE1 1 
ATOM   232 C  CE2 . TYR A 1 28 ? -8.094  0.509   -13.493 1.00 37.33 ? 277  TYR A CE2 1 
ATOM   233 C  CZ  . TYR A 1 28 ? -8.742  -0.560  -12.893 1.00 37.23 ? 277  TYR A CZ  1 
ATOM   234 O  OH  . TYR A 1 28 ? -10.113 -0.558  -12.786 1.00 39.54 ? 277  TYR A OH  1 
ATOM   235 N  N   . SER A 1 29 ? -2.010  -0.366  -15.314 1.00 34.57 ? 278  SER A N   1 
ATOM   236 C  CA  . SER A 1 29 ? -0.573  -0.265  -15.564 1.00 36.23 ? 278  SER A CA  1 
ATOM   237 C  C   . SER A 1 29 ? 0.297   -0.440  -14.319 1.00 35.34 ? 278  SER A C   1 
ATOM   238 O  O   . SER A 1 29 ? 1.306   -1.143  -14.364 1.00 35.66 ? 278  SER A O   1 
ATOM   239 C  CB  . SER A 1 29 ? -0.253  1.080   -16.217 1.00 38.01 ? 278  SER A CB  1 
ATOM   240 O  OG  . SER A 1 29 ? -0.757  2.148   -15.432 1.00 41.34 ? 278  SER A OG  1 
ATOM   241 N  N   . VAL A 1 30 ? -0.079  0.207   -13.219 1.00 34.52 ? 279  VAL A N   1 
ATOM   242 C  CA  . VAL A 1 30 ? 0.694   0.089   -11.985 1.00 34.05 ? 279  VAL A CA  1 
ATOM   243 C  C   . VAL A 1 30 ? 0.931   -1.399  -11.699 1.00 33.70 ? 279  VAL A C   1 
ATOM   244 O  O   . VAL A 1 30 ? -0.005  -2.197  -11.672 1.00 32.92 ? 279  VAL A O   1 
ATOM   245 C  CB  . VAL A 1 30 ? -0.037  0.776   -10.804 1.00 33.59 ? 279  VAL A CB  1 
ATOM   246 C  CG1 . VAL A 1 30 ? -1.431  0.190   -10.636 1.00 34.40 ? 279  VAL A CG1 1 
ATOM   247 C  CG2 . VAL A 1 30 ? 0.780   0.621   -9.523  1.00 33.03 ? 279  VAL A CG2 1 
ATOM   248 N  N   . ASN A 1 31 ? 2.198   -1.760  -11.509 1.00 32.63 ? 280  ASN A N   1 
ATOM   249 C  CA  . ASN A 1 31 ? 2.611   -3.143  -11.276 1.00 33.67 ? 280  ASN A CA  1 
ATOM   250 C  C   . ASN A 1 31 ? 2.005   -3.828  -10.048 1.00 33.91 ? 280  ASN A C   1 
ATOM   251 O  O   . ASN A 1 31 ? 2.079   -3.312  -8.932  1.00 32.59 ? 280  ASN A O   1 
ATOM   252 C  CB  . ASN A 1 31 ? 4.143   -3.205  -11.207 1.00 35.39 ? 280  ASN A CB  1 
ATOM   253 C  CG  . ASN A 1 31 ? 4.670   -4.624  -11.151 1.00 38.19 ? 280  ASN A CG  1 
ATOM   254 O  OD1 . ASN A 1 31 ? 4.693   -5.255  -10.094 1.00 39.10 ? 280  ASN A OD1 1 
ATOM   255 N  ND2 . ASN A 1 31 ? 5.090   -5.139  -12.300 1.00 41.72 ? 280  ASN A ND2 1 
ATOM   256 N  N   . LYS A 1 32 ? 1.427   -5.007  -10.268 1.00 33.58 ? 281  LYS A N   1 
ATOM   257 C  CA  . LYS A 1 32 ? 0.793   -5.785  -9.205  1.00 33.74 ? 281  LYS A CA  1 
ATOM   258 C  C   . LYS A 1 32 ? 1.788   -6.309  -8.168  1.00 31.68 ? 281  LYS A C   1 
ATOM   259 O  O   . LYS A 1 32 ? 1.494   -6.303  -6.978  1.00 30.77 ? 281  LYS A O   1 
ATOM   260 C  CB  . LYS A 1 32 ? 0.009   -6.953  -9.810  1.00 34.53 ? 281  LYS A CB  1 
ATOM   261 C  CG  . LYS A 1 32 ? 0.871   -7.905  -10.611 1.00 39.43 ? 281  LYS A CG  1 
ATOM   262 C  CD  . LYS A 1 32 ? 0.043   -8.842  -11.475 1.00 44.13 ? 281  LYS A CD  1 
ATOM   263 C  CE  . LYS A 1 32 ? -0.689  -9.885  -10.656 1.00 46.64 ? 281  LYS A CE  1 
ATOM   264 N  NZ  . LYS A 1 32 ? -1.393  -10.858 -11.548 1.00 50.05 ? 281  LYS A NZ  1 
ATOM   265 N  N   . GLU A 1 33 ? 2.951   -6.774  -8.618  1.00 31.47 ? 282  GLU A N   1 
ATOM   266 C  CA  . GLU A 1 33 ? 3.970   -7.282  -7.699  1.00 32.04 ? 282  GLU A CA  1 
ATOM   267 C  C   . GLU A 1 33 ? 4.407   -6.163  -6.760  1.00 30.77 ? 282  GLU A C   1 
ATOM   268 O  O   . GLU A 1 33 ? 4.511   -6.358  -5.545  1.00 30.83 ? 282  GLU A O   1 
ATOM   269 C  CB  . GLU A 1 33 ? 5.196   -7.793  -8.463  1.00 35.46 ? 282  GLU A CB  1 
ATOM   270 C  CG  . GLU A 1 33 ? 4.988   -9.075  -9.264  1.00 40.68 ? 282  GLU A CG  1 
ATOM   271 C  CD  . GLU A 1 33 ? 3.990   -8.920  -10.402 1.00 44.09 ? 282  GLU A CD  1 
ATOM   272 O  OE1 . GLU A 1 33 ? 4.004   -7.872  -11.088 1.00 45.51 ? 282  GLU A OE1 1 
ATOM   273 O  OE2 . GLU A 1 33 ? 3.199   -9.862  -10.622 1.00 46.88 ? 282  GLU A OE2 1 
ATOM   274 N  N   . GLN A 1 34 ? 4.666   -4.992  -7.332  1.00 27.52 ? 283  GLN A N   1 
ATOM   275 C  CA  . GLN A 1 34 ? 5.084   -3.833  -6.555  1.00 28.00 ? 283  GLN A CA  1 
ATOM   276 C  C   . GLN A 1 34 ? 4.004   -3.444  -5.557  1.00 26.44 ? 283  GLN A C   1 
ATOM   277 O  O   . GLN A 1 34 ? 4.300   -3.104  -4.415  1.00 24.19 ? 283  GLN A O   1 
ATOM   278 C  CB  . GLN A 1 34 ? 5.372   -2.652  -7.481  1.00 30.50 ? 283  GLN A CB  1 
ATOM   279 C  CG  . GLN A 1 34 ? 6.638   -2.814  -8.305  1.00 36.32 ? 283  GLN A CG  1 
ATOM   280 C  CD  . GLN A 1 34 ? 6.751   -1.769  -9.393  1.00 40.14 ? 283  GLN A CD  1 
ATOM   281 O  OE1 . GLN A 1 34 ? 6.504   -0.582  -9.163  1.00 42.41 ? 283  GLN A OE1 1 
ATOM   282 N  NE2 . GLN A 1 34 ? 7.132   -2.203  -10.590 1.00 42.12 ? 283  GLN A NE2 1 
ATOM   283 N  N   . LEU A 1 35 ? 2.749   -3.491  -5.993  1.00 23.56 ? 284  LEU A N   1 
ATOM   284 C  CA  . LEU A 1 35 ? 1.640   -3.146  -5.114  1.00 24.45 ? 284  LEU A CA  1 
ATOM   285 C  C   . LEU A 1 35 ? 1.563   -4.138  -3.957  1.00 22.23 ? 284  LEU A C   1 
ATOM   286 O  O   . LEU A 1 35 ? 1.481   -3.742  -2.799  1.00 22.76 ? 284  LEU A O   1 
ATOM   287 C  CB  . LEU A 1 35 ? 0.319   -3.158  -5.894  1.00 23.51 ? 284  LEU A CB  1 
ATOM   288 C  CG  . LEU A 1 35 ? 0.050   -1.965  -6.817  1.00 23.68 ? 284  LEU A CG  1 
ATOM   289 C  CD1 . LEU A 1 35 ? -1.153  -2.269  -7.728  1.00 23.70 ? 284  LEU A CD1 1 
ATOM   290 C  CD2 . LEU A 1 35 ? -0.218  -0.723  -5.979  1.00 23.27 ? 284  LEU A CD2 1 
ATOM   291 N  N   . ALA A 1 36 ? 1.601   -5.427  -4.271  1.00 21.10 ? 285  ALA A N   1 
ATOM   292 C  CA  . ALA A 1 36 ? 1.527   -6.452  -3.237  1.00 23.18 ? 285  ALA A CA  1 
ATOM   293 C  C   . ALA A 1 36 ? 2.713   -6.354  -2.276  1.00 24.39 ? 285  ALA A C   1 
ATOM   294 O  O   . ALA A 1 36 ? 2.557   -6.511  -1.062  1.00 23.24 ? 285  ALA A O   1 
ATOM   295 C  CB  . ALA A 1 36 ? 1.487   -7.833  -3.872  1.00 22.83 ? 285  ALA A CB  1 
ATOM   296 N  N   . ARG A 1 37 ? 3.899   -6.102  -2.820  1.00 24.89 ? 286  ARG A N   1 
ATOM   297 C  CA  . ARG A 1 37 ? 5.089   -5.985  -1.985  1.00 27.03 ? 286  ARG A CA  1 
ATOM   298 C  C   . ARG A 1 37 ? 4.949   -4.774  -1.061  1.00 25.39 ? 286  ARG A C   1 
ATOM   299 O  O   . ARG A 1 37 ? 5.405   -4.798  0.079   1.00 27.37 ? 286  ARG A O   1 
ATOM   300 C  CB  . ARG A 1 37 ? 6.341   -5.861  -2.865  1.00 30.61 ? 286  ARG A CB  1 
ATOM   301 C  CG  . ARG A 1 37 ? 7.646   -5.746  -2.086  1.00 38.68 ? 286  ARG A CG  1 
ATOM   302 C  CD  . ARG A 1 37 ? 8.849   -6.255  -2.892  1.00 45.14 ? 286  ARG A CD  1 
ATOM   303 N  NE  . ARG A 1 37 ? 8.831   -5.818  -4.289  1.00 49.50 ? 286  ARG A NE  1 
ATOM   304 C  CZ  . ARG A 1 37 ? 8.425   -6.576  -5.307  1.00 52.14 ? 286  ARG A CZ  1 
ATOM   305 N  NH1 . ARG A 1 37 ? 8.005   -7.818  -5.090  1.00 52.44 ? 286  ARG A NH1 1 
ATOM   306 N  NH2 . ARG A 1 37 ? 8.433   -6.092  -6.545  1.00 51.77 ? 286  ARG A NH2 1 
ATOM   307 N  N   . ALA A 1 38 ? 4.283   -3.730  -1.542  1.00 22.68 ? 287  ALA A N   1 
ATOM   308 C  CA  . ALA A 1 38 ? 4.094   -2.529  -0.745  1.00 21.95 ? 287  ALA A CA  1 
ATOM   309 C  C   . ALA A 1 38 ? 2.992   -2.688  0.305   1.00 21.40 ? 287  ALA A C   1 
ATOM   310 O  O   . ALA A 1 38 ? 2.649   -1.726  0.993   1.00 21.58 ? 287  ALA A O   1 
ATOM   311 C  CB  . ALA A 1 38 ? 3.798   -1.347  -1.648  1.00 19.18 ? 287  ALA A CB  1 
ATOM   312 N  N   . GLY A 1 39 ? 2.442   -3.899  0.412   1.00 21.32 ? 288  GLY A N   1 
ATOM   313 C  CA  . GLY A 1 39 ? 1.408   -4.178  1.398   1.00 21.51 ? 288  GLY A CA  1 
ATOM   314 C  C   . GLY A 1 39 ? -0.037  -4.078  0.926   1.00 22.38 ? 288  GLY A C   1 
ATOM   315 O  O   . GLY A 1 39 ? -0.965  -4.352  1.691   1.00 21.09 ? 288  GLY A O   1 
ATOM   316 N  N   . PHE A 1 40 ? -0.236  -3.716  -0.336  1.00 20.40 ? 289  PHE A N   1 
ATOM   317 C  CA  . PHE A 1 40 ? -1.581  -3.538  -0.872  1.00 19.76 ? 289  PHE A CA  1 
ATOM   318 C  C   . PHE A 1 40 ? -2.234  -4.763  -1.491  1.00 18.08 ? 289  PHE A C   1 
ATOM   319 O  O   . PHE A 1 40 ? -1.561  -5.678  -1.952  1.00 18.25 ? 289  PHE A O   1 
ATOM   320 C  CB  . PHE A 1 40 ? -1.562  -2.424  -1.921  1.00 19.51 ? 289  PHE A CB  1 
ATOM   321 C  CG  . PHE A 1 40 ? -1.114  -1.099  -1.388  1.00 21.70 ? 289  PHE A CG  1 
ATOM   322 C  CD1 . PHE A 1 40 ? -1.909  -0.392  -0.494  1.00 19.42 ? 289  PHE A CD1 1 
ATOM   323 C  CD2 . PHE A 1 40 ? 0.112   -0.553  -1.777  1.00 21.51 ? 289  PHE A CD2 1 
ATOM   324 C  CE1 . PHE A 1 40 ? -1.499  0.842   0.010   1.00 21.54 ? 289  PHE A CE1 1 
ATOM   325 C  CE2 . PHE A 1 40 ? 0.531   0.679   -1.280  1.00 21.51 ? 289  PHE A CE2 1 
ATOM   326 C  CZ  . PHE A 1 40 ? -0.276  1.378   -0.386  1.00 23.30 ? 289  PHE A CZ  1 
ATOM   327 N  N   . TYR A 1 41 ? -3.563  -4.770  -1.485  1.00 20.32 ? 290  TYR A N   1 
ATOM   328 C  CA  . TYR A 1 41 ? -4.335  -5.841  -2.109  1.00 20.02 ? 290  TYR A CA  1 
ATOM   329 C  C   . TYR A 1 41 ? -5.541  -5.168  -2.766  1.00 19.57 ? 290  TYR A C   1 
ATOM   330 O  O   . TYR A 1 41 ? -6.042  -4.158  -2.275  1.00 19.69 ? 290  TYR A O   1 
ATOM   331 C  CB  . TYR A 1 41 ? -4.756  -6.905  -1.081  1.00 20.13 ? 290  TYR A CB  1 
ATOM   332 C  CG  . TYR A 1 41 ? -5.598  -6.398  0.063   1.00 23.39 ? 290  TYR A CG  1 
ATOM   333 C  CD1 . TYR A 1 41 ? -6.989  -6.347  -0.036  1.00 23.51 ? 290  TYR A CD1 1 
ATOM   334 C  CD2 . TYR A 1 41 ? -5.003  -5.955  1.241   1.00 22.55 ? 290  TYR A CD2 1 
ATOM   335 C  CE1 . TYR A 1 41 ? -7.767  -5.862  1.021   1.00 26.88 ? 290  TYR A CE1 1 
ATOM   336 C  CE2 . TYR A 1 41 ? -5.761  -5.470  2.293   1.00 23.48 ? 290  TYR A CE2 1 
ATOM   337 C  CZ  . TYR A 1 41 ? -7.143  -5.424  2.183   1.00 25.34 ? 290  TYR A CZ  1 
ATOM   338 O  OH  . TYR A 1 41 ? -7.887  -4.924  3.232   1.00 23.43 ? 290  TYR A OH  1 
ATOM   339 N  N   . ALA A 1 42 ? -5.986  -5.711  -3.894  1.00 21.28 ? 291  ALA A N   1 
ATOM   340 C  CA  . ALA A 1 42 ? -7.111  -5.128  -4.625  1.00 20.81 ? 291  ALA A CA  1 
ATOM   341 C  C   . ALA A 1 42 ? -8.465  -5.411  -3.985  1.00 22.16 ? 291  ALA A C   1 
ATOM   342 O  O   . ALA A 1 42 ? -8.702  -6.508  -3.474  1.00 21.60 ? 291  ALA A O   1 
ATOM   343 C  CB  . ALA A 1 42 ? -7.106  -5.638  -6.060  1.00 20.45 ? 291  ALA A CB  1 
ATOM   344 N  N   . LEU A 1 43 ? -9.343  -4.408  -4.015  1.00 21.80 ? 292  LEU A N   1 
ATOM   345 C  CA  . LEU A 1 43 ? -10.684 -4.530  -3.465  1.00 25.41 ? 292  LEU A CA  1 
ATOM   346 C  C   . LEU A 1 43 ? -11.649 -5.064  -4.523  1.00 27.04 ? 292  LEU A C   1 
ATOM   347 O  O   . LEU A 1 43 ? -12.766 -5.461  -4.202  1.00 26.90 ? 292  LEU A O   1 
ATOM   348 C  CB  . LEU A 1 43 ? -11.208 -3.173  -2.976  1.00 25.10 ? 292  LEU A CB  1 
ATOM   349 C  CG  . LEU A 1 43 ? -10.441 -2.394  -1.902  1.00 26.26 ? 292  LEU A CG  1 
ATOM   350 C  CD1 . LEU A 1 43 ? -11.386 -1.395  -1.254  1.00 25.70 ? 292  LEU A CD1 1 
ATOM   351 C  CD2 . LEU A 1 43 ? -9.888  -3.339  -0.847  1.00 25.30 ? 292  LEU A CD2 1 
ATOM   352 N  N   . GLY A 1 44 ? -11.216 -5.076  -5.780  1.00 27.68 ? 293  GLY A N   1 
ATOM   353 C  CA  . GLY A 1 44 ? -12.085 -5.542  -6.848  1.00 28.36 ? 293  GLY A CA  1 
ATOM   354 C  C   . GLY A 1 44 ? -13.052 -4.436  -7.230  1.00 29.27 ? 293  GLY A C   1 
ATOM   355 O  O   . GLY A 1 44 ? -14.109 -4.682  -7.810  1.00 30.65 ? 293  GLY A O   1 
ATOM   356 N  N   . GLU A 1 45 ? -12.687 -3.208  -6.886  1.00 27.39 ? 294  GLU A N   1 
ATOM   357 C  CA  . GLU A 1 45 ? -13.497 -2.039  -7.175  1.00 27.80 ? 294  GLU A CA  1 
ATOM   358 C  C   . GLU A 1 45 ? -12.608 -1.046  -7.912  1.00 28.33 ? 294  GLU A C   1 
ATOM   359 O  O   . GLU A 1 45 ? -11.975 -0.185  -7.296  1.00 27.92 ? 294  GLU A O   1 
ATOM   360 C  CB  . GLU A 1 45 ? -14.001 -1.412  -5.874  1.00 31.03 ? 294  GLU A CB  1 
ATOM   361 C  CG  . GLU A 1 45 ? -14.963 -2.284  -5.077  1.00 36.24 ? 294  GLU A CG  1 
ATOM   362 C  CD  . GLU A 1 45 ? -15.094 -1.844  -3.618  1.00 40.43 ? 294  GLU A CD  1 
ATOM   363 O  OE1 . GLU A 1 45 ? -15.098 -0.620  -3.354  1.00 42.52 ? 294  GLU A OE1 1 
ATOM   364 O  OE2 . GLU A 1 45 ? -15.204 -2.726  -2.734  1.00 40.07 ? 294  GLU A OE2 1 
ATOM   365 N  N   . GLY A 1 46 ? -12.553 -1.166  -9.232  1.00 28.24 ? 295  GLY A N   1 
ATOM   366 C  CA  . GLY A 1 46 ? -11.714 -0.264  -9.994  1.00 26.79 ? 295  GLY A CA  1 
ATOM   367 C  C   . GLY A 1 46 ? -10.269 -0.555  -9.646  1.00 25.51 ? 295  GLY A C   1 
ATOM   368 O  O   . GLY A 1 46 ? -9.876  -1.719  -9.550  1.00 25.26 ? 295  GLY A O   1 
ATOM   369 N  N   . ASP A 1 47 ? -9.469  0.488   -9.452  1.00 25.32 ? 296  ASP A N   1 
ATOM   370 C  CA  . ASP A 1 47 ? -8.072  0.281   -9.114  1.00 25.15 ? 296  ASP A CA  1 
ATOM   371 C  C   . ASP A 1 47 ? -7.819  0.573   -7.638  1.00 24.07 ? 296  ASP A C   1 
ATOM   372 O  O   . ASP A 1 47 ? -6.691  0.881   -7.232  1.00 22.17 ? 296  ASP A O   1 
ATOM   373 C  CB  . ASP A 1 47 ? -7.167  1.141   -10.016 1.00 27.49 ? 296  ASP A CB  1 
ATOM   374 C  CG  . ASP A 1 47 ? -7.253  2.625   -9.713  1.00 30.54 ? 296  ASP A CG  1 
ATOM   375 O  OD1 . ASP A 1 47 ? -8.134  3.047   -8.931  1.00 31.05 ? 296  ASP A OD1 1 
ATOM   376 O  OD2 . ASP A 1 47 ? -6.427  3.382   -10.269 1.00 34.82 ? 296  ASP A OD2 1 
ATOM   377 N  N   . LYS A 1 48 ? -8.877  0.477   -6.838  1.00 22.04 ? 297  LYS A N   1 
ATOM   378 C  CA  . LYS A 1 48 ? -8.775  0.709   -5.399  1.00 23.07 ? 297  LYS A CA  1 
ATOM   379 C  C   . LYS A 1 48 ? -8.000  -0.408  -4.711  1.00 21.90 ? 297  LYS A C   1 
ATOM   380 O  O   . LYS A 1 48 ? -8.243  -1.592  -4.958  1.00 21.30 ? 297  LYS A O   1 
ATOM   381 C  CB  . LYS A 1 48 ? -10.158 0.789   -4.759  1.00 21.22 ? 297  LYS A CB  1 
ATOM   382 C  CG  . LYS A 1 48 ? -10.906 2.068   -5.018  1.00 25.56 ? 297  LYS A CG  1 
ATOM   383 C  CD  . LYS A 1 48 ? -12.173 2.091   -4.184  1.00 29.07 ? 297  LYS A CD  1 
ATOM   384 C  CE  . LYS A 1 48 ? -12.868 3.431   -4.257  1.00 31.92 ? 297  LYS A CE  1 
ATOM   385 N  NZ  . LYS A 1 48 ? -14.067 3.445   -3.369  1.00 34.54 ? 297  LYS A NZ  1 
ATOM   386 N  N   . VAL A 1 49 ? -7.058  -0.026  -3.855  1.00 20.79 ? 298  VAL A N   1 
ATOM   387 C  CA  . VAL A 1 49 ? -6.275  -1.003  -3.107  1.00 20.22 ? 298  VAL A CA  1 
ATOM   388 C  C   . VAL A 1 49 ? -6.150  -0.505  -1.675  1.00 20.44 ? 298  VAL A C   1 
ATOM   389 O  O   . VAL A 1 49 ? -6.342  0.679   -1.405  1.00 20.31 ? 298  VAL A O   1 
ATOM   390 C  CB  . VAL A 1 49 ? -4.851  -1.193  -3.694  1.00 22.34 ? 298  VAL A CB  1 
ATOM   391 C  CG1 . VAL A 1 49 ? -4.939  -1.691  -5.120  1.00 20.40 ? 298  VAL A CG1 1 
ATOM   392 C  CG2 . VAL A 1 49 ? -4.067  0.121   -3.621  1.00 22.37 ? 298  VAL A CG2 1 
ATOM   393 N  N   . LYS A 1 50 ? -5.852  -1.416  -0.758  1.00 21.57 ? 299  LYS A N   1 
ATOM   394 C  CA  . LYS A 1 50 ? -5.685  -1.049  0.637   1.00 22.22 ? 299  LYS A CA  1 
ATOM   395 C  C   . LYS A 1 50 ? -4.512  -1.800  1.230   1.00 20.04 ? 299  LYS A C   1 
ATOM   396 O  O   . LYS A 1 50 ? -4.201  -2.922  0.814   1.00 18.42 ? 299  LYS A O   1 
ATOM   397 C  CB  . LYS A 1 50 ? -6.951  -1.368  1.447   1.00 25.31 ? 299  LYS A CB  1 
ATOM   398 C  CG  . LYS A 1 50 ? -8.085  -0.386  1.223   1.00 30.76 ? 299  LYS A CG  1 
ATOM   399 C  CD  . LYS A 1 50 ? -9.337  -0.779  1.992   1.00 33.67 ? 299  LYS A CD  1 
ATOM   400 C  CE  . LYS A 1 50 ? -9.096  -0.776  3.484   1.00 35.96 ? 299  LYS A CE  1 
ATOM   401 N  NZ  . LYS A 1 50 ? -10.382 -0.790  4.231   1.00 38.30 ? 299  LYS A NZ  1 
ATOM   402 N  N   . CYS A 1 51 ? -3.850  -1.163  2.194   1.00 18.73 ? 300  CYS A N   1 
ATOM   403 C  CA  . CYS A 1 51 ? -2.730  -1.791  2.871   1.00 19.26 ? 300  CYS A CA  1 
ATOM   404 C  C   . CYS A 1 51 ? -3.302  -2.699  3.952   1.00 19.50 ? 300  CYS A C   1 
ATOM   405 O  O   . CYS A 1 51 ? -4.148  -2.281  4.739   1.00 21.37 ? 300  CYS A O   1 
ATOM   406 C  CB  . CYS A 1 51 ? -1.825  -0.739  3.526   1.00 19.33 ? 300  CYS A CB  1 
ATOM   407 S  SG  . CYS A 1 51 ? -0.543  -1.474  4.559   1.00 25.15 ? 300  CYS A SG  1 
ATOM   408 N  N   . PHE A 1 52 ? -2.836  -3.938  3.987   1.00 21.49 ? 301  PHE A N   1 
ATOM   409 C  CA  . PHE A 1 52 ? -3.291  -4.914  4.971   1.00 23.43 ? 301  PHE A CA  1 
ATOM   410 C  C   . PHE A 1 52 ? -2.961  -4.494  6.408   1.00 27.53 ? 301  PHE A C   1 
ATOM   411 O  O   . PHE A 1 52 ? -3.609  -4.944  7.361   1.00 26.69 ? 301  PHE A O   1 
ATOM   412 C  CB  . PHE A 1 52 ? -2.624  -6.262  4.697   1.00 24.19 ? 301  PHE A CB  1 
ATOM   413 C  CG  . PHE A 1 52 ? -1.234  -6.388  5.291   1.00 26.99 ? 301  PHE A CG  1 
ATOM   414 C  CD1 . PHE A 1 52 ? -1.055  -6.907  6.573   1.00 26.08 ? 301  PHE A CD1 1 
ATOM   415 C  CD2 . PHE A 1 52 ? -0.112  -5.977  4.574   1.00 25.55 ? 301  PHE A CD2 1 
ATOM   416 C  CE1 . PHE A 1 52 ? 0.226   -7.016  7.136   1.00 28.02 ? 301  PHE A CE1 1 
ATOM   417 C  CE2 . PHE A 1 52 ? 1.173   -6.080  5.126   1.00 28.04 ? 301  PHE A CE2 1 
ATOM   418 C  CZ  . PHE A 1 52 ? 1.341   -6.602  6.411   1.00 25.89 ? 301  PHE A CZ  1 
ATOM   419 N  N   . HIS A 1 53 ? -1.957  -3.635  6.568   1.00 28.23 ? 302  HIS A N   1 
ATOM   420 C  CA  . HIS A 1 53 ? -1.543  -3.224  7.910   1.00 28.92 ? 302  HIS A CA  1 
ATOM   421 C  C   . HIS A 1 53 ? -2.162  -1.940  8.451   1.00 28.07 ? 302  HIS A C   1 
ATOM   422 O  O   . HIS A 1 53 ? -2.837  -1.968  9.480   1.00 28.49 ? 302  HIS A O   1 
ATOM   423 C  CB  . HIS A 1 53 ? -0.016  -3.120  7.982   1.00 29.55 ? 302  HIS A CB  1 
ATOM   424 C  CG  . HIS A 1 53 ? 0.520   -3.240  9.373   1.00 31.32 ? 302  HIS A CG  1 
ATOM   425 N  ND1 . HIS A 1 53 ? 0.316   -2.271  10.332  1.00 31.56 ? 302  HIS A ND1 1 
ATOM   426 C  CD2 . HIS A 1 53 ? 1.182   -4.247  9.987   1.00 30.68 ? 302  HIS A CD2 1 
ATOM   427 C  CE1 . HIS A 1 53 ? 0.827   -2.680  11.480  1.00 34.60 ? 302  HIS A CE1 1 
ATOM   428 N  NE2 . HIS A 1 53 ? 1.358   -3.876  11.297  1.00 35.08 ? 302  HIS A NE2 1 
ATOM   429 N  N   . CYS A 1 54 ? -1.929  -0.814  7.783   1.00 26.70 ? 303  CYS A N   1 
ATOM   430 C  CA  . CYS A 1 54 ? -2.499  0.441   8.257   1.00 25.66 ? 303  CYS A CA  1 
ATOM   431 C  C   . CYS A 1 54 ? -3.935  0.616   7.770   1.00 25.95 ? 303  CYS A C   1 
ATOM   432 O  O   . CYS A 1 54 ? -4.671  1.463   8.280   1.00 23.33 ? 303  CYS A O   1 
ATOM   433 C  CB  . CYS A 1 54 ? -1.658  1.628   7.789   1.00 25.96 ? 303  CYS A CB  1 
ATOM   434 S  SG  . CYS A 1 54 ? -1.514  1.824   5.986   1.00 25.45 ? 303  CYS A SG  1 
ATOM   435 N  N   . GLY A 1 55 ? -4.323  -0.180  6.778   1.00 26.37 ? 304  GLY A N   1 
ATOM   436 C  CA  . GLY A 1 55 ? -5.669  -0.079  6.238   1.00 26.77 ? 304  GLY A CA  1 
ATOM   437 C  C   . GLY A 1 55 ? -5.848  1.116   5.320   1.00 27.35 ? 304  GLY A C   1 
ATOM   438 O  O   . GLY A 1 55 ? -6.970  1.442   4.924   1.00 27.38 ? 304  GLY A O   1 
ATOM   439 N  N   . GLY A 1 56 ? -4.742  1.774   4.973   1.00 24.91 ? 305  GLY A N   1 
ATOM   440 C  CA  . GLY A 1 56 ? -4.816  2.936   4.103   1.00 23.40 ? 305  GLY A CA  1 
ATOM   441 C  C   . GLY A 1 56 ? -5.215  2.572   2.681   1.00 23.50 ? 305  GLY A C   1 
ATOM   442 O  O   . GLY A 1 56 ? -4.729  1.585   2.132   1.00 23.54 ? 305  GLY A O   1 
ATOM   443 N  N   . GLY A 1 57 ? -6.091  3.373   2.082   1.00 22.97 ? 306  GLY A N   1 
ATOM   444 C  CA  . GLY A 1 57 ? -6.534  3.087   0.726   1.00 23.56 ? 306  GLY A CA  1 
ATOM   445 C  C   . GLY A 1 57 ? -6.008  4.040   -0.329  1.00 24.19 ? 306  GLY A C   1 
ATOM   446 O  O   . GLY A 1 57 ? -5.823  5.229   -0.073  1.00 26.43 ? 306  GLY A O   1 
ATOM   447 N  N   . LEU A 1 58 ? -5.754  3.509   -1.519  1.00 23.90 ? 307  LEU A N   1 
ATOM   448 C  CA  . LEU A 1 58 ? -5.260  4.311   -2.632  1.00 25.09 ? 307  LEU A CA  1 
ATOM   449 C  C   . LEU A 1 58 ? -5.925  3.894   -3.936  1.00 25.81 ? 307  LEU A C   1 
ATOM   450 O  O   . LEU A 1 58 ? -6.084  2.702   -4.208  1.00 25.27 ? 307  LEU A O   1 
ATOM   451 C  CB  . LEU A 1 58 ? -3.743  4.160   -2.774  1.00 23.69 ? 307  LEU A CB  1 
ATOM   452 C  CG  . LEU A 1 58 ? -2.912  4.798   -1.659  1.00 26.71 ? 307  LEU A CG  1 
ATOM   453 C  CD1 . LEU A 1 58 ? -1.443  4.437   -1.857  1.00 24.48 ? 307  LEU A CD1 1 
ATOM   454 C  CD2 . LEU A 1 58 ? -3.113  6.316   -1.671  1.00 24.33 ? 307  LEU A CD2 1 
ATOM   455 N  N   . THR A 1 59 ? -6.303  4.887   -4.738  1.00 26.88 ? 308  THR A N   1 
ATOM   456 C  CA  . THR A 1 59 ? -6.950  4.650   -6.023  1.00 27.97 ? 308  THR A CA  1 
ATOM   457 C  C   . THR A 1 59 ? -6.498  5.717   -7.027  1.00 30.67 ? 308  THR A C   1 
ATOM   458 O  O   . THR A 1 59 ? -5.687  6.581   -6.692  1.00 31.05 ? 308  THR A O   1 
ATOM   459 C  CB  . THR A 1 59 ? -8.490  4.686   -5.874  1.00 26.73 ? 308  THR A CB  1 
ATOM   460 O  OG1 . THR A 1 59 ? -9.095  4.254   -7.096  1.00 28.61 ? 308  THR A OG1 1 
ATOM   461 C  CG2 . THR A 1 59 ? -8.971  6.095   -5.540  1.00 26.12 ? 308  THR A CG2 1 
ATOM   462 N  N   . ASP A 1 60 ? -7.010  5.659   -8.253  1.00 32.97 ? 309  ASP A N   1 
ATOM   463 C  CA  . ASP A 1 60 ? -6.631  6.633   -9.277  1.00 36.09 ? 309  ASP A CA  1 
ATOM   464 C  C   . ASP A 1 60 ? -5.112  6.642   -9.443  1.00 37.20 ? 309  ASP A C   1 
ATOM   465 O  O   . ASP A 1 60 ? -4.473  7.690   -9.350  1.00 37.12 ? 309  ASP A O   1 
ATOM   466 C  CB  . ASP A 1 60 ? -7.106  8.032   -8.873  1.00 38.71 ? 309  ASP A CB  1 
ATOM   467 C  CG  . ASP A 1 60 ? -8.617  8.142   -8.817  1.00 43.25 ? 309  ASP A CG  1 
ATOM   468 O  OD1 . ASP A 1 60 ? -9.120  9.124   -8.231  1.00 44.77 ? 309  ASP A OD1 1 
ATOM   469 O  OD2 . ASP A 1 60 ? -9.305  7.250   -9.367  1.00 46.12 ? 309  ASP A OD2 1 
ATOM   470 N  N   . TRP A 1 61 ? -4.543  5.468   -9.683  1.00 37.33 ? 310  TRP A N   1 
ATOM   471 C  CA  . TRP A 1 61 ? -3.104  5.330   -9.852  1.00 39.97 ? 310  TRP A CA  1 
ATOM   472 C  C   . TRP A 1 61 ? -2.624  5.824   -11.209 1.00 42.95 ? 310  TRP A C   1 
ATOM   473 O  O   . TRP A 1 61 ? -3.345  5.745   -12.203 1.00 42.56 ? 310  TRP A O   1 
ATOM   474 C  CB  . TRP A 1 61 ? -2.685  3.865   -9.701  1.00 37.93 ? 310  TRP A CB  1 
ATOM   475 C  CG  . TRP A 1 61 ? -2.844  3.315   -8.326  1.00 37.54 ? 310  TRP A CG  1 
ATOM   476 C  CD1 . TRP A 1 61 ? -3.978  2.786   -7.775  1.00 37.09 ? 310  TRP A CD1 1 
ATOM   477 C  CD2 . TRP A 1 61 ? -1.838  3.252   -7.313  1.00 37.03 ? 310  TRP A CD2 1 
ATOM   478 N  NE1 . TRP A 1 61 ? -3.737  2.397   -6.479  1.00 36.66 ? 310  TRP A NE1 1 
ATOM   479 C  CE2 . TRP A 1 61 ? -2.430  2.674   -6.170  1.00 37.40 ? 310  TRP A CE2 1 
ATOM   480 C  CE3 . TRP A 1 61 ? -0.490  3.633   -7.260  1.00 36.87 ? 310  TRP A CE3 1 
ATOM   481 C  CZ2 . TRP A 1 61 ? -1.720  2.464   -4.985  1.00 36.54 ? 310  TRP A CZ2 1 
ATOM   482 C  CZ3 . TRP A 1 61 ? 0.215   3.426   -6.082  1.00 36.23 ? 310  TRP A CZ3 1 
ATOM   483 C  CH2 . TRP A 1 61 ? -0.402  2.846   -4.960  1.00 36.49 ? 310  TRP A CH2 1 
ATOM   484 N  N   . LYS A 1 62 ? -1.397  6.332   -11.243 1.00 44.97 ? 311  LYS A N   1 
ATOM   485 C  CA  . LYS A 1 62 ? -0.805  6.795   -12.487 1.00 48.05 ? 311  LYS A CA  1 
ATOM   486 C  C   . LYS A 1 62 ? 0.106   5.669   -12.959 1.00 48.97 ? 311  LYS A C   1 
ATOM   487 O  O   . LYS A 1 62 ? 0.645   4.916   -12.150 1.00 49.13 ? 311  LYS A O   1 
ATOM   488 C  CB  . LYS A 1 62 ? -0.003  8.076   -12.265 1.00 49.69 ? 311  LYS A CB  1 
ATOM   489 C  CG  . LYS A 1 62 ? -0.791  9.183   -11.583 1.00 51.34 ? 311  LYS A CG  1 
ATOM   490 C  CD  . LYS A 1 62 ? -2.104  9.467   -12.298 1.00 53.66 ? 311  LYS A CD  1 
ATOM   491 C  CE  . LYS A 1 62 ? -1.878  9.923   -13.734 1.00 56.76 ? 311  LYS A CE  1 
ATOM   492 N  NZ  . LYS A 1 62 ? -3.154  10.299  -14.409 1.00 57.11 ? 311  LYS A NZ  1 
ATOM   493 N  N   . PRO A 1 63 ? 0.284   5.541   -14.278 1.00 50.82 ? 312  PRO A N   1 
ATOM   494 C  CA  . PRO A 1 63 ? 1.117   4.512   -14.909 1.00 51.62 ? 312  PRO A CA  1 
ATOM   495 C  C   . PRO A 1 63 ? 2.478   4.214   -14.275 1.00 52.35 ? 312  PRO A C   1 
ATOM   496 O  O   . PRO A 1 63 ? 2.780   3.061   -13.962 1.00 52.87 ? 312  PRO A O   1 
ATOM   497 C  CB  . PRO A 1 63 ? 1.253   5.021   -16.340 1.00 51.82 ? 312  PRO A CB  1 
ATOM   498 C  CG  . PRO A 1 63 ? -0.066  5.685   -16.571 1.00 51.45 ? 312  PRO A CG  1 
ATOM   499 C  CD  . PRO A 1 63 ? -0.258  6.463   -15.292 1.00 51.22 ? 312  PRO A CD  1 
ATOM   500 N  N   . SER A 1 64 ? 3.292   5.248   -14.086 1.00 51.90 ? 313  SER A N   1 
ATOM   501 C  CA  . SER A 1 64 ? 4.633   5.073   -13.530 1.00 52.29 ? 313  SER A CA  1 
ATOM   502 C  C   . SER A 1 64 ? 4.769   5.258   -12.024 1.00 50.46 ? 313  SER A C   1 
ATOM   503 O  O   . SER A 1 64 ? 5.866   5.121   -11.483 1.00 50.82 ? 313  SER A O   1 
ATOM   504 C  CB  . SER A 1 64 ? 5.606   6.025   -14.223 1.00 53.25 ? 313  SER A CB  1 
ATOM   505 O  OG  . SER A 1 64 ? 5.212   7.371   -14.014 1.00 56.52 ? 313  SER A OG  1 
ATOM   506 N  N   . GLU A 1 65 ? 3.671   5.573   -11.347 1.00 47.37 ? 314  GLU A N   1 
ATOM   507 C  CA  . GLU A 1 65 ? 3.726   5.773   -9.906  1.00 44.34 ? 314  GLU A CA  1 
ATOM   508 C  C   . GLU A 1 65 ? 4.359   4.607   -9.167  1.00 40.83 ? 314  GLU A C   1 
ATOM   509 O  O   . GLU A 1 65 ? 4.275   3.455   -9.597  1.00 40.42 ? 314  GLU A O   1 
ATOM   510 C  CB  . GLU A 1 65 ? 2.330   6.018   -9.341  1.00 47.08 ? 314  GLU A CB  1 
ATOM   511 C  CG  . GLU A 1 65 ? 1.814   7.408   -9.595  1.00 50.31 ? 314  GLU A CG  1 
ATOM   512 C  CD  . GLU A 1 65 ? 0.577   7.718   -8.786  1.00 52.31 ? 314  GLU A CD  1 
ATOM   513 O  OE1 . GLU A 1 65 ? -0.478  7.101   -9.043  1.00 53.46 ? 314  GLU A OE1 1 
ATOM   514 O  OE2 . GLU A 1 65 ? 0.669   8.576   -7.884  1.00 53.74 ? 314  GLU A OE2 1 
ATOM   515 N  N   . ASP A 1 66 ? 5.007   4.921   -8.053  1.00 36.90 ? 315  ASP A N   1 
ATOM   516 C  CA  . ASP A 1 66 ? 5.639   3.899   -7.237  1.00 35.15 ? 315  ASP A CA  1 
ATOM   517 C  C   . ASP A 1 66 ? 4.798   3.676   -5.988  1.00 30.03 ? 315  ASP A C   1 
ATOM   518 O  O   . ASP A 1 66 ? 4.609   4.585   -5.185  1.00 29.23 ? 315  ASP A O   1 
ATOM   519 C  CB  . ASP A 1 66 ? 7.055   4.312   -6.835  1.00 38.82 ? 315  ASP A CB  1 
ATOM   520 C  CG  . ASP A 1 66 ? 7.711   3.296   -5.921  1.00 42.88 ? 315  ASP A CG  1 
ATOM   521 O  OD1 . ASP A 1 66 ? 7.511   3.373   -4.690  1.00 45.06 ? 315  ASP A OD1 1 
ATOM   522 O  OD2 . ASP A 1 66 ? 8.412   2.400   -6.439  1.00 47.35 ? 315  ASP A OD2 1 
ATOM   523 N  N   . PRO A 1 67 ? 4.284   2.454   -5.814  1.00 26.99 ? 316  PRO A N   1 
ATOM   524 C  CA  . PRO A 1 67 ? 3.451   2.097   -4.661  1.00 24.80 ? 316  PRO A CA  1 
ATOM   525 C  C   . PRO A 1 67 ? 4.054   2.476   -3.304  1.00 23.38 ? 316  PRO A C   1 
ATOM   526 O  O   . PRO A 1 67 ? 3.374   3.048   -2.452  1.00 23.57 ? 316  PRO A O   1 
ATOM   527 C  CB  . PRO A 1 67 ? 3.281   0.589   -4.822  1.00 23.91 ? 316  PRO A CB  1 
ATOM   528 C  CG  . PRO A 1 67 ? 3.269   0.426   -6.318  1.00 26.03 ? 316  PRO A CG  1 
ATOM   529 C  CD  . PRO A 1 67 ? 4.438   1.303   -6.720  1.00 25.54 ? 316  PRO A CD  1 
ATOM   530 N  N   . TRP A 1 68 ? 5.324   2.159   -3.098  1.00 21.98 ? 317  TRP A N   1 
ATOM   531 C  CA  . TRP A 1 68 ? 5.963   2.488   -1.823  1.00 22.84 ? 317  TRP A CA  1 
ATOM   532 C  C   . TRP A 1 68 ? 5.947   3.983   -1.565  1.00 22.02 ? 317  TRP A C   1 
ATOM   533 O  O   . TRP A 1 68 ? 5.702   4.427   -0.444  1.00 23.06 ? 317  TRP A O   1 
ATOM   534 C  CB  . TRP A 1 68 ? 7.407   1.979   -1.797  1.00 21.90 ? 317  TRP A CB  1 
ATOM   535 C  CG  . TRP A 1 68 ? 7.563   0.585   -1.272  1.00 22.41 ? 317  TRP A CG  1 
ATOM   536 C  CD1 . TRP A 1 68 ? 8.330   -0.408  -1.810  1.00 24.35 ? 317  TRP A CD1 1 
ATOM   537 C  CD2 . TRP A 1 68 ? 7.000   0.048   -0.067  1.00 21.20 ? 317  TRP A CD2 1 
ATOM   538 N  NE1 . TRP A 1 68 ? 8.283   -1.528  -1.015  1.00 22.31 ? 317  TRP A NE1 1 
ATOM   539 C  CE2 . TRP A 1 68 ? 7.473   -1.274  0.062   1.00 22.27 ? 317  TRP A CE2 1 
ATOM   540 C  CE3 . TRP A 1 68 ? 6.140   0.557   0.917   1.00 24.53 ? 317  TRP A CE3 1 
ATOM   541 C  CZ2 . TRP A 1 68 ? 7.119   -2.099  1.137   1.00 20.92 ? 317  TRP A CZ2 1 
ATOM   542 C  CZ3 . TRP A 1 68 ? 5.784   -0.262  1.988   1.00 22.54 ? 317  TRP A CZ3 1 
ATOM   543 C  CH2 . TRP A 1 68 ? 6.275   -1.575  2.087   1.00 23.15 ? 317  TRP A CH2 1 
ATOM   544 N  N   . GLU A 1 69 ? 6.199   4.763   -2.609  1.00 22.56 ? 318  GLU A N   1 
ATOM   545 C  CA  . GLU A 1 69 ? 6.229   6.210   -2.470  1.00 24.88 ? 318  GLU A CA  1 
ATOM   546 C  C   . GLU A 1 69 ? 4.871   6.784   -2.097  1.00 24.89 ? 318  GLU A C   1 
ATOM   547 O  O   . GLU A 1 69 ? 4.776   7.713   -1.293  1.00 22.16 ? 318  GLU A O   1 
ATOM   548 C  CB  . GLU A 1 69 ? 6.734   6.847   -3.768  1.00 28.94 ? 318  GLU A CB  1 
ATOM   549 C  CG  . GLU A 1 69 ? 6.779   8.362   -3.720  1.00 38.47 ? 318  GLU A CG  1 
ATOM   550 C  CD  . GLU A 1 69 ? 7.488   8.970   -4.920  1.00 44.34 ? 318  GLU A CD  1 
ATOM   551 O  OE1 . GLU A 1 69 ? 7.583   10.216  -4.979  1.00 48.85 ? 318  GLU A OE1 1 
ATOM   552 O  OE2 . GLU A 1 69 ? 7.954   8.210   -5.799  1.00 47.25 ? 318  GLU A OE2 1 
ATOM   553 N  N   . GLN A 1 70 ? 3.814   6.239   -2.688  1.00 25.18 ? 319  GLN A N   1 
ATOM   554 C  CA  . GLN A 1 70 ? 2.468   6.713   -2.387  1.00 24.96 ? 319  GLN A CA  1 
ATOM   555 C  C   . GLN A 1 70 ? 2.056   6.251   -0.994  1.00 24.68 ? 319  GLN A C   1 
ATOM   556 O  O   . GLN A 1 70 ? 1.334   6.951   -0.280  1.00 24.88 ? 319  GLN A O   1 
ATOM   557 C  CB  . GLN A 1 70 ? 1.479   6.187   -3.436  1.00 26.37 ? 319  GLN A CB  1 
ATOM   558 C  CG  . GLN A 1 70 ? 1.629   6.858   -4.792  1.00 27.78 ? 319  GLN A CG  1 
ATOM   559 C  CD  . GLN A 1 70 ? 1.486   8.363   -4.696  1.00 30.96 ? 319  GLN A CD  1 
ATOM   560 O  OE1 . GLN A 1 70 ? 0.455   8.875   -4.253  1.00 31.13 ? 319  GLN A OE1 1 
ATOM   561 N  NE2 . GLN A 1 70 ? 2.526   9.084   -5.106  1.00 33.13 ? 319  GLN A NE2 1 
ATOM   562 N  N   . HIS A 1 71 ? 2.526   5.067   -0.612  1.00 24.04 ? 320  HIS A N   1 
ATOM   563 C  CA  . HIS A 1 71 ? 2.218   4.508   0.699   1.00 23.43 ? 320  HIS A CA  1 
ATOM   564 C  C   . HIS A 1 71 ? 2.787   5.435   1.785   1.00 25.89 ? 320  HIS A C   1 
ATOM   565 O  O   . HIS A 1 71 ? 2.103   5.785   2.753   1.00 25.99 ? 320  HIS A O   1 
ATOM   566 C  CB  . HIS A 1 71 ? 2.833   3.106   0.814   1.00 20.40 ? 320  HIS A CB  1 
ATOM   567 C  CG  . HIS A 1 71 ? 2.235   2.269   1.903   1.00 18.85 ? 320  HIS A CG  1 
ATOM   568 N  ND1 . HIS A 1 71 ? 2.300   0.893   1.902   1.00 19.24 ? 320  HIS A ND1 1 
ATOM   569 C  CD2 . HIS A 1 71 ? 1.537   2.612   3.011   1.00 18.03 ? 320  HIS A CD2 1 
ATOM   570 C  CE1 . HIS A 1 71 ? 1.662   0.423   2.959   1.00 17.41 ? 320  HIS A CE1 1 
ATOM   571 N  NE2 . HIS A 1 71 ? 1.190   1.447   3.649   1.00 18.09 ? 320  HIS A NE2 1 
ATOM   572 N  N   . ALA A 1 72 ? 4.041   5.839   1.606   1.00 25.92 ? 321  ALA A N   1 
ATOM   573 C  CA  . ALA A 1 72 ? 4.712   6.715   2.564   1.00 25.26 ? 321  ALA A CA  1 
ATOM   574 C  C   . ALA A 1 72 ? 4.123   8.122   2.522   1.00 24.75 ? 321  ALA A C   1 
ATOM   575 O  O   . ALA A 1 72 ? 3.986   8.777   3.548   1.00 25.08 ? 321  ALA A O   1 
ATOM   576 C  CB  . ALA A 1 72 ? 6.216   6.762   2.261   1.00 23.52 ? 321  ALA A CB  1 
ATOM   577 N  N   . LYS A 1 73 ? 3.776   8.591   1.331   1.00 26.41 ? 322  LYS A N   1 
ATOM   578 C  CA  . LYS A 1 73 ? 3.209   9.924   1.209   1.00 27.15 ? 322  LYS A CA  1 
ATOM   579 C  C   . LYS A 1 73 ? 1.922   10.093  2.016   1.00 27.59 ? 322  LYS A C   1 
ATOM   580 O  O   . LYS A 1 73 ? 1.787   11.042  2.789   1.00 28.11 ? 322  LYS A O   1 
ATOM   581 C  CB  . LYS A 1 73 ? 2.927   10.244  -0.258  1.00 29.10 ? 322  LYS A CB  1 
ATOM   582 C  CG  . LYS A 1 73 ? 2.252   11.592  -0.463  1.00 32.08 ? 322  LYS A CG  1 
ATOM   583 C  CD  . LYS A 1 73 ? 2.002   11.882  -1.938  1.00 32.96 ? 322  LYS A CD  1 
ATOM   584 C  CE  . LYS A 1 73 ? 1.252   13.202  -2.120  1.00 34.65 ? 322  LYS A CE  1 
ATOM   585 N  NZ  . LYS A 1 73 ? 1.002   13.507  -3.563  1.00 35.03 ? 322  LYS A NZ  1 
ATOM   586 N  N   . TRP A 1 74 ? 0.987   9.159   1.852   1.00 25.56 ? 323  TRP A N   1 
ATOM   587 C  CA  . TRP A 1 74 ? -0.302  9.245   2.532   1.00 25.30 ? 323  TRP A CA  1 
ATOM   588 C  C   . TRP A 1 74 ? -0.451  8.581   3.888   1.00 25.70 ? 323  TRP A C   1 
ATOM   589 O  O   . TRP A 1 74 ? -1.266  9.019   4.700   1.00 26.65 ? 323  TRP A O   1 
ATOM   590 C  CB  . TRP A 1 74 ? -1.403  8.721   1.603   1.00 24.92 ? 323  TRP A CB  1 
ATOM   591 C  CG  . TRP A 1 74 ? -1.558  9.583   0.407   1.00 22.38 ? 323  TRP A CG  1 
ATOM   592 C  CD1 . TRP A 1 74 ? -1.118  9.326   -0.857  1.00 21.87 ? 323  TRP A CD1 1 
ATOM   593 C  CD2 . TRP A 1 74 ? -2.128  10.892  0.378   1.00 23.05 ? 323  TRP A CD2 1 
ATOM   594 N  NE1 . TRP A 1 74 ? -1.376  10.401  -1.675  1.00 22.87 ? 323  TRP A NE1 1 
ATOM   595 C  CE2 . TRP A 1 74 ? -1.996  11.377  -0.938  1.00 22.83 ? 323  TRP A CE2 1 
ATOM   596 C  CE3 . TRP A 1 74 ? -2.735  11.707  1.346   1.00 24.66 ? 323  TRP A CE3 1 
ATOM   597 C  CZ2 . TRP A 1 74 ? -2.451  12.642  -1.319  1.00 23.89 ? 323  TRP A CZ2 1 
ATOM   598 C  CZ3 . TRP A 1 74 ? -3.185  12.966  0.970   1.00 25.00 ? 323  TRP A CZ3 1 
ATOM   599 C  CH2 . TRP A 1 74 ? -3.039  13.420  -0.354  1.00 25.61 ? 323  TRP A CH2 1 
ATOM   600 N  N   . TYR A 1 75 ? 0.324   7.534   4.144   1.00 25.67 ? 324  TYR A N   1 
ATOM   601 C  CA  . TYR A 1 75 ? 0.214   6.822   5.411   1.00 25.50 ? 324  TYR A CA  1 
ATOM   602 C  C   . TYR A 1 75 ? 1.573   6.618   6.089   1.00 26.28 ? 324  TYR A C   1 
ATOM   603 O  O   . TYR A 1 75 ? 1.989   5.489   6.349   1.00 25.02 ? 324  TYR A O   1 
ATOM   604 C  CB  . TYR A 1 75 ? -0.481  5.481   5.154   1.00 25.30 ? 324  TYR A CB  1 
ATOM   605 C  CG  . TYR A 1 75 ? -1.794  5.663   4.412   1.00 26.80 ? 324  TYR A CG  1 
ATOM   606 C  CD1 . TYR A 1 75 ? -1.913  5.338   3.060   1.00 26.26 ? 324  TYR A CD1 1 
ATOM   607 C  CD2 . TYR A 1 75 ? -2.901  6.224   5.051   1.00 26.52 ? 324  TYR A CD2 1 
ATOM   608 C  CE1 . TYR A 1 75 ? -3.108  5.573   2.359   1.00 25.80 ? 324  TYR A CE1 1 
ATOM   609 C  CE2 . TYR A 1 75 ? -4.096  6.466   4.360   1.00 29.30 ? 324  TYR A CE2 1 
ATOM   610 C  CZ  . TYR A 1 75 ? -4.191  6.139   3.019   1.00 27.05 ? 324  TYR A CZ  1 
ATOM   611 O  OH  . TYR A 1 75 ? -5.364  6.382   2.341   1.00 30.00 ? 324  TYR A OH  1 
ATOM   612 N  N   . PRO A 1 76 ? 2.270   7.721   6.402   1.00 27.71 ? 325  PRO A N   1 
ATOM   613 C  CA  . PRO A 1 76 ? 3.587   7.666   7.048   1.00 28.90 ? 325  PRO A CA  1 
ATOM   614 C  C   . PRO A 1 76 ? 3.640   6.900   8.364   1.00 29.10 ? 325  PRO A C   1 
ATOM   615 O  O   . PRO A 1 76 ? 4.698   6.416   8.755   1.00 30.30 ? 325  PRO A O   1 
ATOM   616 C  CB  . PRO A 1 76 ? 3.959   9.142   7.211   1.00 29.82 ? 325  PRO A CB  1 
ATOM   617 C  CG  . PRO A 1 76 ? 2.620   9.836   7.305   1.00 30.25 ? 325  PRO A CG  1 
ATOM   618 C  CD  . PRO A 1 76 ? 1.824   9.116   6.233   1.00 27.83 ? 325  PRO A CD  1 
ATOM   619 N  N   . GLY A 1 77 ? 2.501   6.780   9.037   1.00 28.53 ? 326  GLY A N   1 
ATOM   620 C  CA  . GLY A 1 77 ? 2.465   6.073   10.304  1.00 26.70 ? 326  GLY A CA  1 
ATOM   621 C  C   . GLY A 1 77 ? 2.363   4.560   10.212  1.00 26.89 ? 326  GLY A C   1 
ATOM   622 O  O   . GLY A 1 77 ? 2.382   3.873   11.236  1.00 27.86 ? 326  GLY A O   1 
ATOM   623 N  N   . CYS A 1 78 ? 2.259   4.028   8.999   1.00 26.27 ? 327  CYS A N   1 
ATOM   624 C  CA  . CYS A 1 78 ? 2.147   2.584   8.827   1.00 25.86 ? 327  CYS A CA  1 
ATOM   625 C  C   . CYS A 1 78 ? 3.379   1.833   9.306   1.00 26.47 ? 327  CYS A C   1 
ATOM   626 O  O   . CYS A 1 78 ? 4.498   2.114   8.878   1.00 26.62 ? 327  CYS A O   1 
ATOM   627 C  CB  . CYS A 1 78 ? 1.876   2.228   7.362   1.00 24.46 ? 327  CYS A CB  1 
ATOM   628 S  SG  . CYS A 1 78 ? 1.773   0.463   7.119   1.00 25.98 ? 327  CYS A SG  1 
ATOM   629 N  N   . LYS A 1 79 ? 3.163   0.857   10.183  1.00 26.55 ? 328  LYS A N   1 
ATOM   630 C  CA  . LYS A 1 79 ? 4.261   0.078   10.735  1.00 27.73 ? 328  LYS A CA  1 
ATOM   631 C  C   . LYS A 1 79 ? 4.833   -0.950  9.770   1.00 27.72 ? 328  LYS A C   1 
ATOM   632 O  O   . LYS A 1 79 ? 5.989   -1.348  9.903   1.00 26.55 ? 328  LYS A O   1 
ATOM   633 C  CB  . LYS A 1 79 ? 3.818   -0.585  12.044  1.00 30.99 ? 328  LYS A CB  1 
ATOM   634 C  CG  . LYS A 1 79 ? 3.542   0.431   13.153  1.00 32.25 ? 328  LYS A CG  1 
ATOM   635 C  CD  . LYS A 1 79 ? 4.817   1.184   13.530  1.00 35.90 ? 328  LYS A CD  1 
ATOM   636 C  CE  . LYS A 1 79 ? 4.564   2.249   14.592  1.00 38.15 ? 328  LYS A CE  1 
ATOM   637 N  NZ  . LYS A 1 79 ? 3.743   3.382   14.066  1.00 42.25 ? 328  LYS A NZ  1 
ATOM   638 N  N   . TYR A 1 80 ? 4.040   -1.394  8.797   1.00 26.26 ? 329  TYR A N   1 
ATOM   639 C  CA  . TYR A 1 80 ? 4.572   -2.345  7.824   1.00 24.70 ? 329  TYR A CA  1 
ATOM   640 C  C   . TYR A 1 80 ? 5.508   -1.535  6.923   1.00 23.41 ? 329  TYR A C   1 
ATOM   641 O  O   . TYR A 1 80 ? 6.574   -2.004  6.525   1.00 24.37 ? 329  TYR A O   1 
ATOM   642 C  CB  . TYR A 1 80 ? 3.449   -2.973  6.990   1.00 23.12 ? 329  TYR A CB  1 
ATOM   643 C  CG  . TYR A 1 80 ? 3.959   -3.839  5.863   1.00 23.22 ? 329  TYR A CG  1 
ATOM   644 C  CD1 . TYR A 1 80 ? 4.547   -5.074  6.117   1.00 25.70 ? 329  TYR A CD1 1 
ATOM   645 C  CD2 . TYR A 1 80 ? 3.877   -3.410  4.542   1.00 25.54 ? 329  TYR A CD2 1 
ATOM   646 C  CE1 . TYR A 1 80 ? 5.042   -5.863  5.080   1.00 27.14 ? 329  TYR A CE1 1 
ATOM   647 C  CE2 . TYR A 1 80 ? 4.364   -4.189  3.500   1.00 24.66 ? 329  TYR A CE2 1 
ATOM   648 C  CZ  . TYR A 1 80 ? 4.944   -5.412  3.774   1.00 27.81 ? 329  TYR A CZ  1 
ATOM   649 O  OH  . TYR A 1 80 ? 5.425   -6.187  2.742   1.00 31.14 ? 329  TYR A OH  1 
ATOM   650 N  N   . LEU A 1 81 ? 5.087   -0.314  6.609   1.00 22.06 ? 330  LEU A N   1 
ATOM   651 C  CA  . LEU A 1 81 ? 5.877   0.601   5.789   1.00 23.25 ? 330  LEU A CA  1 
ATOM   652 C  C   . LEU A 1 81 ? 7.220   0.834   6.494   1.00 24.08 ? 330  LEU A C   1 
ATOM   653 O  O   . LEU A 1 81 ? 8.285   0.685   5.895   1.00 24.24 ? 330  LEU A O   1 
ATOM   654 C  CB  . LEU A 1 81 ? 5.141   1.934   5.644   1.00 20.33 ? 330  LEU A CB  1 
ATOM   655 C  CG  . LEU A 1 81 ? 5.924   3.116   5.071   1.00 23.00 ? 330  LEU A CG  1 
ATOM   656 C  CD1 . LEU A 1 81 ? 6.254   2.868   3.613   1.00 23.32 ? 330  LEU A CD1 1 
ATOM   657 C  CD2 . LEU A 1 81 ? 5.101   4.386   5.227   1.00 22.00 ? 330  LEU A CD2 1 
ATOM   658 N  N   . LEU A 1 82 ? 7.151   1.195   7.773   1.00 24.36 ? 331  LEU A N   1 
ATOM   659 C  CA  . LEU A 1 82 ? 8.354   1.442   8.564   1.00 27.87 ? 331  LEU A CA  1 
ATOM   660 C  C   . LEU A 1 82 ? 9.282   0.231   8.480   1.00 27.94 ? 331  LEU A C   1 
ATOM   661 O  O   . LEU A 1 82 ? 10.426  0.338   8.049   1.00 29.16 ? 331  LEU A O   1 
ATOM   662 C  CB  . LEU A 1 82 ? 7.981   1.717   10.027  1.00 26.83 ? 331  LEU A CB  1 
ATOM   663 C  CG  . LEU A 1 82 ? 9.166   1.904   10.987  1.00 28.27 ? 331  LEU A CG  1 
ATOM   664 C  CD1 . LEU A 1 82 ? 10.044  3.043   10.503  1.00 24.84 ? 331  LEU A CD1 1 
ATOM   665 C  CD2 . LEU A 1 82 ? 8.654   2.189   12.397  1.00 27.70 ? 331  LEU A CD2 1 
ATOM   666 N  N   . GLU A 1 83 ? 8.767   -0.929  8.868   1.00 30.19 ? 332  GLU A N   1 
ATOM   667 C  CA  . GLU A 1 83 ? 9.543   -2.158  8.844   1.00 30.66 ? 332  GLU A CA  1 
ATOM   668 C  C   . GLU A 1 83 ? 10.236  -2.448  7.519   1.00 30.74 ? 332  GLU A C   1 
ATOM   669 O  O   . GLU A 1 83 ? 11.382  -2.898  7.502   1.00 30.69 ? 332  GLU A O   1 
ATOM   670 C  CB  . GLU A 1 83 ? 8.655   -3.348  9.195   1.00 33.81 ? 332  GLU A CB  1 
ATOM   671 C  CG  . GLU A 1 83 ? 9.388   -4.676  9.110   1.00 40.93 ? 332  GLU A CG  1 
ATOM   672 C  CD  . GLU A 1 83 ? 8.457   -5.871  9.167   1.00 45.91 ? 332  GLU A CD  1 
ATOM   673 O  OE1 . GLU A 1 83 ? 7.579   -5.988  8.283   1.00 48.49 ? 332  GLU A OE1 1 
ATOM   674 O  OE2 . GLU A 1 83 ? 8.606   -6.696  10.094  1.00 48.82 ? 332  GLU A OE2 1 
ATOM   675 N  N   . GLN A 1 84 ? 9.543   -2.200  6.411   1.00 29.11 ? 333  GLN A N   1 
ATOM   676 C  CA  . GLN A 1 84 ? 10.099  -2.478  5.089   1.00 28.08 ? 333  GLN A CA  1 
ATOM   677 C  C   . GLN A 1 84 ? 10.938  -1.383  4.454   1.00 26.28 ? 333  GLN A C   1 
ATOM   678 O  O   . GLN A 1 84 ? 11.912  -1.680  3.758   1.00 25.84 ? 333  GLN A O   1 
ATOM   679 C  CB  . GLN A 1 84 ? 8.975   -2.837  4.103   1.00 29.28 ? 333  GLN A CB  1 
ATOM   680 C  CG  . GLN A 1 84 ? 8.153   -4.053  4.492   1.00 28.41 ? 333  GLN A CG  1 
ATOM   681 C  CD  . GLN A 1 84 ? 9.004   -5.284  4.672   1.00 29.50 ? 333  GLN A CD  1 
ATOM   682 O  OE1 . GLN A 1 84 ? 9.777   -5.650  3.789   1.00 28.52 ? 333  GLN A OE1 1 
ATOM   683 N  NE2 . GLN A 1 84 ? 8.864   -5.938  5.820   1.00 29.34 ? 333  GLN A NE2 1 
ATOM   684 N  N   . LYS A 1 85 ? 10.565  -0.124  4.674   1.00 25.36 ? 334  LYS A N   1 
ATOM   685 C  CA  . LYS A 1 85 ? 11.284  0.985   4.051   1.00 25.73 ? 334  LYS A CA  1 
ATOM   686 C  C   . LYS A 1 85 ? 12.160  1.845   4.968   1.00 26.76 ? 334  LYS A C   1 
ATOM   687 O  O   . LYS A 1 85 ? 13.016  2.577   4.482   1.00 23.30 ? 334  LYS A O   1 
ATOM   688 C  CB  . LYS A 1 85 ? 10.294  1.885   3.305   1.00 25.51 ? 334  LYS A CB  1 
ATOM   689 C  CG  . LYS A 1 85 ? 9.481   1.167   2.217   1.00 27.03 ? 334  LYS A CG  1 
ATOM   690 C  CD  . LYS A 1 85 ? 10.378  0.536   1.155   1.00 26.61 ? 334  LYS A CD  1 
ATOM   691 C  CE  . LYS A 1 85 ? 11.186  1.591   0.408   1.00 27.29 ? 334  LYS A CE  1 
ATOM   692 N  NZ  . LYS A 1 85 ? 12.079  0.977   -0.617  1.00 29.48 ? 334  LYS A NZ  1 
ATOM   693 N  N   . GLY A 1 86 ? 11.941  1.770   6.278   1.00 28.98 ? 335  GLY A N   1 
ATOM   694 C  CA  . GLY A 1 86 ? 12.748  2.551   7.204   1.00 31.14 ? 335  GLY A CA  1 
ATOM   695 C  C   . GLY A 1 86 ? 12.246  3.962   7.444   1.00 31.48 ? 335  GLY A C   1 
ATOM   696 O  O   . GLY A 1 86 ? 11.540  4.532   6.614   1.00 32.57 ? 335  GLY A O   1 
ATOM   697 N  N   . GLN A 1 87 ? 12.625  4.538   8.581   1.00 32.53 ? 336  GLN A N   1 
ATOM   698 C  CA  . GLN A 1 87 ? 12.190  5.882   8.932   1.00 32.55 ? 336  GLN A CA  1 
ATOM   699 C  C   . GLN A 1 87 ? 12.758  6.977   8.041   1.00 32.38 ? 336  GLN A C   1 
ATOM   700 O  O   . GLN A 1 87 ? 12.078  7.970   7.776   1.00 31.41 ? 336  GLN A O   1 
ATOM   701 C  CB  . GLN A 1 87 ? 12.539  6.190   10.386  1.00 36.13 ? 336  GLN A CB  1 
ATOM   702 C  CG  . GLN A 1 87 ? 11.859  7.445   10.917  1.00 37.56 ? 336  GLN A CG  1 
ATOM   703 C  CD  . GLN A 1 87 ? 10.346  7.295   10.988  1.00 38.83 ? 336  GLN A CD  1 
ATOM   704 O  OE1 . GLN A 1 87 ? 9.833   6.443   11.711  1.00 37.68 ? 336  GLN A OE1 1 
ATOM   705 N  NE2 . GLN A 1 87 ? 9.629   8.122   10.232  1.00 38.05 ? 336  GLN A NE2 1 
ATOM   706 N  N   . GLU A 1 88 ? 13.999  6.814   7.587   1.00 31.30 ? 337  GLU A N   1 
ATOM   707 C  CA  . GLU A 1 88 ? 14.607  7.828   6.730   1.00 31.60 ? 337  GLU A CA  1 
ATOM   708 C  C   . GLU A 1 88 ? 13.831  7.972   5.428   1.00 30.21 ? 337  GLU A C   1 
ATOM   709 O  O   . GLU A 1 88 ? 13.581  9.084   4.966   1.00 28.57 ? 337  GLU A O   1 
ATOM   710 C  CB  . GLU A 1 88 ? 16.074  7.490   6.422   1.00 32.51 ? 337  GLU A CB  1 
ATOM   711 C  CG  . GLU A 1 88 ? 17.009  7.644   7.614   1.00 35.90 ? 337  GLU A CG  1 
ATOM   712 C  CD  . GLU A 1 88 ? 18.483  7.574   7.230   1.00 37.78 ? 337  GLU A CD  1 
ATOM   713 O  OE1 . GLU A 1 88 ? 19.334  7.717   8.133   1.00 38.91 ? 337  GLU A OE1 1 
ATOM   714 O  OE2 . GLU A 1 88 ? 18.793  7.379   6.034   1.00 37.77 ? 337  GLU A OE2 1 
ATOM   715 N  N   . TYR A 1 89 ? 13.457  6.841   4.834   1.00 30.89 ? 338  TYR A N   1 
ATOM   716 C  CA  . TYR A 1 89 ? 12.695  6.851   3.585   1.00 30.85 ? 338  TYR A CA  1 
ATOM   717 C  C   . TYR A 1 89 ? 11.410  7.657   3.755   1.00 29.53 ? 338  TYR A C   1 
ATOM   718 O  O   . TYR A 1 89 ? 11.086  8.514   2.930   1.00 28.20 ? 338  TYR A O   1 
ATOM   719 C  CB  . TYR A 1 89 ? 12.335  5.422   3.166   1.00 32.21 ? 338  TYR A CB  1 
ATOM   720 C  CG  . TYR A 1 89 ? 11.496  5.346   1.903   1.00 32.17 ? 338  TYR A CG  1 
ATOM   721 C  CD1 . TYR A 1 89 ? 12.076  5.486   0.640   1.00 31.36 ? 338  TYR A CD1 1 
ATOM   722 C  CD2 . TYR A 1 89 ? 10.119  5.134   1.974   1.00 31.86 ? 338  TYR A CD2 1 
ATOM   723 C  CE1 . TYR A 1 89 ? 11.301  5.414   -0.525  1.00 33.01 ? 338  TYR A CE1 1 
ATOM   724 C  CE2 . TYR A 1 89 ? 9.334   5.061   0.818   1.00 30.45 ? 338  TYR A CE2 1 
ATOM   725 C  CZ  . TYR A 1 89 ? 9.929   5.199   -0.423  1.00 32.07 ? 338  TYR A CZ  1 
ATOM   726 O  OH  . TYR A 1 89 ? 9.150   5.112   -1.561  1.00 32.45 ? 338  TYR A OH  1 
ATOM   727 N  N   . ILE A 1 90 ? 10.687  7.380   4.833   1.00 29.70 ? 339  ILE A N   1 
ATOM   728 C  CA  . ILE A 1 90 ? 9.430   8.067   5.113   1.00 32.82 ? 339  ILE A CA  1 
ATOM   729 C  C   . ILE A 1 90 ? 9.648   9.562   5.332   1.00 35.12 ? 339  ILE A C   1 
ATOM   730 O  O   . ILE A 1 90 ? 8.999   10.395  4.693   1.00 33.90 ? 339  ILE A O   1 
ATOM   731 C  CB  . ILE A 1 90 ? 8.737   7.477   6.369   1.00 33.04 ? 339  ILE A CB  1 
ATOM   732 C  CG1 . ILE A 1 90 ? 8.508   5.976   6.182   1.00 31.39 ? 339  ILE A CG1 1 
ATOM   733 C  CG2 . ILE A 1 90 ? 7.397   8.176   6.606   1.00 33.22 ? 339  ILE A CG2 1 
ATOM   734 C  CD1 . ILE A 1 90 ? 8.001   5.271   7.433   1.00 30.57 ? 339  ILE A CD1 1 
ATOM   735 N  N   . ASN A 1 91 ? 10.570  9.899   6.231   1.00 37.76 ? 340  ASN A N   1 
ATOM   736 C  CA  . ASN A 1 91 ? 10.860  11.293  6.526   1.00 39.56 ? 340  ASN A CA  1 
ATOM   737 C  C   . ASN A 1 91 ? 11.263  12.062  5.275   1.00 41.31 ? 340  ASN A C   1 
ATOM   738 O  O   . ASN A 1 91 ? 10.910  13.227  5.121   1.00 41.69 ? 340  ASN A O   1 
ATOM   739 C  CB  . ASN A 1 91 ? 11.965  11.405  7.582   1.00 41.23 ? 340  ASN A CB  1 
ATOM   740 C  CG  . ASN A 1 91 ? 11.548  10.837  8.924   1.00 42.31 ? 340  ASN A CG  1 
ATOM   741 O  OD1 . ASN A 1 91 ? 10.359  10.733  9.223   1.00 42.41 ? 340  ASN A OD1 1 
ATOM   742 N  ND2 . ASN A 1 91 ? 12.529  10.480  9.750   1.00 43.58 ? 340  ASN A ND2 1 
ATOM   743 N  N   . ASN A 1 92 ? 11.997  11.413  4.380   1.00 44.02 ? 341  ASN A N   1 
ATOM   744 C  CA  . ASN A 1 92 ? 12.423  12.078  3.158   1.00 48.30 ? 341  ASN A CA  1 
ATOM   745 C  C   . ASN A 1 92 ? 11.267  12.369  2.214   1.00 50.28 ? 341  ASN A C   1 
ATOM   746 O  O   . ASN A 1 92 ? 11.349  13.284  1.395   1.00 50.78 ? 341  ASN A O   1 
ATOM   747 C  CB  . ASN A 1 92 ? 13.482  11.249  2.438   1.00 51.12 ? 341  ASN A CB  1 
ATOM   748 C  CG  . ASN A 1 92 ? 14.878  11.502  2.976   1.00 55.65 ? 341  ASN A CG  1 
ATOM   749 O  OD1 . ASN A 1 92 ? 15.156  11.283  4.159   1.00 57.30 ? 341  ASN A OD1 1 
ATOM   750 N  ND2 . ASN A 1 92 ? 15.766  11.974  2.107   1.00 57.45 ? 341  ASN A ND2 1 
ATOM   751 N  N   . ILE A 1 93 ? 10.195  11.590  2.321   1.00 51.61 ? 342  ILE A N   1 
ATOM   752 C  CA  . ILE A 1 93 ? 9.027   11.797  1.473   1.00 53.81 ? 342  ILE A CA  1 
ATOM   753 C  C   . ILE A 1 93 ? 8.304   13.059  1.941   1.00 56.76 ? 342  ILE A C   1 
ATOM   754 O  O   . ILE A 1 93 ? 7.574   13.693  1.179   1.00 57.87 ? 342  ILE A O   1 
ATOM   755 C  CB  . ILE A 1 93 ? 8.046   10.596  1.549   1.00 51.58 ? 342  ILE A CB  1 
ATOM   756 C  CG1 . ILE A 1 93 ? 8.744   9.306   1.103   1.00 49.71 ? 342  ILE A CG1 1 
ATOM   757 C  CG2 . ILE A 1 93 ? 6.833   10.856  0.666   1.00 50.92 ? 342  ILE A CG2 1 
ATOM   758 C  CD1 . ILE A 1 93 ? 9.208   9.311   -0.335  1.00 47.39 ? 342  ILE A CD1 1 
ATOM   759 N  N   . HIS A 1 94 ? 8.525   13.423  3.200   1.00 60.13 ? 343  HIS A N   1 
ATOM   760 C  CA  . HIS A 1 94 ? 7.905   14.605  3.788   1.00 64.15 ? 343  HIS A CA  1 
ATOM   761 C  C   . HIS A 1 94 ? 8.972   15.648  4.106   1.00 66.61 ? 343  HIS A C   1 
ATOM   762 O  O   . HIS A 1 94 ? 8.871   16.376  5.094   1.00 66.57 ? 343  HIS A O   1 
ATOM   763 C  CB  . HIS A 1 94 ? 7.161   14.221  5.068   1.00 64.38 ? 343  HIS A CB  1 
ATOM   764 C  CG  . HIS A 1 94 ? 6.106   13.181  4.859   1.00 66.30 ? 343  HIS A CG  1 
ATOM   765 N  ND1 . HIS A 1 94 ? 4.770   13.416  5.106   1.00 67.82 ? 343  HIS A ND1 1 
ATOM   766 C  CD2 . HIS A 1 94 ? 6.186   11.907  4.409   1.00 66.23 ? 343  HIS A CD2 1 
ATOM   767 C  CE1 . HIS A 1 94 ? 4.073   12.331  4.815   1.00 66.84 ? 343  HIS A CE1 1 
ATOM   768 N  NE2 . HIS A 1 94 ? 4.909   11.401  4.388   1.00 67.10 ? 343  HIS A NE2 1 
ATOM   769 N  N   . LEU A 1 95 ? 9.993   15.707  3.257   1.00 69.79 ? 344  LEU A N   1 
ATOM   770 C  CA  . LEU A 1 95 ? 11.107  16.639  3.420   1.00 72.52 ? 344  LEU A CA  1 
ATOM   771 C  C   . LEU A 1 95 ? 10.644  18.094  3.486   1.00 74.16 ? 344  LEU A C   1 
ATOM   772 O  O   . LEU A 1 95 ? 9.807   18.525  2.690   1.00 74.81 ? 344  LEU A O   1 
ATOM   773 C  CB  . LEU A 1 95 ? 12.111  16.456  2.272   1.00 72.67 ? 344  LEU A CB  1 
ATOM   774 C  CG  . LEU A 1 95 ? 11.692  16.774  0.828   1.00 73.35 ? 344  LEU A CG  1 
ATOM   775 C  CD1 . LEU A 1 95 ? 12.850  16.432  -0.101  1.00 73.47 ? 344  LEU A CD1 1 
ATOM   776 C  CD2 . LEU A 1 95 ? 10.451  15.985  0.428   1.00 72.90 ? 344  LEU A CD2 1 
ATOM   777 N  N   . THR A 1 96 ? 11.201  18.835  4.443   1.00 75.81 ? 345  THR A N   1 
ATOM   778 C  CA  . THR A 1 96 ? 10.878  20.247  4.669   1.00 76.82 ? 345  THR A CA  1 
ATOM   779 C  C   . THR A 1 96 ? 10.040  20.898  3.572   1.00 77.26 ? 345  THR A C   1 
ATOM   780 O  O   . THR A 1 96 ? 8.877   21.254  3.863   1.00 77.50 ? 345  THR A O   1 
ATOM   781 C  CB  . THR A 1 96 ? 12.164  21.089  4.855   1.00 77.15 ? 345  THR A CB  1 
ATOM   782 O  OG1 . THR A 1 96 ? 11.825  22.482  4.878   1.00 77.34 ? 345  THR A OG1 1 
ATOM   783 C  CG2 . THR A 1 96 ? 13.151  20.822  3.726   1.00 76.93 ? 345  THR A CG2 1 
ATOM   784 O  OXT . THR A 1 96 ? 10.552  21.040  2.441   1.00 77.71 ? 345  THR A OXT 1 
HETATM 785 N  N   . MAA B 2 1  ? -1.582  8.991   -7.114  1.00 40.22 ? 1    MAA B N   1 
HETATM 786 C  CM  . MAA B 2 1  ? -2.289  9.393   -8.331  1.00 40.40 ? 1    MAA B CM  1 
HETATM 787 C  CA  . MAA B 2 1  ? -2.659  8.191   -6.547  1.00 37.84 ? 1    MAA B CA  1 
HETATM 788 C  CB  . MAA B 2 1  ? -2.094  6.946   -5.868  1.00 38.65 ? 1    MAA B CB  1 
HETATM 789 C  C   . MAA B 2 1  ? -3.430  9.023   -5.541  1.00 37.32 ? 1    MAA B C   1 
HETATM 790 O  O   . MAA B 2 1  ? -2.874  9.903   -4.881  1.00 38.26 ? 1    MAA B O   1 
ATOM   791 N  N   . LYS B 2 2  ? -4.720  8.743   -5.429  1.00 35.11 ? 2    LYS B N   1 
ATOM   792 C  CA  . LYS B 2 2  ? -5.566  9.465   -4.498  1.00 32.43 ? 2    LYS B CA  1 
ATOM   793 C  C   . LYS B 2 2  ? -5.963  8.513   -3.379  1.00 30.88 ? 2    LYS B C   1 
ATOM   794 O  O   . LYS B 2 2  ? -6.228  7.330   -3.613  1.00 32.87 ? 2    LYS B O   1 
ATOM   795 C  CB  . LYS B 2 2  ? -6.817  9.982   -5.217  1.00 32.28 ? 2    LYS B CB  1 
ATOM   796 C  CG  . LYS B 2 2  ? -7.668  10.926  -4.388  1.00 31.40 ? 2    LYS B CG  1 
ATOM   797 C  CD  . LYS B 2 2  ? -8.870  11.429  -5.173  1.00 30.47 ? 2    LYS B CD  1 
ATOM   798 C  CE  . LYS B 2 2  ? -9.684  12.404  -4.331  1.00 29.14 ? 2    LYS B CE  1 
ATOM   799 N  NZ  . LYS B 2 2  ? -10.127 11.766  -3.064  1.00 26.54 ? 2    LYS B NZ  1 
ATOM   800 N  N   . PRO B 2 3  ? -5.984  9.007   -2.142  1.00 28.15 ? 3    PRO B N   1 
ATOM   801 C  CA  . PRO B 2 3  ? -6.362  8.161   -1.009  1.00 28.28 ? 3    PRO B CA  1 
ATOM   802 C  C   . PRO B 2 3  ? -7.883  8.087   -0.895  1.00 27.65 ? 3    PRO B C   1 
ATOM   803 O  O   . PRO B 2 3  ? -8.585  8.937   -1.439  1.00 25.54 ? 3    PRO B O   1 
ATOM   804 C  CB  . PRO B 2 3  ? -5.755  8.897   0.173   1.00 28.64 ? 3    PRO B CB  1 
ATOM   805 C  CG  . PRO B 2 3  ? -5.945  10.333  -0.232  1.00 28.10 ? 3    PRO B CG  1 
ATOM   806 C  CD  . PRO B 2 3  ? -5.495  10.318  -1.679  1.00 28.46 ? 3    PRO B CD  1 
ATOM   807 N  N   . PHE B 2 4  ? -8.384  7.075   -0.194  1.00 26.34 ? 4    PHE B N   1 
ATOM   808 C  CA  . PHE B 2 4  ? -9.824  6.937   0.026   1.00 26.97 ? 4    PHE B CA  1 
ATOM   809 C  C   . PHE B 2 4  ? -10.016 6.208   1.346   1.00 26.26 ? 4    PHE B C   1 
ATOM   810 O  O   . PHE B 2 4  ? -9.015  5.591   1.779   1.00 26.91 ? 4    PHE B O   1 
ATOM   811 C  CB  . PHE B 2 4  ? -10.491 6.155   -1.116  1.00 25.13 ? 4    PHE B CB  1 
ATOM   812 C  CG  . PHE B 2 4  ? -10.173 4.691   -1.119  1.00 25.57 ? 4    PHE B CG  1 
ATOM   813 C  CD1 . PHE B 2 4  ? -10.840 3.818   -0.268  1.00 26.42 ? 4    PHE B CD1 1 
ATOM   814 C  CD2 . PHE B 2 4  ? -9.189  4.184   -1.961  1.00 24.55 ? 4    PHE B CD2 1 
ATOM   815 C  CE1 . PHE B 2 4  ? -10.529 2.460   -0.258  1.00 25.24 ? 4    PHE B CE1 1 
ATOM   816 C  CE2 . PHE B 2 4  ? -8.874  2.828   -1.957  1.00 24.73 ? 4    PHE B CE2 1 
ATOM   817 C  CZ  . PHE B 2 4  ? -9.541  1.967   -1.107  1.00 25.66 ? 4    PHE B CZ  1 
HETATM 818 O  OXT . 15P C 3 .  ? -1.117  15.594  1.360   1.00 62.84 ? 1346 15P A OXT 1 
HETATM 819 C  C1  . 15P C 3 .  ? 0.126   14.902  1.537   1.00 67.26 ? 1346 15P A C1  1 
HETATM 820 C  C2  . 15P C 3 .  ? -0.051  13.776  2.562   1.00 68.26 ? 1346 15P A C2  1 
HETATM 821 O  O1  . 15P C 3 .  ? 0.389   14.218  3.850   1.00 70.38 ? 1346 15P A O1  1 
HETATM 822 C  C3  . 15P C 3 .  ? 0.195   13.125  4.753   1.00 70.06 ? 1346 15P A C3  1 
HETATM 823 ZN ZN  . ZN  D 4 .  ? 0.178   0.607   5.308   1.00 24.70 ? 1347 ZN  A ZN  1 
HETATM 824 O  O   . HOH E 5 .  ? -9.537  -11.267 -4.600  1.00 37.14 ? 2001 HOH A O   1 
HETATM 825 O  O   . HOH E 5 .  ? -3.677  3.881   15.352  1.00 44.84 ? 2002 HOH A O   1 
HETATM 826 O  O   . HOH E 5 .  ? 0.497   0.615   11.470  1.00 34.63 ? 2003 HOH A O   1 
HETATM 827 O  O   . HOH E 5 .  ? 3.074   0.865   17.306  1.00 64.34 ? 2004 HOH A O   1 
HETATM 828 O  O   . HOH E 5 .  ? 1.352   -1.055  18.780  1.00 54.90 ? 2005 HOH A O   1 
HETATM 829 O  O   . HOH E 5 .  ? -1.835  -13.132 9.710   1.00 47.10 ? 2006 HOH A O   1 
HETATM 830 O  O   . HOH E 5 .  ? -2.650  -13.772 4.447   1.00 49.45 ? 2007 HOH A O   1 
HETATM 831 O  O   . HOH E 5 .  ? -6.206  -14.803 3.214   1.00 45.04 ? 2008 HOH A O   1 
HETATM 832 O  O   . HOH E 5 .  ? -8.251  -11.491 9.236   1.00 47.82 ? 2009 HOH A O   1 
HETATM 833 O  O   . HOH E 5 .  ? 4.102   -9.523  3.666   1.00 36.33 ? 2010 HOH A O   1 
HETATM 834 O  O   . HOH E 5 .  ? 3.462   -9.785  6.559   1.00 41.33 ? 2011 HOH A O   1 
HETATM 835 O  O   . HOH E 5 .  ? 4.690   -12.362 3.242   1.00 40.70 ? 2012 HOH A O   1 
HETATM 836 O  O   . HOH E 5 .  ? 3.293   -15.331 1.368   1.00 49.93 ? 2013 HOH A O   1 
HETATM 837 O  O   . HOH E 5 .  ? -0.956  -16.264 -4.976  1.00 46.87 ? 2014 HOH A O   1 
HETATM 838 O  O   . HOH E 5 .  ? -6.206  -13.756 -1.161  1.00 38.86 ? 2015 HOH A O   1 
HETATM 839 O  O   . HOH E 5 .  ? -5.744  -14.892 -8.956  1.00 47.09 ? 2016 HOH A O   1 
HETATM 840 O  O   . HOH E 5 .  ? -9.674  -8.330  -6.966  1.00 38.38 ? 2017 HOH A O   1 
HETATM 841 O  O   . HOH E 5 .  ? -8.668  -5.277  -12.965 1.00 46.96 ? 2018 HOH A O   1 
HETATM 842 O  O   . HOH E 5 .  ? -7.746  -8.607  -9.903  1.00 36.98 ? 2019 HOH A O   1 
HETATM 843 O  O   . HOH E 5 .  ? -2.340  -5.585  -15.975 1.00 42.14 ? 2020 HOH A O   1 
HETATM 844 O  O   . HOH E 5 .  ? -11.119 -3.078  -13.007 1.00 36.23 ? 2021 HOH A O   1 
HETATM 845 O  O   . HOH E 5 .  ? 0.256   -3.786  -14.322 1.00 53.43 ? 2022 HOH A O   1 
HETATM 846 O  O   . HOH E 5 .  ? -3.981  2.009   -16.242 1.00 31.77 ? 2023 HOH A O   1 
HETATM 847 O  O   . HOH E 5 .  ? -1.940  -12.674 -9.424  1.00 47.00 ? 2024 HOH A O   1 
HETATM 848 O  O   . HOH E 5 .  ? 0.980   -6.262  -12.912 1.00 48.14 ? 2025 HOH A O   1 
HETATM 849 O  O   . HOH E 5 .  ? 6.937   -2.090  -4.137  1.00 28.14 ? 2026 HOH A O   1 
HETATM 850 O  O   . HOH E 5 .  ? 9.652   -3.663  -3.415  1.00 45.88 ? 2027 HOH A O   1 
HETATM 851 O  O   . HOH E 5 .  ? -6.754  -3.339  5.155   1.00 24.81 ? 2028 HOH A O   1 
HETATM 852 O  O   . HOH E 5 .  ? -10.697 -4.865  3.435   1.00 32.50 ? 2029 HOH A O   1 
HETATM 853 O  O   . HOH E 5 .  ? -10.259 -8.497  -4.703  1.00 30.82 ? 2030 HOH A O   1 
HETATM 854 O  O   . HOH E 5 .  ? -12.950 -8.944  -4.251  1.00 47.73 ? 2031 HOH A O   1 
HETATM 855 O  O   . HOH E 5 .  ? -15.024 -4.998  -2.985  1.00 63.82 ? 2032 HOH A O   1 
HETATM 856 O  O   . HOH E 5 .  ? -10.899 -4.262  -10.210 1.00 45.39 ? 2033 HOH A O   1 
HETATM 857 O  O   . HOH E 5 .  ? -14.309 -2.748  -11.272 1.00 41.38 ? 2034 HOH A O   1 
HETATM 858 O  O   . HOH E 5 .  ? -8.928  4.952   -11.725 1.00 51.88 ? 2035 HOH A O   1 
HETATM 859 O  O   . HOH E 5 .  ? -9.601  -2.920  -6.878  1.00 23.49 ? 2036 HOH A O   1 
HETATM 860 O  O   . HOH E 5 .  ? -8.871  -2.067  6.935   1.00 42.68 ? 2037 HOH A O   1 
HETATM 861 O  O   . HOH E 5 .  ? -12.218 -2.844  3.459   1.00 49.00 ? 2038 HOH A O   1 
HETATM 862 O  O   . HOH E 5 .  ? 5.188   -4.577  12.017  1.00 56.83 ? 2039 HOH A O   1 
HETATM 863 O  O   . HOH E 5 .  ? 2.633   7.950   -14.243 1.00 57.89 ? 2040 HOH A O   1 
HETATM 864 O  O   . HOH E 5 .  ? 4.324   0.845   -11.456 1.00 50.55 ? 2041 HOH A O   1 
HETATM 865 O  O   . HOH E 5 .  ? 5.216   7.648   -7.265  1.00 35.77 ? 2042 HOH A O   1 
HETATM 866 O  O   . HOH E 5 .  ? 7.041   0.227   -5.130  1.00 32.37 ? 2043 HOH A O   1 
HETATM 867 O  O   . HOH E 5 .  ? -0.318  11.294  -4.614  1.00 51.97 ? 2044 HOH A O   1 
HETATM 868 O  O   . HOH E 5 .  ? 5.555   4.374   10.146  1.00 43.79 ? 2045 HOH A O   1 
HETATM 869 O  O   . HOH E 5 .  ? 6.621   8.049   10.230  1.00 38.17 ? 2046 HOH A O   1 
HETATM 870 O  O   . HOH E 5 .  ? -0.201  7.484   8.788   1.00 35.17 ? 2047 HOH A O   1 
HETATM 871 O  O   . HOH E 5 .  ? 10.542  -8.591  6.323   1.00 41.02 ? 2048 HOH A O   1 
HETATM 872 O  O   . HOH E 5 .  ? 14.371  0.571   0.576   1.00 45.51 ? 2049 HOH A O   1 
HETATM 873 O  O   . HOH E 5 .  ? 14.777  4.332   5.194   1.00 25.98 ? 2050 HOH A O   1 
HETATM 874 O  O   . HOH E 5 .  ? 11.234  5.271   13.923  1.00 45.19 ? 2051 HOH A O   1 
HETATM 875 O  O   . HOH E 5 .  ? 18.977  8.804   4.171   1.00 49.22 ? 2052 HOH A O   1 
HETATM 876 O  O   . HOH E 5 .  ? 18.622  8.163   10.134  1.00 38.66 ? 2053 HOH A O   1 
HETATM 877 O  O   . HOH E 5 .  ? 10.212  4.201   -3.749  1.00 46.55 ? 2054 HOH A O   1 
HETATM 878 O  O   . HOH E 5 .  ? 15.611  11.180  8.557   1.00 44.37 ? 2055 HOH A O   1 
HETATM 879 O  O   . HOH E 5 .  ? -4.455  -12.726 13.809  1.00 50.68 ? 2056 HOH A O   1 
HETATM 880 O  O   . HOH E 5 .  ? 3.902   15.623  4.440   1.00 45.23 ? 2057 HOH A O   1 
HETATM 881 O  O   . HOH E 5 .  ? -9.142  -6.211  -9.802  1.00 36.92 ? 2058 HOH A O   1 
HETATM 882 O  O   . HOH F 5 .  ? -10.717 9.220   -3.361  1.00 35.57 ? 2001 HOH B O   1 
HETATM 883 O  O   . HOH F 5 .  ? -8.982  3.137   3.190   1.00 35.86 ? 2002 HOH B O   1 
# 
